data_7BSX
#
_entry.id   7BSX
#
_cell.length_a   116.420
_cell.length_b   116.040
_cell.length_c   134.760
_cell.angle_alpha   90.000
_cell.angle_beta   90.040
_cell.angle_gamma   90.000
#
_symmetry.space_group_name_H-M   'P 1 21 1'
#
loop_
_entity.id
_entity.type
_entity.pdbx_description
1 polymer 'Short chain dehydrogenase'
2 non-polymer 'NADP NICOTINAMIDE-ADENINE-DINUCLEOTIDE PHOSPHATE'
3 water water
#
_entity_poly.entity_id   1
_entity_poly.type   'polypeptide(L)'
_entity_poly.pdbx_seq_one_letter_code
;MGSSHHHHHHSSGLVPRGSHMERTPDTPAPDLRGKIALVAGATRGAGRAIAVQLGAAGATVYVTGRTTRERRSEYNRSET
IEETAELVTEAGGTGIAVPTDHLVPEQVRALADRVDTEQGRLDVLVNDVWGGERLFEFDKKVWEHDLDAGLRLMRLGVDT
HAISSHFLLPLLVRRPGGLVVEMTDGTAAYNGSHYRNSYFYDLVKNSVLRMGYVLAHELEPYGGTAVTLTPGWMRSEMML
ETLGVTEENWRDALTEVPHFCISESPSYVGRAVAALAGDADVARWNGQSVSSGQLAQEYGFTDLDGSRPDCWRYLVEVQE
AGKPADPSGYR
;
_entity_poly.pdbx_strand_id   A,B,C,D,E,F,G,H
#
# COMPACT_ATOMS: atom_id res chain seq x y z
N THR A 27 5.63 0.05 -11.59
CA THR A 27 6.14 -0.39 -10.30
C THR A 27 4.97 -0.53 -9.29
N PRO A 28 5.00 -1.60 -8.49
CA PRO A 28 3.91 -1.81 -7.53
C PRO A 28 3.97 -0.83 -6.36
N ALA A 29 2.80 -0.56 -5.79
CA ALA A 29 2.68 0.43 -4.74
C ALA A 29 3.31 -0.06 -3.44
N PRO A 30 3.98 0.81 -2.68
CA PRO A 30 4.55 0.40 -1.39
C PRO A 30 3.45 -0.09 -0.46
N ASP A 31 3.80 -1.04 0.39
CA ASP A 31 2.87 -1.57 1.39
C ASP A 31 3.29 -1.04 2.76
N LEU A 32 2.51 -0.09 3.28
CA LEU A 32 2.81 0.55 4.55
C LEU A 32 1.82 0.15 5.64
N ARG A 33 1.13 -0.98 5.45
CA ARG A 33 0.27 -1.50 6.50
C ARG A 33 1.09 -1.66 7.76
N GLY A 34 0.53 -1.25 8.89
CA GLY A 34 1.23 -1.31 10.17
C GLY A 34 2.16 -0.14 10.47
N LYS A 35 2.44 0.74 9.51
CA LYS A 35 3.29 1.88 9.77
C LYS A 35 2.50 3.02 10.39
N ILE A 36 3.17 3.77 11.27
CA ILE A 36 2.60 4.98 11.87
C ILE A 36 3.35 6.17 11.27
N ALA A 37 2.61 7.08 10.67
CA ALA A 37 3.20 8.28 10.09
C ALA A 37 2.50 9.50 10.66
N LEU A 38 3.21 10.63 10.62
CA LEU A 38 2.65 11.92 10.99
C LEU A 38 3.09 12.95 9.95
N VAL A 39 2.13 13.66 9.37
CA VAL A 39 2.42 14.75 8.45
C VAL A 39 2.07 16.03 9.18
N ALA A 40 3.10 16.79 9.57
CA ALA A 40 2.92 18.08 10.24
C ALA A 40 2.62 19.12 9.17
N GLY A 41 1.43 19.70 9.23
CA GLY A 41 0.96 20.64 8.22
C GLY A 41 0.35 19.92 7.03
N ALA A 42 -0.84 19.35 7.21
CA ALA A 42 -1.43 18.46 6.20
C ALA A 42 -2.83 18.89 5.78
N THR A 43 -3.18 20.15 6.00
CA THR A 43 -4.52 20.61 5.66
C THR A 43 -4.77 20.63 4.16
N ARG A 44 -3.75 20.95 3.37
CA ARG A 44 -3.92 21.14 1.94
C ARG A 44 -2.55 20.97 1.29
N GLY A 45 -2.50 21.19 -0.03
CA GLY A 45 -1.25 21.20 -0.76
C GLY A 45 -0.51 19.88 -0.66
N ALA A 46 0.83 19.97 -0.62
CA ALA A 46 1.65 18.77 -0.53
C ALA A 46 1.34 18.00 0.75
N GLY A 47 1.12 18.73 1.84
CA GLY A 47 0.88 18.06 3.12
C GLY A 47 -0.30 17.12 3.06
N ARG A 48 -1.44 17.62 2.57
CA ARG A 48 -2.60 16.75 2.41
C ARG A 48 -2.28 15.57 1.50
N ALA A 49 -1.68 15.84 0.34
CA ALA A 49 -1.49 14.77 -0.63
C ALA A 49 -0.48 13.75 -0.13
N ILE A 50 0.53 14.19 0.62
CA ILE A 50 1.46 13.23 1.23
C ILE A 50 0.72 12.33 2.20
N ALA A 51 -0.14 12.91 3.03
CA ALA A 51 -0.91 12.12 3.98
C ALA A 51 -1.80 11.11 3.26
N VAL A 52 -2.48 11.55 2.20
CA VAL A 52 -3.40 10.66 1.49
C VAL A 52 -2.63 9.53 0.79
N GLN A 53 -1.48 9.83 0.17
CA GLN A 53 -0.72 8.78 -0.49
C GLN A 53 -0.12 7.79 0.51
N LEU A 54 0.24 8.24 1.71
CA LEU A 54 0.62 7.32 2.77
C LEU A 54 -0.58 6.47 3.20
N GLY A 55 -1.76 7.09 3.30
CA GLY A 55 -2.95 6.31 3.57
C GLY A 55 -3.28 5.31 2.47
N ALA A 56 -3.08 5.70 1.20
CA ALA A 56 -3.36 4.78 0.11
C ALA A 56 -2.44 3.55 0.18
N ALA A 57 -1.24 3.71 0.74
CA ALA A 57 -0.35 2.57 0.94
C ALA A 57 -0.67 1.79 2.22
N GLY A 58 -1.68 2.21 2.97
CA GLY A 58 -2.16 1.47 4.12
C GLY A 58 -1.74 2.00 5.47
N ALA A 59 -1.06 3.15 5.53
CA ALA A 59 -0.51 3.60 6.80
C ALA A 59 -1.59 4.23 7.68
N THR A 60 -1.34 4.24 8.98
CA THR A 60 -2.04 5.15 9.86
C THR A 60 -1.32 6.50 9.84
N VAL A 61 -2.05 7.60 9.61
CA VAL A 61 -1.41 8.91 9.41
C VAL A 61 -2.05 9.92 10.35
N TYR A 62 -1.27 10.43 11.31
CA TYR A 62 -1.64 11.62 12.05
C TYR A 62 -1.43 12.83 11.16
N VAL A 63 -2.44 13.69 11.06
CA VAL A 63 -2.39 14.85 10.19
C VAL A 63 -2.69 16.09 11.03
N THR A 64 -1.84 17.09 10.95
CA THR A 64 -1.98 18.27 11.80
C THR A 64 -2.09 19.54 10.95
N GLY A 65 -2.73 20.54 11.52
CA GLY A 65 -2.94 21.81 10.85
C GLY A 65 -3.80 22.66 11.75
N ARG A 66 -3.91 23.94 11.38
CA ARG A 66 -4.69 24.87 12.19
C ARG A 66 -6.14 24.97 11.74
N THR A 67 -6.43 24.78 10.46
CA THR A 67 -7.79 24.98 9.95
C THR A 67 -8.66 23.81 10.35
N THR A 68 -9.70 24.07 11.15
CA THR A 68 -10.73 23.09 11.50
C THR A 68 -12.07 23.50 10.91
N ARG A 69 -13.06 22.64 11.13
CA ARG A 69 -14.40 22.94 10.63
C ARG A 69 -15.05 24.12 11.34
N GLU A 70 -14.58 24.49 12.53
CA GLU A 70 -15.11 25.64 13.25
C GLU A 70 -14.32 26.94 13.02
N ARG A 71 -12.99 26.87 12.86
CA ARG A 71 -12.21 28.10 12.77
C ARG A 71 -11.24 28.02 11.60
N ARG A 72 -11.21 29.08 10.80
CA ARG A 72 -10.22 29.21 9.74
C ARG A 72 -8.88 29.65 10.31
N SER A 73 -7.83 29.38 9.55
CA SER A 73 -6.48 29.70 9.96
C SER A 73 -6.02 30.99 9.30
N GLU A 74 -4.80 31.40 9.65
CA GLU A 74 -4.11 32.53 9.04
C GLU A 74 -4.16 32.49 7.51
N TYR A 75 -4.21 31.29 6.92
CA TYR A 75 -4.31 31.16 5.47
C TYR A 75 -5.66 31.62 4.93
N ASN A 76 -6.71 31.56 5.76
CA ASN A 76 -8.08 31.92 5.36
C ASN A 76 -8.54 31.13 4.12
N ARG A 77 -8.47 29.81 4.21
CA ARG A 77 -8.92 28.90 3.16
C ARG A 77 -9.88 27.89 3.76
N SER A 78 -10.59 27.17 2.87
CA SER A 78 -11.70 26.32 3.28
C SER A 78 -11.32 24.84 3.49
N GLU A 79 -10.18 24.37 2.98
CA GLU A 79 -9.76 23.00 3.32
C GLU A 79 -9.50 22.88 4.82
N THR A 80 -9.94 21.76 5.41
CA THR A 80 -9.81 21.56 6.84
C THR A 80 -8.97 20.31 7.13
N ILE A 81 -8.39 20.28 8.33
CA ILE A 81 -7.55 19.13 8.70
C ILE A 81 -8.41 17.90 8.92
N GLU A 82 -9.67 18.06 9.35
CA GLU A 82 -10.54 16.90 9.47
C GLU A 82 -10.80 16.28 8.11
N GLU A 83 -10.95 17.12 7.09
CA GLU A 83 -11.17 16.63 5.74
C GLU A 83 -9.98 15.81 5.26
N THR A 84 -8.76 16.26 5.57
CA THR A 84 -7.59 15.47 5.21
C THR A 84 -7.64 14.09 5.86
N ALA A 85 -7.95 14.04 7.16
CA ALA A 85 -7.98 12.77 7.86
C ALA A 85 -9.00 11.83 7.22
N GLU A 86 -10.16 12.36 6.85
CA GLU A 86 -11.16 11.52 6.19
C GLU A 86 -10.66 11.02 4.84
N LEU A 87 -9.93 11.86 4.10
CA LEU A 87 -9.39 11.42 2.81
C LEU A 87 -8.33 10.34 2.99
N VAL A 88 -7.55 10.42 4.08
CA VAL A 88 -6.57 9.38 4.36
C VAL A 88 -7.28 8.05 4.58
N THR A 89 -8.36 8.08 5.36
CA THR A 89 -9.13 6.87 5.63
C THR A 89 -9.79 6.33 4.36
N GLU A 90 -10.44 7.20 3.58
CA GLU A 90 -11.04 6.77 2.32
C GLU A 90 -10.01 6.12 1.41
N ALA A 91 -8.78 6.63 1.39
CA ALA A 91 -7.77 6.10 0.48
C ALA A 91 -7.31 4.70 0.86
N GLY A 92 -7.64 4.24 2.07
CA GLY A 92 -7.27 2.89 2.48
C GLY A 92 -6.41 2.84 3.72
N GLY A 93 -6.22 3.98 4.39
CA GLY A 93 -5.44 3.98 5.61
C GLY A 93 -6.30 4.39 6.78
N THR A 94 -5.70 4.97 7.82
CA THR A 94 -6.44 5.56 8.93
C THR A 94 -5.88 6.95 9.17
N GLY A 95 -6.69 7.97 8.95
CA GLY A 95 -6.30 9.35 9.25
C GLY A 95 -6.82 9.79 10.60
N ILE A 96 -5.92 10.35 11.42
CA ILE A 96 -6.27 10.90 12.74
C ILE A 96 -5.90 12.38 12.72
N ALA A 97 -6.92 13.24 12.72
CA ALA A 97 -6.69 14.69 12.70
C ALA A 97 -6.39 15.19 14.10
N VAL A 98 -5.29 15.94 14.25
CA VAL A 98 -4.99 16.59 15.52
C VAL A 98 -4.77 18.07 15.24
N PRO A 99 -5.79 18.91 15.38
CA PRO A 99 -5.58 20.34 15.19
C PRO A 99 -4.46 20.81 16.10
N THR A 100 -3.48 21.50 15.52
CA THR A 100 -2.24 21.84 16.18
C THR A 100 -1.71 23.12 15.57
N ASP A 101 -1.29 24.07 16.40
CA ASP A 101 -0.46 25.18 15.95
C ASP A 101 0.99 24.81 16.20
N HIS A 102 1.73 24.55 15.11
CA HIS A 102 3.10 24.08 15.27
C HIS A 102 4.08 25.15 15.74
N LEU A 103 3.64 26.38 15.93
CA LEU A 103 4.46 27.36 16.62
C LEU A 103 4.27 27.32 18.13
N VAL A 104 3.38 26.48 18.65
CA VAL A 104 3.10 26.46 20.08
C VAL A 104 3.66 25.19 20.69
N PRO A 105 4.81 25.28 21.40
CA PRO A 105 5.48 24.06 21.88
C PRO A 105 4.59 23.14 22.70
N GLU A 106 3.75 23.71 23.57
CA GLU A 106 2.88 22.91 24.41
C GLU A 106 1.93 22.03 23.59
N GLN A 107 1.41 22.57 22.48
CA GLN A 107 0.55 21.77 21.60
C GLN A 107 1.34 20.70 20.88
N VAL A 108 2.60 20.98 20.52
CA VAL A 108 3.38 19.97 19.82
C VAL A 108 3.86 18.89 20.79
N ARG A 109 4.15 19.27 22.03
CA ARG A 109 4.46 18.27 23.05
C ARG A 109 3.28 17.32 23.25
N ALA A 110 2.07 17.85 23.33
CA ALA A 110 0.88 17.03 23.52
C ALA A 110 0.67 16.11 22.32
N LEU A 111 0.92 16.63 21.13
CA LEU A 111 0.81 15.81 19.93
C LEU A 111 1.74 14.61 20.03
N ALA A 112 2.99 14.83 20.42
CA ALA A 112 3.93 13.72 20.56
C ALA A 112 3.48 12.73 21.62
N ASP A 113 2.98 13.24 22.76
CA ASP A 113 2.46 12.37 23.80
C ASP A 113 1.30 11.53 23.29
N ARG A 114 0.42 12.14 22.48
CA ARG A 114 -0.72 11.40 21.98
C ARG A 114 -0.27 10.23 21.11
N VAL A 115 0.68 10.47 20.19
CA VAL A 115 1.12 9.39 19.31
C VAL A 115 1.75 8.27 20.14
N ASP A 116 2.54 8.62 21.13
CA ASP A 116 3.10 7.60 22.03
C ASP A 116 1.99 6.83 22.74
N THR A 117 0.99 7.55 23.25
CA THR A 117 -0.11 6.91 23.96
C THR A 117 -0.87 5.95 23.06
N GLU A 118 -1.22 6.37 21.85
CA GLU A 118 -2.09 5.57 21.01
C GLU A 118 -1.35 4.48 20.25
N GLN A 119 -0.07 4.70 19.91
CA GLN A 119 0.61 3.78 19.01
C GLN A 119 1.90 3.23 19.58
N GLY A 120 2.55 3.99 20.48
CA GLY A 120 3.84 3.55 21.00
C GLY A 120 4.98 3.54 20.01
N ARG A 121 4.79 4.15 18.84
CA ARG A 121 5.81 4.15 17.80
C ARG A 121 5.51 5.26 16.81
N LEU A 122 6.54 5.64 16.08
CA LEU A 122 6.38 6.60 14.98
C LEU A 122 7.42 6.22 13.92
N ASP A 123 6.96 5.83 12.74
CA ASP A 123 7.88 5.33 11.73
C ASP A 123 8.34 6.41 10.77
N VAL A 124 7.46 7.38 10.46
CA VAL A 124 7.69 8.36 9.40
C VAL A 124 7.19 9.70 9.91
N LEU A 125 8.06 10.72 9.89
CA LEU A 125 7.69 12.09 10.24
C LEU A 125 7.91 12.95 9.01
N VAL A 126 6.87 13.66 8.57
CA VAL A 126 6.97 14.54 7.42
C VAL A 126 6.77 15.96 7.92
N ASN A 127 7.83 16.77 7.89
CA ASN A 127 7.75 18.17 8.33
C ASN A 127 7.40 18.98 7.08
N ASP A 128 6.11 19.16 6.88
CA ASP A 128 5.63 19.82 5.69
C ASP A 128 5.30 21.28 5.89
N VAL A 129 5.03 21.70 7.13
CA VAL A 129 4.56 23.04 7.48
C VAL A 129 5.30 24.14 6.72
N TRP A 130 4.55 24.94 5.97
CA TRP A 130 5.11 26.09 5.27
C TRP A 130 4.29 27.32 5.63
N GLY A 131 3.07 27.42 5.09
CA GLY A 131 2.21 28.51 5.46
C GLY A 131 2.62 29.87 4.94
N GLY A 132 3.61 29.95 4.06
CA GLY A 132 4.14 31.22 3.63
C GLY A 132 3.72 31.68 2.25
N GLU A 133 2.80 30.97 1.59
CA GLU A 133 2.50 31.24 0.18
C GLU A 133 1.98 32.65 -0.05
N ARG A 134 1.28 33.23 0.93
CA ARG A 134 0.71 34.55 0.78
C ARG A 134 1.59 35.65 1.34
N LEU A 135 2.73 35.29 1.93
CA LEU A 135 3.56 36.25 2.62
C LEU A 135 4.79 36.65 1.84
N PHE A 136 5.34 35.77 1.00
CA PHE A 136 6.55 36.19 0.28
C PHE A 136 6.15 37.06 -0.89
N GLU A 137 7.09 37.90 -1.31
CA GLU A 137 6.85 38.82 -2.43
C GLU A 137 7.86 38.51 -3.52
N PHE A 138 7.36 38.18 -4.70
CA PHE A 138 8.22 37.79 -5.78
C PHE A 138 8.95 39.02 -6.34
N ASP A 139 10.28 38.97 -6.34
CA ASP A 139 11.10 39.93 -7.07
C ASP A 139 11.11 41.30 -6.37
N LYS A 140 11.15 41.27 -5.06
CA LYS A 140 11.37 42.44 -4.22
C LYS A 140 12.69 42.23 -3.50
N LYS A 141 13.53 43.26 -3.46
CA LYS A 141 14.76 43.19 -2.68
C LYS A 141 14.41 43.17 -1.20
N VAL A 142 15.41 42.84 -0.36
CA VAL A 142 15.10 42.66 1.07
C VAL A 142 14.62 43.96 1.68
N TRP A 143 15.07 45.11 1.17
CA TRP A 143 14.62 46.39 1.69
C TRP A 143 13.28 46.84 1.12
N GLU A 144 12.79 46.21 0.04
CA GLU A 144 11.46 46.50 -0.50
C GLU A 144 10.39 45.58 0.06
N HIS A 145 10.76 44.33 0.31
CA HIS A 145 9.86 43.35 0.87
C HIS A 145 9.27 43.86 2.19
N ASP A 146 7.99 43.61 2.40
CA ASP A 146 7.41 43.90 3.72
C ASP A 146 8.14 43.11 4.79
N LEU A 147 8.58 43.81 5.84
CA LEU A 147 9.46 43.18 6.82
C LEU A 147 8.68 42.24 7.73
N ASP A 148 7.54 42.70 8.25
CA ASP A 148 6.75 41.85 9.14
C ASP A 148 6.38 40.54 8.46
N ALA A 149 5.94 40.61 7.21
CA ALA A 149 5.61 39.41 6.46
C ALA A 149 6.83 38.53 6.28
N GLY A 150 7.99 39.13 5.98
CA GLY A 150 9.21 38.36 5.83
C GLY A 150 9.60 37.64 7.10
N LEU A 151 9.55 38.35 8.23
CA LEU A 151 9.87 37.72 9.51
C LEU A 151 8.85 36.63 9.85
N ARG A 152 7.58 36.87 9.52
CA ARG A 152 6.54 35.88 9.81
C ARG A 152 6.74 34.60 9.03
N LEU A 153 7.02 34.69 7.73
CA LEU A 153 7.17 33.48 6.95
C LEU A 153 8.41 32.69 7.37
N MET A 154 9.46 33.37 7.82
CA MET A 154 10.62 32.61 8.31
C MET A 154 10.27 31.90 9.60
N ARG A 155 9.48 32.53 10.46
CA ARG A 155 9.09 31.86 11.69
C ARG A 155 8.23 30.64 11.38
N LEU A 156 7.25 30.79 10.48
CA LEU A 156 6.38 29.69 10.09
C LEU A 156 7.14 28.59 9.37
N GLY A 157 8.10 28.96 8.53
CA GLY A 157 8.78 27.99 7.69
C GLY A 157 9.92 27.24 8.36
N VAL A 158 10.51 27.80 9.42
CA VAL A 158 11.69 27.23 10.07
C VAL A 158 11.36 26.73 11.48
N ASP A 159 10.81 27.62 12.32
CA ASP A 159 10.60 27.27 13.71
C ASP A 159 9.64 26.11 13.87
N THR A 160 8.63 26.01 13.00
CA THR A 160 7.69 24.91 13.12
C THR A 160 8.40 23.57 12.94
N HIS A 161 9.38 23.51 12.03
CA HIS A 161 10.11 22.26 11.83
C HIS A 161 11.00 21.95 13.02
N ALA A 162 11.66 22.98 13.58
CA ALA A 162 12.51 22.78 14.75
C ALA A 162 11.70 22.26 15.94
N ILE A 163 10.55 22.87 16.20
CA ILE A 163 9.69 22.45 17.30
C ILE A 163 9.20 21.02 17.08
N SER A 164 8.78 20.71 15.85
CA SER A 164 8.29 19.38 15.53
C SER A 164 9.36 18.31 15.76
N SER A 165 10.57 18.53 15.22
CA SER A 165 11.64 17.58 15.43
C SER A 165 11.99 17.45 16.90
N HIS A 166 12.02 18.58 17.62
CA HIS A 166 12.36 18.56 19.05
C HIS A 166 11.46 17.61 19.83
N PHE A 167 10.16 17.61 19.53
CA PHE A 167 9.22 16.84 20.35
C PHE A 167 8.91 15.46 19.81
N LEU A 168 8.99 15.26 18.49
CA LEU A 168 8.57 14.02 17.88
C LEU A 168 9.70 13.05 17.59
N LEU A 169 10.94 13.53 17.48
CA LEU A 169 12.01 12.60 17.17
C LEU A 169 12.30 11.57 18.26
N PRO A 170 12.15 11.88 19.57
CA PRO A 170 12.42 10.83 20.58
C PRO A 170 11.65 9.55 20.33
N LEU A 171 10.35 9.66 20.04
CA LEU A 171 9.58 8.48 19.70
C LEU A 171 10.14 7.82 18.44
N LEU A 172 10.55 8.63 17.47
CA LEU A 172 10.98 8.07 16.20
C LEU A 172 12.31 7.31 16.34
N VAL A 173 13.20 7.75 17.23
CA VAL A 173 14.50 7.08 17.36
C VAL A 173 14.46 5.97 18.40
N ARG A 174 13.27 5.68 18.94
CA ARG A 174 13.15 4.62 19.92
C ARG A 174 13.58 3.26 19.37
N ARG A 175 13.41 3.04 18.07
CA ARG A 175 13.91 1.85 17.43
C ARG A 175 14.48 2.24 16.07
N PRO A 176 15.38 1.42 15.51
CA PRO A 176 15.93 1.74 14.20
C PRO A 176 14.87 1.67 13.11
N GLY A 177 15.18 2.35 11.99
CA GLY A 177 14.31 2.37 10.83
C GLY A 177 13.42 3.59 10.69
N GLY A 178 13.50 4.57 11.59
CA GLY A 178 12.68 5.75 11.44
C GLY A 178 13.08 6.57 10.22
N LEU A 179 12.12 7.37 9.72
CA LEU A 179 12.36 8.21 8.55
C LEU A 179 11.77 9.59 8.79
N VAL A 180 12.58 10.63 8.58
CA VAL A 180 12.09 12.02 8.63
C VAL A 180 12.23 12.62 7.24
N VAL A 181 11.16 13.25 6.76
CA VAL A 181 11.19 13.96 5.48
C VAL A 181 10.96 15.45 5.72
N GLU A 182 11.98 16.27 5.40
CA GLU A 182 11.87 17.72 5.45
C GLU A 182 11.44 18.23 4.09
N MET A 183 10.34 18.98 4.04
CA MET A 183 9.76 19.45 2.77
C MET A 183 10.25 20.86 2.46
N THR A 184 10.84 21.04 1.29
CA THR A 184 11.33 22.36 0.90
C THR A 184 10.96 22.60 -0.56
N ASP A 185 11.49 23.69 -1.11
CA ASP A 185 11.32 24.05 -2.50
C ASP A 185 12.71 24.13 -3.12
N GLY A 186 12.99 23.25 -4.06
CA GLY A 186 14.27 23.18 -4.75
C GLY A 186 15.17 22.06 -4.22
N THR A 187 16.11 21.67 -5.06
CA THR A 187 17.16 20.75 -4.65
C THR A 187 18.37 21.55 -4.20
N ALA A 188 19.26 20.88 -3.48
CA ALA A 188 20.52 21.52 -3.12
C ALA A 188 21.27 21.98 -4.36
N ALA A 189 21.26 21.17 -5.43
CA ALA A 189 21.97 21.54 -6.66
C ALA A 189 21.35 22.77 -7.30
N TYR A 190 20.02 22.81 -7.41
CA TYR A 190 19.38 23.97 -8.02
C TYR A 190 19.54 25.20 -7.13
N ASN A 191 19.21 25.09 -5.84
CA ASN A 191 19.24 26.27 -4.99
C ASN A 191 20.66 26.78 -4.81
N GLY A 192 21.66 25.89 -4.85
CA GLY A 192 23.04 26.33 -4.75
C GLY A 192 23.45 27.30 -5.83
N SER A 193 22.75 27.31 -6.97
CA SER A 193 23.11 28.21 -8.05
C SER A 193 21.96 29.14 -8.46
N HIS A 194 20.89 29.21 -7.67
CA HIS A 194 19.76 30.07 -8.00
C HIS A 194 19.28 30.82 -6.77
N TYR A 195 19.20 32.14 -6.90
CA TYR A 195 18.43 32.94 -5.96
C TYR A 195 16.95 32.56 -6.06
N ARG A 196 16.30 32.27 -4.93
CA ARG A 196 14.94 31.73 -4.95
C ARG A 196 13.93 32.78 -4.51
N ASN A 197 13.33 33.47 -5.48
CA ASN A 197 12.18 34.38 -5.31
C ASN A 197 12.50 35.69 -4.60
N SER A 198 12.93 35.62 -3.34
CA SER A 198 13.23 36.81 -2.55
C SER A 198 13.91 36.34 -1.27
N TYR A 199 14.41 37.31 -0.50
CA TYR A 199 15.34 37.03 0.59
C TYR A 199 14.77 36.03 1.59
N PHE A 200 13.57 36.30 2.10
CA PHE A 200 13.04 35.50 3.20
C PHE A 200 12.67 34.10 2.74
N TYR A 201 11.96 34.02 1.60
CA TYR A 201 11.65 32.74 0.98
C TYR A 201 12.91 31.91 0.80
N ASP A 202 13.94 32.53 0.23
CA ASP A 202 15.17 31.82 -0.07
C ASP A 202 15.81 31.26 1.20
N LEU A 203 15.83 32.07 2.27
CA LEU A 203 16.45 31.60 3.50
C LEU A 203 15.72 30.38 4.05
N VAL A 204 14.39 30.37 4.01
CA VAL A 204 13.65 29.22 4.52
C VAL A 204 14.01 27.96 3.74
N LYS A 205 13.89 28.02 2.41
CA LYS A 205 14.06 26.81 1.62
C LYS A 205 15.47 26.27 1.79
N ASN A 206 16.43 27.15 1.98
CA ASN A 206 17.79 26.68 2.13
C ASN A 206 18.07 26.21 3.55
N SER A 207 17.36 26.76 4.55
CA SER A 207 17.47 26.20 5.90
C SER A 207 16.88 24.80 5.98
N VAL A 208 15.76 24.56 5.30
CA VAL A 208 15.17 23.23 5.35
C VAL A 208 16.08 22.22 4.65
N LEU A 209 16.76 22.62 3.58
CA LEU A 209 17.79 21.76 3.00
C LEU A 209 18.84 21.39 4.07
N ARG A 210 19.30 22.38 4.82
CA ARG A 210 20.31 22.12 5.85
C ARG A 210 19.76 21.23 6.96
N MET A 211 18.46 21.36 7.30
CA MET A 211 17.86 20.49 8.30
C MET A 211 18.02 19.02 7.95
N GLY A 212 17.83 18.68 6.67
CA GLY A 212 18.00 17.27 6.30
C GLY A 212 19.40 16.79 6.58
N TYR A 213 20.41 17.62 6.28
CA TYR A 213 21.80 17.25 6.55
C TYR A 213 22.06 17.13 8.05
N VAL A 214 21.56 18.09 8.84
CA VAL A 214 21.78 18.10 10.28
C VAL A 214 21.09 16.92 10.95
N LEU A 215 19.82 16.67 10.58
CA LEU A 215 19.08 15.59 11.22
C LEU A 215 19.64 14.24 10.82
N ALA A 216 20.17 14.10 9.60
CA ALA A 216 20.81 12.85 9.21
C ALA A 216 21.97 12.52 10.13
N HIS A 217 22.75 13.54 10.51
CA HIS A 217 23.84 13.33 11.45
C HIS A 217 23.33 12.88 12.82
N GLU A 218 22.24 13.49 13.30
CA GLU A 218 21.75 13.17 14.64
C GLU A 218 21.04 11.82 14.70
N LEU A 219 20.44 11.39 13.58
CA LEU A 219 19.61 10.19 13.55
C LEU A 219 20.39 8.93 13.22
N GLU A 220 21.50 9.06 12.50
CA GLU A 220 22.20 7.87 12.04
C GLU A 220 22.60 6.94 13.18
N PRO A 221 23.08 7.42 14.33
CA PRO A 221 23.41 6.49 15.42
C PRO A 221 22.21 5.68 15.91
N TYR A 222 20.99 6.13 15.63
CA TYR A 222 19.79 5.42 16.04
C TYR A 222 19.19 4.58 14.93
N GLY A 223 19.87 4.49 13.78
CA GLY A 223 19.26 3.83 12.64
C GLY A 223 18.14 4.63 11.99
N GLY A 224 18.08 5.92 12.22
CA GLY A 224 17.11 6.77 11.59
C GLY A 224 17.70 7.43 10.35
N THR A 225 16.82 7.86 9.44
CA THR A 225 17.19 8.48 8.18
C THR A 225 16.48 9.83 8.05
N ALA A 226 17.19 10.85 7.55
CA ALA A 226 16.55 12.11 7.22
C ALA A 226 16.87 12.47 5.78
N VAL A 227 15.86 12.94 5.04
CA VAL A 227 16.07 13.48 3.71
C VAL A 227 15.31 14.80 3.61
N THR A 228 15.76 15.67 2.73
CA THR A 228 14.99 16.84 2.36
C THR A 228 14.45 16.61 0.96
N LEU A 229 13.15 16.82 0.78
CA LEU A 229 12.43 16.51 -0.44
C LEU A 229 11.73 17.76 -0.97
N THR A 230 11.82 17.98 -2.29
CA THR A 230 11.04 19.04 -2.91
C THR A 230 10.08 18.46 -3.93
N PRO A 231 8.87 18.98 -4.03
CA PRO A 231 8.02 18.68 -5.18
C PRO A 231 8.54 19.46 -6.38
N GLY A 232 7.88 19.24 -7.53
CA GLY A 232 8.13 20.07 -8.69
C GLY A 232 7.14 21.22 -8.71
N TRP A 233 6.62 21.58 -9.87
CA TRP A 233 5.61 22.64 -9.95
C TRP A 233 4.25 22.00 -9.67
N MET A 234 3.73 22.21 -8.45
CA MET A 234 2.57 21.47 -7.97
C MET A 234 1.26 22.12 -8.37
N ARG A 235 0.32 21.29 -8.83
CA ARG A 235 -1.05 21.76 -9.07
C ARG A 235 -1.83 21.69 -7.76
N SER A 236 -1.38 22.51 -6.81
CA SER A 236 -2.06 22.65 -5.54
C SER A 236 -3.41 23.32 -5.73
N GLU A 237 -4.25 23.25 -4.69
CA GLU A 237 -5.53 23.94 -4.72
C GLU A 237 -5.35 25.43 -4.96
N MET A 238 -4.41 26.06 -4.25
CA MET A 238 -4.13 27.48 -4.45
C MET A 238 -3.62 27.78 -5.85
N MET A 239 -2.74 26.92 -6.37
CA MET A 239 -2.18 27.16 -7.70
C MET A 239 -3.27 27.07 -8.77
N LEU A 240 -4.10 26.03 -8.71
CA LEU A 240 -5.18 25.87 -9.68
C LEU A 240 -6.18 27.03 -9.61
N GLU A 241 -6.44 27.55 -8.41
CA GLU A 241 -7.34 28.70 -8.30
C GLU A 241 -6.72 29.93 -8.93
N THR A 242 -5.43 30.18 -8.66
CA THR A 242 -4.72 31.29 -9.28
C THR A 242 -4.81 31.24 -10.80
N LEU A 243 -4.75 30.05 -11.38
CA LEU A 243 -4.81 29.91 -12.84
C LEU A 243 -6.22 29.79 -13.37
N GLY A 244 -7.23 29.75 -12.49
CA GLY A 244 -8.60 29.69 -12.94
C GLY A 244 -9.01 28.39 -13.57
N VAL A 245 -8.38 27.27 -13.20
CA VAL A 245 -8.72 25.98 -13.78
C VAL A 245 -8.88 24.96 -12.65
N THR A 246 -9.54 23.86 -12.97
CA THR A 246 -9.60 22.70 -12.10
C THR A 246 -8.56 21.68 -12.55
N GLU A 247 -8.34 20.66 -11.70
CA GLU A 247 -7.41 19.60 -12.07
C GLU A 247 -7.83 18.91 -13.35
N GLU A 248 -9.14 18.75 -13.57
CA GLU A 248 -9.58 17.98 -14.74
C GLU A 248 -9.31 18.72 -16.04
N ASN A 249 -9.27 20.05 -16.03
CA ASN A 249 -8.89 20.73 -17.25
C ASN A 249 -7.70 21.66 -17.03
N TRP A 250 -6.64 21.16 -16.36
CA TRP A 250 -5.53 22.05 -16.03
C TRP A 250 -4.76 22.51 -17.26
N ARG A 251 -4.70 21.69 -18.32
CA ARG A 251 -3.96 22.18 -19.48
C ARG A 251 -4.66 23.36 -20.17
N ASP A 252 -5.88 23.72 -19.75
CA ASP A 252 -6.45 24.99 -20.22
C ASP A 252 -5.60 26.18 -19.83
N ALA A 253 -4.78 26.07 -18.79
CA ALA A 253 -3.98 27.21 -18.38
C ALA A 253 -2.74 27.41 -19.24
N LEU A 254 -2.42 26.48 -20.15
CA LEU A 254 -1.14 26.56 -20.83
C LEU A 254 -1.05 27.77 -21.75
N THR A 255 -2.18 28.29 -22.24
CA THR A 255 -2.08 29.49 -23.07
C THR A 255 -1.56 30.66 -22.28
N GLU A 256 -1.96 30.76 -21.01
CA GLU A 256 -1.49 31.87 -20.17
C GLU A 256 -0.12 31.60 -19.58
N VAL A 257 0.16 30.35 -19.21
CA VAL A 257 1.42 29.98 -18.58
C VAL A 257 1.97 28.78 -19.31
N PRO A 258 2.70 28.97 -20.41
CA PRO A 258 3.11 27.81 -21.22
C PRO A 258 4.01 26.83 -20.47
N HIS A 259 4.92 27.33 -19.64
CA HIS A 259 5.83 26.42 -18.94
C HIS A 259 5.16 25.62 -17.84
N PHE A 260 3.87 25.88 -17.56
CA PHE A 260 3.10 25.01 -16.68
C PHE A 260 2.94 23.62 -17.26
N CYS A 261 3.40 23.39 -18.50
CA CYS A 261 3.36 22.06 -19.10
C CYS A 261 4.24 21.05 -18.36
N ILE A 262 5.12 21.50 -17.45
CA ILE A 262 5.95 20.61 -16.64
C ILE A 262 5.29 20.24 -15.30
N SER A 263 4.08 20.72 -15.02
CA SER A 263 3.52 20.61 -13.68
C SER A 263 3.12 19.17 -13.34
N GLU A 264 2.93 18.93 -12.04
CA GLU A 264 2.57 17.63 -11.49
C GLU A 264 1.47 17.83 -10.46
N SER A 265 0.70 16.78 -10.19
CA SER A 265 -0.28 16.91 -9.11
C SER A 265 0.43 16.78 -7.75
N PRO A 266 -0.19 17.29 -6.68
CA PRO A 266 0.40 17.08 -5.35
C PRO A 266 0.59 15.63 -4.98
N SER A 267 -0.20 14.71 -5.54
CA SER A 267 -0.05 13.29 -5.23
C SER A 267 1.28 12.73 -5.70
N TYR A 268 1.93 13.37 -6.67
CA TYR A 268 3.22 12.89 -7.14
C TYR A 268 4.25 12.92 -6.03
N VAL A 269 4.40 14.07 -5.35
CA VAL A 269 5.34 14.12 -4.24
C VAL A 269 4.84 13.25 -3.09
N GLY A 270 3.53 13.06 -2.97
CA GLY A 270 3.02 12.09 -2.00
C GLY A 270 3.52 10.68 -2.25
N ARG A 271 3.50 10.27 -3.52
CA ARG A 271 4.04 8.95 -3.86
C ARG A 271 5.53 8.88 -3.63
N ALA A 272 6.23 10.00 -3.78
CA ALA A 272 7.67 10.00 -3.48
C ALA A 272 7.92 9.70 -2.00
N VAL A 273 7.15 10.31 -1.10
CA VAL A 273 7.29 10.00 0.32
C VAL A 273 6.92 8.54 0.59
N ALA A 274 5.83 8.06 -0.01
CA ALA A 274 5.45 6.65 0.20
C ALA A 274 6.54 5.70 -0.26
N ALA A 275 7.23 6.02 -1.37
CA ALA A 275 8.29 5.15 -1.85
C ALA A 275 9.49 5.15 -0.89
N LEU A 276 9.85 6.30 -0.34
CA LEU A 276 10.89 6.35 0.68
C LEU A 276 10.48 5.55 1.90
N ALA A 277 9.24 5.74 2.35
CA ALA A 277 8.76 5.00 3.52
C ALA A 277 8.77 3.49 3.30
N GLY A 278 8.62 3.04 2.05
CA GLY A 278 8.61 1.62 1.76
C GLY A 278 9.94 1.00 1.40
N ASP A 279 11.00 1.81 1.35
CA ASP A 279 12.31 1.38 0.90
C ASP A 279 13.06 0.79 2.09
N ALA A 280 13.28 -0.54 2.06
CA ALA A 280 14.03 -1.19 3.15
C ALA A 280 15.42 -0.59 3.31
N ASP A 281 15.99 -0.09 2.22
CA ASP A 281 17.32 0.52 2.22
C ASP A 281 17.24 2.05 2.12
N VAL A 282 16.22 2.67 2.74
CA VAL A 282 16.07 4.12 2.62
C VAL A 282 17.27 4.87 3.19
N ALA A 283 18.04 4.23 4.07
CA ALA A 283 19.23 4.87 4.62
C ALA A 283 20.23 5.26 3.55
N ARG A 284 20.14 4.69 2.34
CA ARG A 284 21.03 5.11 1.26
C ARG A 284 20.85 6.59 0.90
N TRP A 285 19.74 7.20 1.30
CA TRP A 285 19.47 8.61 1.01
C TRP A 285 19.85 9.55 2.14
N ASN A 286 20.36 9.03 3.26
CA ASN A 286 20.47 9.81 4.49
C ASN A 286 21.22 11.12 4.24
N GLY A 287 20.61 12.24 4.63
CA GLY A 287 21.27 13.52 4.49
C GLY A 287 21.14 14.18 3.15
N GLN A 288 20.55 13.51 2.17
CA GLN A 288 20.52 14.06 0.83
C GLN A 288 19.28 14.91 0.57
N SER A 289 19.43 15.75 -0.43
CA SER A 289 18.34 16.52 -1.02
C SER A 289 17.84 15.74 -2.24
N VAL A 290 16.53 15.54 -2.31
CA VAL A 290 15.92 14.79 -3.39
C VAL A 290 14.72 15.57 -3.91
N SER A 291 14.27 15.21 -5.11
CA SER A 291 13.09 15.80 -5.73
C SER A 291 12.08 14.71 -6.06
N SER A 292 10.81 15.10 -6.21
CA SER A 292 9.79 14.13 -6.59
C SER A 292 10.10 13.51 -7.95
N GLY A 293 10.62 14.32 -8.88
CA GLY A 293 10.91 13.81 -10.20
C GLY A 293 12.08 12.84 -10.23
N GLN A 294 13.11 13.14 -9.44
CA GLN A 294 14.24 12.23 -9.28
C GLN A 294 13.80 10.89 -8.69
N LEU A 295 12.92 10.94 -7.69
CA LEU A 295 12.51 9.70 -7.02
C LEU A 295 11.58 8.89 -7.89
N ALA A 296 10.79 9.53 -8.75
CA ALA A 296 9.96 8.78 -9.67
C ALA A 296 10.82 7.93 -10.62
N GLN A 297 11.93 8.49 -11.10
CA GLN A 297 12.85 7.71 -11.92
C GLN A 297 13.49 6.60 -11.09
N GLU A 298 13.78 6.88 -9.83
CA GLU A 298 14.46 5.91 -8.99
C GLU A 298 13.56 4.74 -8.63
N TYR A 299 12.31 5.01 -8.24
CA TYR A 299 11.42 3.99 -7.73
C TYR A 299 10.41 3.51 -8.75
N GLY A 300 10.11 4.31 -9.77
CA GLY A 300 9.23 3.88 -10.83
C GLY A 300 7.78 4.25 -10.67
N PHE A 301 7.40 4.93 -9.59
CA PHE A 301 6.03 5.40 -9.50
C PHE A 301 5.79 6.50 -10.55
N THR A 302 4.52 6.80 -10.77
CA THR A 302 4.13 7.88 -11.68
C THR A 302 3.18 8.83 -10.95
N ASP A 303 2.90 9.96 -11.59
CA ASP A 303 1.79 10.80 -11.17
C ASP A 303 0.46 10.08 -11.47
N LEU A 304 -0.64 10.67 -11.00
CA LEU A 304 -1.95 10.06 -11.20
C LEU A 304 -2.26 9.85 -12.69
N ASP A 305 -1.77 10.72 -13.56
CA ASP A 305 -2.02 10.60 -15.00
C ASP A 305 -1.01 9.71 -15.70
N GLY A 306 -0.13 9.02 -14.96
CA GLY A 306 0.85 8.13 -15.55
C GLY A 306 2.15 8.74 -16.01
N SER A 307 2.34 10.04 -15.87
CA SER A 307 3.57 10.69 -16.32
C SER A 307 4.57 10.79 -15.17
N ARG A 308 5.80 11.23 -15.49
CA ARG A 308 6.86 11.41 -14.48
C ARG A 308 7.56 12.75 -14.70
N PRO A 309 6.90 13.86 -14.38
CA PRO A 309 7.51 15.19 -14.59
C PRO A 309 8.84 15.33 -13.87
N ASP A 310 9.77 16.05 -14.52
CA ASP A 310 11.12 16.27 -14.00
C ASP A 310 11.35 17.78 -13.97
N CYS A 311 10.74 18.43 -12.97
CA CYS A 311 10.65 19.89 -12.97
C CYS A 311 12.02 20.55 -12.97
N TRP A 312 12.92 20.09 -12.09
CA TRP A 312 14.14 20.87 -11.87
C TRP A 312 15.14 20.72 -13.03
N ARG A 313 15.12 19.58 -13.72
CA ARG A 313 15.91 19.49 -14.94
C ARG A 313 15.29 20.33 -16.05
N TYR A 314 13.95 20.32 -16.15
CA TYR A 314 13.25 21.12 -17.14
C TYR A 314 13.53 22.62 -16.95
N LEU A 315 13.52 23.09 -15.71
CA LEU A 315 13.72 24.52 -15.48
C LEU A 315 15.07 24.97 -16.00
N VAL A 316 16.10 24.15 -15.82
CA VAL A 316 17.44 24.54 -16.25
C VAL A 316 17.59 24.35 -17.76
N GLU A 317 17.16 23.20 -18.28
CA GLU A 317 17.47 22.85 -19.65
C GLU A 317 16.51 23.44 -20.68
N VAL A 318 15.31 23.83 -20.27
CA VAL A 318 14.34 24.38 -21.21
C VAL A 318 14.08 25.85 -20.91
N GLN A 319 13.45 26.11 -19.76
CA GLN A 319 12.92 27.45 -19.51
C GLN A 319 14.04 28.47 -19.33
N GLU A 320 15.03 28.19 -18.48
CA GLU A 320 16.10 29.14 -18.25
C GLU A 320 17.06 29.24 -19.41
N ALA A 321 17.12 28.23 -20.27
CA ALA A 321 17.91 28.28 -21.49
C ALA A 321 17.25 29.11 -22.58
N GLY A 322 16.06 29.65 -22.33
CA GLY A 322 15.35 30.44 -23.31
C GLY A 322 14.60 29.65 -24.37
N LYS A 323 14.49 28.35 -24.23
CA LYS A 323 13.76 27.55 -25.20
C LYS A 323 12.25 27.69 -25.00
N PRO A 324 11.46 27.46 -26.06
CA PRO A 324 10.01 27.51 -25.90
C PRO A 324 9.53 26.38 -25.01
N ALA A 325 8.43 26.62 -24.32
CA ALA A 325 7.86 25.60 -23.46
C ALA A 325 7.57 24.36 -24.28
N ASP A 326 8.07 23.22 -23.79
CA ASP A 326 7.95 21.94 -24.47
C ASP A 326 8.31 20.85 -23.47
N PRO A 327 7.34 20.04 -23.05
CA PRO A 327 7.61 19.04 -22.00
C PRO A 327 8.27 17.77 -22.50
N SER A 328 8.52 17.66 -23.81
CA SER A 328 9.07 16.45 -24.39
C SER A 328 10.38 16.05 -23.72
N GLY A 329 10.45 14.81 -23.25
CA GLY A 329 11.63 14.32 -22.57
C GLY A 329 11.71 14.65 -21.09
N TYR A 330 10.73 15.37 -20.55
CA TYR A 330 10.77 15.82 -19.16
C TYR A 330 9.56 15.36 -18.37
N ARG A 331 8.68 14.55 -18.95
CA ARG A 331 7.58 13.98 -18.20
C ARG A 331 7.08 12.72 -18.90
N ALA B 29 11.43 -47.48 35.45
CA ALA B 29 10.86 -46.47 36.35
C ALA B 29 11.23 -46.75 37.79
N PRO B 30 11.57 -45.70 38.53
CA PRO B 30 12.01 -45.88 39.92
C PRO B 30 10.88 -46.41 40.80
N ASP B 31 11.25 -47.31 41.70
CA ASP B 31 10.34 -47.87 42.69
C ASP B 31 10.72 -47.29 44.04
N LEU B 32 9.90 -46.36 44.56
CA LEU B 32 10.17 -45.69 45.83
C LEU B 32 9.17 -46.08 46.91
N ARG B 33 8.47 -47.19 46.73
CA ARG B 33 7.57 -47.66 47.78
C ARG B 33 8.35 -47.87 49.06
N GLY B 34 7.77 -47.44 50.17
CA GLY B 34 8.46 -47.52 51.46
C GLY B 34 9.41 -46.37 51.75
N LYS B 35 9.71 -45.51 50.78
CA LYS B 35 10.58 -44.37 50.98
C LYS B 35 9.80 -43.20 51.56
N ILE B 36 10.47 -42.43 52.43
CA ILE B 36 9.92 -41.21 53.00
C ILE B 36 10.65 -40.02 52.38
N ALA B 37 9.91 -39.12 51.76
CA ALA B 37 10.47 -37.93 51.17
C ALA B 37 9.80 -36.70 51.75
N LEU B 38 10.52 -35.58 51.72
CA LEU B 38 9.99 -34.27 52.10
C LEU B 38 10.43 -33.29 51.04
N VAL B 39 9.47 -32.60 50.44
CA VAL B 39 9.77 -31.53 49.50
C VAL B 39 9.42 -30.23 50.21
N ALA B 40 10.45 -29.47 50.57
CA ALA B 40 10.27 -28.18 51.22
C ALA B 40 9.98 -27.14 50.16
N GLY B 41 8.78 -26.56 50.22
CA GLY B 41 8.31 -25.63 49.20
C GLY B 41 7.67 -26.33 48.02
N ALA B 42 6.48 -26.89 48.23
CA ALA B 42 5.88 -27.78 47.24
C ALA B 42 4.49 -27.33 46.79
N THR B 43 4.15 -26.06 46.98
CA THR B 43 2.80 -25.61 46.63
C THR B 43 2.56 -25.62 45.11
N ARG B 44 3.57 -25.28 44.33
CA ARG B 44 3.41 -25.11 42.90
C ARG B 44 4.79 -25.26 42.26
N GLY B 45 4.87 -25.01 40.96
CA GLY B 45 6.14 -25.01 40.26
C GLY B 45 6.83 -26.36 40.35
N ALA B 46 8.17 -26.29 40.40
CA ALA B 46 8.98 -27.50 40.48
C ALA B 46 8.69 -28.26 41.76
N GLY B 47 8.46 -27.53 42.85
CA GLY B 47 8.22 -28.19 44.13
C GLY B 47 7.04 -29.14 44.07
N ARG B 48 5.90 -28.67 43.56
CA ARG B 48 4.73 -29.54 43.41
C ARG B 48 5.04 -30.72 42.50
N ALA B 49 5.63 -30.45 41.34
CA ALA B 49 5.85 -31.53 40.38
C ALA B 49 6.86 -32.54 40.90
N ILE B 50 7.87 -32.08 41.65
CA ILE B 50 8.79 -33.02 42.26
C ILE B 50 8.07 -33.92 43.25
N ALA B 51 7.21 -33.32 44.08
CA ALA B 51 6.45 -34.12 45.03
C ALA B 51 5.57 -35.13 44.32
N VAL B 52 4.89 -34.70 43.24
CA VAL B 52 3.98 -35.61 42.54
C VAL B 52 4.74 -36.76 41.88
N GLN B 53 5.89 -36.47 41.26
CA GLN B 53 6.64 -37.55 40.61
C GLN B 53 7.22 -38.52 41.63
N LEU B 54 7.58 -38.03 42.82
CA LEU B 54 7.95 -38.95 43.89
C LEU B 54 6.75 -39.79 44.32
N GLY B 55 5.56 -39.17 44.39
CA GLY B 55 4.37 -39.95 44.67
C GLY B 55 4.06 -40.97 43.59
N ALA B 56 4.24 -40.61 42.32
CA ALA B 56 3.98 -41.55 41.24
C ALA B 56 4.91 -42.76 41.33
N ALA B 57 6.10 -42.59 41.90
CA ALA B 57 6.97 -43.72 42.16
C ALA B 57 6.63 -44.46 43.45
N GLY B 58 5.61 -44.03 44.17
CA GLY B 58 5.13 -44.76 45.33
C GLY B 58 5.57 -44.22 46.67
N ALA B 59 6.22 -43.06 46.72
CA ALA B 59 6.77 -42.59 47.97
C ALA B 59 5.70 -41.95 48.84
N THR B 60 5.97 -41.94 50.13
CA THR B 60 5.29 -41.01 51.03
C THR B 60 6.04 -39.69 50.99
N VAL B 61 5.32 -38.60 50.74
CA VAL B 61 5.95 -37.30 50.52
C VAL B 61 5.32 -36.29 51.45
N TYR B 62 6.10 -35.77 52.39
CA TYR B 62 5.72 -34.59 53.13
C TYR B 62 5.92 -33.38 52.22
N VAL B 63 4.90 -32.53 52.11
CA VAL B 63 4.93 -31.36 51.24
C VAL B 63 4.62 -30.12 52.07
N THR B 64 5.48 -29.11 51.98
CA THR B 64 5.36 -27.91 52.81
C THR B 64 5.25 -26.67 51.94
N GLY B 65 4.60 -25.65 52.50
CA GLY B 65 4.36 -24.40 51.82
C GLY B 65 3.49 -23.54 52.70
N ARG B 66 3.35 -22.28 52.29
CA ARG B 66 2.58 -21.32 53.07
C ARG B 66 1.12 -21.19 52.62
N THR B 67 0.82 -21.38 51.34
CA THR B 67 -0.54 -21.18 50.82
C THR B 67 -1.43 -22.35 51.22
N THR B 68 -2.47 -22.08 52.01
CA THR B 68 -3.48 -23.08 52.36
C THR B 68 -4.84 -22.70 51.77
N ARG B 69 -5.82 -23.58 51.99
CA ARG B 69 -7.17 -23.28 51.54
C ARG B 69 -7.78 -22.12 52.33
N GLU B 70 -7.21 -21.81 53.50
CA GLU B 70 -7.63 -20.72 54.37
C GLU B 70 -6.89 -19.41 54.07
N ARG B 71 -5.60 -19.45 53.74
CA ARG B 71 -4.84 -18.20 53.63
C ARG B 71 -3.94 -18.20 52.39
N ARG B 72 -3.94 -17.05 51.70
CA ARG B 72 -3.03 -16.83 50.59
C ARG B 72 -1.63 -16.52 51.12
N SER B 73 -0.62 -16.75 50.29
CA SER B 73 0.74 -16.49 50.70
C SER B 73 1.23 -15.19 50.05
N GLU B 74 2.47 -14.84 50.39
CA GLU B 74 3.17 -13.71 49.77
C GLU B 74 3.09 -13.74 48.25
N TYR B 75 3.01 -14.93 47.65
CA TYR B 75 2.86 -15.05 46.20
C TYR B 75 1.48 -14.62 45.71
N ASN B 76 0.45 -14.72 46.57
CA ASN B 76 -0.93 -14.38 46.19
C ASN B 76 -1.40 -15.16 44.96
N ARG B 77 -1.28 -16.49 45.01
CA ARG B 77 -1.71 -17.39 43.95
C ARG B 77 -2.66 -18.43 44.53
N SER B 78 -3.36 -19.16 43.64
CA SER B 78 -4.45 -20.03 44.07
C SER B 78 -4.05 -21.48 44.31
N GLU B 79 -2.90 -21.95 43.81
CA GLU B 79 -2.47 -23.30 44.17
C GLU B 79 -2.21 -23.38 45.67
N THR B 80 -2.62 -24.48 46.29
CA THR B 80 -2.48 -24.66 47.74
C THR B 80 -1.66 -25.90 48.05
N ILE B 81 -1.09 -25.92 49.25
CA ILE B 81 -0.27 -27.04 49.65
C ILE B 81 -1.11 -28.30 49.89
N GLU B 82 -2.37 -28.14 50.30
CA GLU B 82 -3.24 -29.31 50.45
C GLU B 82 -3.49 -29.96 49.09
N GLU B 83 -3.66 -29.14 48.06
CA GLU B 83 -3.86 -29.64 46.72
C GLU B 83 -2.64 -30.42 46.23
N THR B 84 -1.43 -29.97 46.59
CA THR B 84 -0.25 -30.75 46.25
C THR B 84 -0.30 -32.13 46.90
N ALA B 85 -0.64 -32.18 48.20
CA ALA B 85 -0.68 -33.48 48.87
C ALA B 85 -1.67 -34.42 48.19
N GLU B 86 -2.84 -33.89 47.82
CA GLU B 86 -3.85 -34.72 47.15
C GLU B 86 -3.35 -35.23 45.81
N LEU B 87 -2.61 -34.39 45.06
CA LEU B 87 -2.06 -34.85 43.79
C LEU B 87 -1.00 -35.93 43.98
N VAL B 88 -0.23 -35.85 45.08
CA VAL B 88 0.74 -36.89 45.37
C VAL B 88 0.05 -38.22 45.62
N THR B 89 -1.03 -38.18 46.40
CA THR B 89 -1.79 -39.41 46.65
C THR B 89 -2.44 -39.93 45.37
N GLU B 90 -3.10 -39.05 44.61
CA GLU B 90 -3.72 -39.50 43.36
C GLU B 90 -2.70 -40.16 42.44
N ALA B 91 -1.46 -39.65 42.43
CA ALA B 91 -0.45 -40.21 41.54
C ALA B 91 -0.02 -41.61 41.96
N GLY B 92 -0.36 -42.04 43.15
CA GLY B 92 0.00 -43.37 43.58
C GLY B 92 0.86 -43.40 44.83
N GLY B 93 1.01 -42.25 45.48
CA GLY B 93 1.80 -42.23 46.70
C GLY B 93 0.94 -41.82 47.88
N THR B 94 1.56 -41.22 48.90
CA THR B 94 0.84 -40.62 50.01
C THR B 94 1.39 -39.22 50.23
N GLY B 95 0.57 -38.20 50.01
CA GLY B 95 0.96 -36.82 50.28
C GLY B 95 0.45 -36.39 51.65
N ILE B 96 1.35 -35.81 52.43
CA ILE B 96 1.01 -35.27 53.76
C ILE B 96 1.37 -33.79 53.73
N ALA B 97 0.36 -32.92 53.72
CA ALA B 97 0.58 -31.48 53.70
C ALA B 97 0.86 -30.96 55.10
N VAL B 98 1.95 -30.23 55.26
CA VAL B 98 2.27 -29.59 56.53
C VAL B 98 2.51 -28.11 56.26
N PRO B 99 1.50 -27.25 56.38
CA PRO B 99 1.73 -25.80 56.20
C PRO B 99 2.86 -25.33 57.11
N THR B 100 3.83 -24.64 56.51
CA THR B 100 5.09 -24.29 57.17
C THR B 100 5.62 -23.01 56.53
N ASP B 101 6.05 -22.05 57.35
CA ASP B 101 6.89 -20.96 56.86
C ASP B 101 8.33 -21.35 57.13
N HIS B 102 9.08 -21.65 56.06
CA HIS B 102 10.45 -22.13 56.25
C HIS B 102 11.41 -21.04 56.72
N LEU B 103 10.95 -19.80 56.89
CA LEU B 103 11.74 -18.79 57.56
C LEU B 103 11.58 -18.81 59.08
N VAL B 104 10.72 -19.67 59.63
CA VAL B 104 10.45 -19.67 61.07
C VAL B 104 11.04 -20.94 61.66
N PRO B 105 12.18 -20.87 62.38
CA PRO B 105 12.83 -22.09 62.87
C PRO B 105 11.91 -22.99 63.67
N GLU B 106 11.05 -22.39 64.49
CA GLU B 106 10.15 -23.16 65.35
C GLU B 106 9.23 -24.06 64.53
N GLN B 107 8.71 -23.54 63.42
CA GLN B 107 7.85 -24.35 62.56
C GLN B 107 8.64 -25.44 61.86
N VAL B 108 9.90 -25.18 61.50
CA VAL B 108 10.67 -26.19 60.81
C VAL B 108 11.16 -27.25 61.78
N ARG B 109 11.48 -26.86 63.03
CA ARG B 109 11.76 -27.85 64.05
C ARG B 109 10.57 -28.79 64.25
N ALA B 110 9.35 -28.23 64.33
CA ALA B 110 8.17 -29.08 64.52
C ALA B 110 7.98 -30.02 63.34
N LEU B 111 8.21 -29.51 62.13
CA LEU B 111 8.10 -30.35 60.94
C LEU B 111 9.03 -31.56 61.05
N ALA B 112 10.27 -31.32 61.47
CA ALA B 112 11.21 -32.41 61.64
C ALA B 112 10.74 -33.40 62.71
N ASP B 113 10.24 -32.87 63.84
CA ASP B 113 9.73 -33.76 64.89
C ASP B 113 8.60 -34.62 64.37
N ARG B 114 7.72 -34.03 63.55
CA ARG B 114 6.57 -34.78 63.05
C ARG B 114 7.00 -35.94 62.17
N VAL B 115 7.95 -35.71 61.25
CA VAL B 115 8.40 -36.80 60.38
C VAL B 115 9.01 -37.92 61.21
N ASP B 116 9.81 -37.56 62.21
CA ASP B 116 10.36 -38.57 63.11
C ASP B 116 9.24 -39.32 63.82
N THR B 117 8.25 -38.57 64.33
CA THR B 117 7.14 -39.19 65.04
C THR B 117 6.37 -40.15 64.16
N GLU B 118 6.04 -39.72 62.93
CA GLU B 118 5.16 -40.53 62.11
C GLU B 118 5.89 -41.64 61.37
N GLN B 119 7.16 -41.42 61.01
CA GLN B 119 7.86 -42.35 60.13
C GLN B 119 9.15 -42.91 60.70
N GLY B 120 9.81 -42.20 61.62
CA GLY B 120 11.09 -42.66 62.13
C GLY B 120 12.25 -42.64 61.15
N ARG B 121 12.09 -42.03 59.97
CA ARG B 121 13.14 -41.98 58.97
C ARG B 121 12.82 -40.89 57.95
N LEU B 122 13.85 -40.49 57.22
CA LEU B 122 13.68 -39.58 56.11
C LEU B 122 14.72 -39.97 55.07
N ASP B 123 14.26 -40.39 53.90
CA ASP B 123 15.15 -40.89 52.86
C ASP B 123 15.58 -39.82 51.88
N VAL B 124 14.70 -38.86 51.59
CA VAL B 124 14.93 -37.87 50.54
C VAL B 124 14.46 -36.52 51.03
N LEU B 125 15.34 -35.52 50.99
CA LEU B 125 15.01 -34.16 51.33
C LEU B 125 15.24 -33.30 50.10
N VAL B 126 14.20 -32.61 49.64
CA VAL B 126 14.32 -31.71 48.50
C VAL B 126 14.10 -30.30 49.01
N ASN B 127 15.16 -29.48 48.98
CA ASN B 127 15.10 -28.07 49.38
C ASN B 127 14.75 -27.29 48.13
N ASP B 128 13.46 -27.12 47.91
CA ASP B 128 13.00 -26.46 46.71
C ASP B 128 12.65 -24.99 46.91
N VAL B 129 12.34 -24.58 48.14
CA VAL B 129 11.87 -23.23 48.47
C VAL B 129 12.64 -22.16 47.70
N TRP B 130 11.91 -21.36 46.91
CA TRP B 130 12.50 -20.23 46.20
C TRP B 130 11.70 -18.98 46.57
N GLY B 131 10.48 -18.86 46.04
CA GLY B 131 9.63 -17.75 46.41
C GLY B 131 10.02 -16.39 45.87
N GLY B 132 11.01 -16.31 44.99
CA GLY B 132 11.51 -15.02 44.55
C GLY B 132 11.08 -14.59 43.16
N GLU B 133 10.18 -15.33 42.51
CA GLU B 133 9.87 -15.08 41.10
C GLU B 133 9.34 -13.68 40.86
N ARG B 134 8.66 -13.10 41.84
CA ARG B 134 8.12 -11.77 41.64
C ARG B 134 9.02 -10.67 42.21
N LEU B 135 10.14 -11.03 42.83
CA LEU B 135 10.97 -10.05 43.51
C LEU B 135 12.20 -9.65 42.74
N PHE B 136 12.76 -10.53 41.90
CA PHE B 136 13.96 -10.14 41.18
C PHE B 136 13.57 -9.30 39.98
N GLU B 137 14.51 -8.46 39.54
CA GLU B 137 14.27 -7.56 38.42
C GLU B 137 15.30 -7.85 37.34
N PHE B 138 14.83 -8.18 36.15
CA PHE B 138 15.74 -8.53 35.08
C PHE B 138 16.46 -7.27 34.58
N ASP B 139 17.75 -7.38 34.29
CA ASP B 139 18.52 -6.29 33.66
C ASP B 139 18.47 -4.99 34.47
N LYS B 140 18.55 -5.10 35.79
CA LYS B 140 18.79 -3.95 36.66
C LYS B 140 20.12 -4.17 37.36
N LYS B 141 20.96 -3.14 37.40
CA LYS B 141 22.18 -3.20 38.19
C LYS B 141 21.82 -3.19 39.67
N VAL B 142 22.81 -3.52 40.52
CA VAL B 142 22.50 -3.68 41.94
C VAL B 142 22.05 -2.36 42.55
N TRP B 143 22.53 -1.23 42.03
CA TRP B 143 22.08 0.05 42.56
C TRP B 143 20.75 0.50 41.96
N GLU B 144 20.29 -0.13 40.89
CA GLU B 144 18.97 0.16 40.32
C GLU B 144 17.89 -0.76 40.85
N HIS B 145 18.24 -2.00 41.15
CA HIS B 145 17.31 -2.96 41.71
C HIS B 145 16.70 -2.45 43.01
N ASP B 146 15.40 -2.70 43.21
CA ASP B 146 14.82 -2.39 44.51
C ASP B 146 15.55 -3.17 45.60
N LEU B 147 16.00 -2.46 46.63
CA LEU B 147 16.87 -3.08 47.62
C LEU B 147 16.09 -4.03 48.53
N ASP B 148 14.94 -3.58 49.04
CA ASP B 148 14.15 -4.43 49.93
C ASP B 148 13.77 -5.73 49.25
N ALA B 149 13.35 -5.67 47.99
CA ALA B 149 13.02 -6.89 47.25
C ALA B 149 14.25 -7.78 47.11
N GLY B 150 15.41 -7.17 46.83
CA GLY B 150 16.63 -7.94 46.68
C GLY B 150 17.02 -8.66 47.96
N LEU B 151 16.96 -7.95 49.09
CA LEU B 151 17.27 -8.57 50.36
C LEU B 151 16.27 -9.65 50.71
N ARG B 152 14.98 -9.43 50.38
CA ARG B 152 13.94 -10.40 50.69
C ARG B 152 14.13 -11.70 49.91
N LEU B 153 14.41 -11.61 48.61
CA LEU B 153 14.55 -12.85 47.84
C LEU B 153 15.80 -13.62 48.27
N MET B 154 16.84 -12.94 48.74
CA MET B 154 18.00 -13.69 49.22
C MET B 154 17.68 -14.39 50.53
N ARG B 155 16.93 -13.72 51.40
CA ARG B 155 16.51 -14.39 52.62
C ARG B 155 15.62 -15.59 52.30
N LEU B 156 14.67 -15.43 51.36
CA LEU B 156 13.79 -16.55 51.01
C LEU B 156 14.57 -17.66 50.31
N GLY B 157 15.50 -17.30 49.42
CA GLY B 157 16.16 -18.31 48.61
C GLY B 157 17.29 -19.04 49.30
N VAL B 158 17.86 -18.46 50.34
CA VAL B 158 19.03 -19.02 51.02
C VAL B 158 18.68 -19.50 52.42
N ASP B 159 18.15 -18.61 53.26
CA ASP B 159 17.96 -18.97 54.67
C ASP B 159 17.00 -20.14 54.84
N THR B 160 15.99 -20.25 53.97
CA THR B 160 15.05 -21.36 54.11
C THR B 160 15.75 -22.70 53.93
N HIS B 161 16.73 -22.76 53.03
CA HIS B 161 17.46 -24.01 52.83
C HIS B 161 18.35 -24.29 54.02
N ALA B 162 18.99 -23.25 54.56
CA ALA B 162 19.83 -23.44 55.75
C ALA B 162 19.01 -23.96 56.92
N ILE B 163 17.85 -23.35 57.15
CA ILE B 163 17.02 -23.74 58.28
C ILE B 163 16.52 -25.18 58.09
N SER B 164 16.11 -25.51 56.86
CA SER B 164 15.61 -26.85 56.56
C SER B 164 16.70 -27.89 56.79
N SER B 165 17.90 -27.65 56.27
CA SER B 165 18.99 -28.60 56.47
C SER B 165 19.33 -28.71 57.96
N HIS B 166 19.34 -27.58 58.67
CA HIS B 166 19.68 -27.60 60.09
C HIS B 166 18.78 -28.54 60.88
N PHE B 167 17.48 -28.56 60.59
CA PHE B 167 16.54 -29.33 61.39
C PHE B 167 16.24 -30.71 60.84
N LEU B 168 16.33 -30.91 59.52
CA LEU B 168 15.89 -32.16 58.92
C LEU B 168 17.02 -33.14 58.65
N LEU B 169 18.27 -32.67 58.55
CA LEU B 169 19.36 -33.60 58.28
C LEU B 169 19.63 -34.59 59.43
N PRO B 170 19.41 -34.25 60.71
CA PRO B 170 19.65 -35.27 61.74
C PRO B 170 18.86 -36.55 61.49
N LEU B 171 17.58 -36.45 61.14
CA LEU B 171 16.81 -37.64 60.81
C LEU B 171 17.37 -38.34 59.57
N LEU B 172 17.80 -37.57 58.57
CA LEU B 172 18.24 -38.18 57.33
C LEU B 172 19.56 -38.92 57.49
N VAL B 173 20.45 -38.45 58.37
CA VAL B 173 21.76 -39.11 58.51
C VAL B 173 21.72 -40.19 59.57
N ARG B 174 20.54 -40.48 60.13
CA ARG B 174 20.42 -41.51 61.15
C ARG B 174 20.87 -42.87 60.63
N ARG B 175 20.70 -43.13 59.35
CA ARG B 175 21.21 -44.33 58.71
C ARG B 175 21.71 -43.96 57.33
N PRO B 176 22.61 -44.77 56.76
CA PRO B 176 23.16 -44.45 55.44
C PRO B 176 22.10 -44.50 54.35
N GLY B 177 22.42 -43.83 53.24
CA GLY B 177 21.60 -43.85 52.06
C GLY B 177 20.69 -42.66 51.85
N GLY B 178 20.71 -41.67 52.74
CA GLY B 178 19.88 -40.51 52.56
C GLY B 178 20.33 -39.66 51.39
N LEU B 179 19.38 -38.89 50.84
CA LEU B 179 19.64 -38.05 49.68
C LEU B 179 19.05 -36.66 49.92
N VAL B 180 19.87 -35.63 49.70
CA VAL B 180 19.42 -34.24 49.71
C VAL B 180 19.56 -33.67 48.32
N VAL B 181 18.51 -33.02 47.82
CA VAL B 181 18.54 -32.34 46.54
C VAL B 181 18.32 -30.84 46.78
N GLU B 182 19.33 -30.05 46.46
CA GLU B 182 19.24 -28.59 46.51
C GLU B 182 18.80 -28.08 45.14
N MET B 183 17.72 -27.29 45.09
CA MET B 183 17.16 -26.84 43.81
C MET B 183 17.66 -25.43 43.48
N THR B 184 18.24 -25.27 42.29
CA THR B 184 18.75 -23.97 41.90
C THR B 184 18.36 -23.71 40.44
N ASP B 185 18.89 -22.63 39.88
CA ASP B 185 18.71 -22.29 38.47
C ASP B 185 20.10 -22.24 37.84
N GLY B 186 20.36 -23.12 36.90
CA GLY B 186 21.64 -23.18 36.22
C GLY B 186 22.52 -24.31 36.75
N THR B 187 23.48 -24.73 35.92
CA THR B 187 24.53 -25.64 36.35
C THR B 187 25.75 -24.84 36.80
N ALA B 188 26.64 -25.52 37.51
CA ALA B 188 27.90 -24.89 37.88
C ALA B 188 28.68 -24.45 36.65
N ALA B 189 28.67 -25.26 35.58
CA ALA B 189 29.38 -24.89 34.36
C ALA B 189 28.78 -23.65 33.72
N TYR B 190 27.46 -23.61 33.59
CA TYR B 190 26.82 -22.46 32.98
C TYR B 190 26.95 -21.21 33.84
N ASN B 191 26.60 -21.30 35.13
CA ASN B 191 26.62 -20.12 35.99
C ASN B 191 28.05 -19.61 36.18
N GLY B 192 29.02 -20.53 36.18
CA GLY B 192 30.40 -20.12 36.28
C GLY B 192 30.84 -19.18 35.17
N SER B 193 30.13 -19.19 34.04
CA SER B 193 30.50 -18.31 32.93
C SER B 193 29.38 -17.36 32.54
N HIS B 194 28.30 -17.27 33.31
CA HIS B 194 27.20 -16.39 32.97
C HIS B 194 26.71 -15.64 34.20
N TYR B 195 26.64 -14.31 34.08
CA TYR B 195 25.86 -13.49 35.00
C TYR B 195 24.38 -13.85 34.87
N ARG B 196 23.72 -14.11 35.99
CA ARG B 196 22.35 -14.65 35.99
C ARG B 196 21.35 -13.58 36.44
N ASN B 197 20.74 -12.90 35.46
CA ASN B 197 19.60 -11.99 35.62
C ASN B 197 19.94 -10.66 36.29
N SER B 198 20.36 -10.71 37.55
CA SER B 198 20.65 -9.52 38.33
C SER B 198 21.31 -10.00 39.62
N TYR B 199 21.80 -9.03 40.40
CA TYR B 199 22.72 -9.33 41.49
C TYR B 199 22.13 -10.31 42.49
N PHE B 200 20.93 -10.02 42.99
CA PHE B 200 20.42 -10.82 44.10
C PHE B 200 20.05 -12.22 43.63
N TYR B 201 19.35 -12.32 42.50
CA TYR B 201 19.04 -13.60 41.89
C TYR B 201 20.31 -14.43 41.70
N ASP B 202 21.35 -13.81 41.12
CA ASP B 202 22.58 -14.53 40.84
C ASP B 202 23.22 -15.05 42.12
N LEU B 203 23.25 -14.22 43.17
CA LEU B 203 23.87 -14.69 44.41
C LEU B 203 23.13 -15.89 44.97
N VAL B 204 21.79 -15.91 44.91
CA VAL B 204 21.04 -17.05 45.43
C VAL B 204 21.39 -18.31 44.66
N LYS B 205 21.30 -18.26 43.32
CA LYS B 205 21.49 -19.48 42.55
C LYS B 205 22.89 -20.05 42.76
N ASN B 206 23.87 -19.19 42.94
CA ASN B 206 25.24 -19.66 43.11
C ASN B 206 25.51 -20.11 44.54
N SER B 207 24.82 -19.54 45.54
CA SER B 207 24.90 -20.11 46.90
C SER B 207 24.27 -21.49 46.96
N VAL B 208 23.15 -21.71 46.27
CA VAL B 208 22.54 -23.03 46.34
C VAL B 208 23.45 -24.05 45.66
N LEU B 209 24.12 -23.68 44.57
CA LEU B 209 25.14 -24.57 44.01
C LEU B 209 26.19 -24.92 45.07
N ARG B 210 26.66 -23.93 45.82
CA ARG B 210 27.65 -24.19 46.85
C ARG B 210 27.10 -25.06 47.97
N MET B 211 25.81 -24.90 48.32
CA MET B 211 25.22 -25.75 49.35
C MET B 211 25.36 -27.23 49.01
N GLY B 212 25.16 -27.60 47.75
CA GLY B 212 25.31 -29.01 47.39
C GLY B 212 26.72 -29.52 47.66
N TYR B 213 27.73 -28.70 47.33
CA TYR B 213 29.12 -29.06 47.60
C TYR B 213 29.38 -29.15 49.09
N VAL B 214 28.88 -28.18 49.85
CA VAL B 214 29.12 -28.14 51.30
C VAL B 214 28.43 -29.32 51.97
N LEU B 215 27.17 -29.57 51.60
CA LEU B 215 26.43 -30.67 52.23
C LEU B 215 27.00 -32.01 51.85
N ALA B 216 27.57 -32.14 50.64
CA ALA B 216 28.21 -33.40 50.29
C ALA B 216 29.35 -33.72 51.25
N HIS B 217 30.13 -32.71 51.65
CA HIS B 217 31.21 -32.90 52.59
C HIS B 217 30.68 -33.39 53.94
N GLU B 218 29.61 -32.77 54.42
CA GLU B 218 29.11 -33.09 55.75
C GLU B 218 28.38 -34.42 55.80
N LEU B 219 27.75 -34.84 54.70
CA LEU B 219 26.91 -36.03 54.71
C LEU B 219 27.67 -37.31 54.39
N GLU B 220 28.79 -37.20 53.66
CA GLU B 220 29.49 -38.40 53.22
C GLU B 220 29.91 -39.32 54.37
N PRO B 221 30.41 -38.83 55.52
CA PRO B 221 30.72 -39.75 56.61
C PRO B 221 29.51 -40.54 57.11
N TYR B 222 28.30 -40.09 56.80
CA TYR B 222 27.08 -40.77 57.22
C TYR B 222 26.48 -41.62 56.12
N GLY B 223 27.15 -41.75 54.98
CA GLY B 223 26.53 -42.40 53.84
C GLY B 223 25.44 -41.58 53.20
N GLY B 224 25.41 -40.26 53.43
CA GLY B 224 24.44 -39.42 52.78
C GLY B 224 25.02 -38.80 51.53
N THR B 225 24.13 -38.39 50.62
CA THR B 225 24.49 -37.80 49.34
C THR B 225 23.76 -36.48 49.18
N ALA B 226 24.47 -35.48 48.66
CA ALA B 226 23.86 -34.21 48.29
C ALA B 226 24.23 -33.87 46.86
N VAL B 227 23.24 -33.38 46.11
CA VAL B 227 23.43 -32.84 44.77
C VAL B 227 22.69 -31.52 44.70
N THR B 228 23.13 -30.67 43.78
CA THR B 228 22.37 -29.49 43.39
C THR B 228 21.80 -29.72 42.00
N LEU B 229 20.51 -29.48 41.84
CA LEU B 229 19.79 -29.80 40.61
C LEU B 229 19.10 -28.56 40.05
N THR B 230 19.22 -28.35 38.74
CA THR B 230 18.44 -27.31 38.10
C THR B 230 17.48 -27.93 37.09
N PRO B 231 16.27 -27.39 36.96
CA PRO B 231 15.43 -27.71 35.82
C PRO B 231 15.94 -26.94 34.61
N GLY B 232 15.29 -27.15 33.46
CA GLY B 232 15.55 -26.33 32.29
C GLY B 232 14.57 -25.17 32.29
N TRP B 233 14.05 -24.81 31.11
CA TRP B 233 13.05 -23.74 31.04
C TRP B 233 11.69 -24.37 31.33
N MET B 234 11.18 -24.19 32.56
CA MET B 234 10.03 -24.93 33.05
C MET B 234 8.71 -24.29 32.68
N ARG B 235 7.77 -25.10 32.22
CA ARG B 235 6.40 -24.63 31.98
C ARG B 235 5.60 -24.68 33.29
N SER B 236 6.03 -23.86 34.24
CA SER B 236 5.32 -23.72 35.51
C SER B 236 3.99 -23.02 35.30
N GLU B 237 3.15 -23.08 36.33
CA GLU B 237 1.88 -22.36 36.27
C GLU B 237 2.10 -20.87 36.01
N MET B 238 3.07 -20.29 36.71
CA MET B 238 3.38 -18.87 36.53
C MET B 238 3.91 -18.58 35.13
N MET B 239 4.76 -19.46 34.60
CA MET B 239 5.35 -19.21 33.29
C MET B 239 4.28 -19.27 32.20
N LEU B 240 3.42 -20.30 32.24
CA LEU B 240 2.34 -20.44 31.27
C LEU B 240 1.37 -19.27 31.32
N GLU B 241 1.08 -18.77 32.53
CA GLU B 241 0.22 -17.59 32.64
C GLU B 241 0.89 -16.36 32.07
N THR B 242 2.18 -16.16 32.37
CA THR B 242 2.90 -15.04 31.77
C THR B 242 2.81 -15.07 30.25
N LEU B 243 2.85 -16.25 29.65
CA LEU B 243 2.81 -16.38 28.20
C LEU B 243 1.40 -16.50 27.64
N GLY B 244 0.38 -16.55 28.50
CA GLY B 244 -0.99 -16.62 28.04
C GLY B 244 -1.40 -17.93 27.42
N VAL B 245 -0.82 -19.05 27.84
CA VAL B 245 -1.16 -20.35 27.29
C VAL B 245 -1.37 -21.36 28.42
N THR B 246 -2.05 -22.45 28.09
CA THR B 246 -2.14 -23.60 28.97
C THR B 246 -1.11 -24.64 28.54
N GLU B 247 -0.93 -25.65 29.38
CA GLU B 247 -0.01 -26.73 29.04
C GLU B 247 -0.41 -27.41 27.73
N GLU B 248 -1.71 -27.55 27.50
CA GLU B 248 -2.18 -28.31 26.34
C GLU B 248 -1.89 -27.59 25.02
N ASN B 249 -1.77 -26.27 25.05
N ASN B 249 -1.77 -26.27 25.05
CA ASN B 249 -1.48 -25.48 23.85
CA ASN B 249 -1.49 -25.47 23.86
C ASN B 249 -0.21 -24.65 24.03
C ASN B 249 -0.21 -24.65 24.03
N TRP B 250 0.80 -25.20 24.71
CA TRP B 250 1.96 -24.37 25.04
C TRP B 250 2.72 -23.92 23.80
N ARG B 251 2.74 -24.71 22.73
CA ARG B 251 3.47 -24.26 21.55
C ARG B 251 2.79 -23.09 20.85
N ASP B 252 1.57 -22.71 21.25
CA ASP B 252 0.98 -21.47 20.76
C ASP B 252 1.81 -20.25 21.13
N ALA B 253 2.64 -20.36 22.18
CA ALA B 253 3.44 -19.21 22.58
C ALA B 253 4.69 -19.02 21.74
N LEU B 254 5.01 -19.96 20.84
CA LEU B 254 6.30 -19.89 20.15
C LEU B 254 6.39 -18.70 19.20
N THR B 255 5.27 -18.18 18.70
CA THR B 255 5.37 -16.98 17.85
C THR B 255 5.90 -15.81 18.65
N GLU B 256 5.51 -15.73 19.93
CA GLU B 256 5.94 -14.65 20.79
C GLU B 256 7.34 -14.90 21.35
N VAL B 257 7.64 -16.14 21.73
CA VAL B 257 8.90 -16.51 22.37
C VAL B 257 9.45 -17.74 21.64
N PRO B 258 10.16 -17.57 20.53
CA PRO B 258 10.55 -18.74 19.73
C PRO B 258 11.47 -19.71 20.47
N HIS B 259 12.37 -19.20 21.32
CA HIS B 259 13.27 -20.13 22.00
C HIS B 259 12.59 -20.92 23.11
N PHE B 260 11.31 -20.63 23.40
CA PHE B 260 10.53 -21.48 24.29
C PHE B 260 10.36 -22.88 23.74
N CYS B 261 10.82 -23.12 22.49
CA CYS B 261 10.77 -24.46 21.92
C CYS B 261 11.63 -25.47 22.67
N ILE B 262 12.51 -25.02 23.57
CA ILE B 262 13.34 -25.92 24.38
C ILE B 262 12.69 -26.25 25.72
N SER B 263 11.49 -25.73 26.00
CA SER B 263 10.94 -25.81 27.34
C SER B 263 10.53 -27.23 27.69
N GLU B 264 10.33 -27.46 29.00
CA GLU B 264 9.97 -28.74 29.57
C GLU B 264 8.86 -28.51 30.61
N SER B 265 8.07 -29.54 30.86
CA SER B 265 7.11 -29.42 31.94
C SER B 265 7.82 -29.59 33.27
N PRO B 266 7.22 -29.09 34.35
CA PRO B 266 7.82 -29.30 35.68
C PRO B 266 7.99 -30.76 36.07
N SER B 267 7.21 -31.68 35.49
CA SER B 267 7.35 -33.10 35.84
C SER B 267 8.67 -33.68 35.38
N TYR B 268 9.33 -33.04 34.42
CA TYR B 268 10.62 -33.53 33.94
C TYR B 268 11.67 -33.48 35.04
N VAL B 269 11.83 -32.33 35.70
CA VAL B 269 12.76 -32.28 36.82
C VAL B 269 12.24 -33.13 37.98
N GLY B 270 10.93 -33.30 38.09
CA GLY B 270 10.40 -34.24 39.07
C GLY B 270 10.91 -35.65 38.83
N ARG B 271 10.90 -36.09 37.58
CA ARG B 271 11.42 -37.41 37.27
C ARG B 271 12.94 -37.48 37.48
N ALA B 272 13.64 -36.35 37.30
CA ALA B 272 15.06 -36.32 37.62
C ALA B 272 15.29 -36.63 39.10
N VAL B 273 14.50 -36.00 39.99
CA VAL B 273 14.63 -36.29 41.41
C VAL B 273 14.27 -37.75 41.70
N ALA B 274 13.17 -38.23 41.11
CA ALA B 274 12.79 -39.63 41.35
C ALA B 274 13.89 -40.60 40.89
N ALA B 275 14.56 -40.28 39.78
CA ALA B 275 15.62 -41.16 39.30
C ALA B 275 16.80 -41.19 40.27
N LEU B 276 17.17 -40.02 40.80
CA LEU B 276 18.22 -39.97 41.82
C LEU B 276 17.81 -40.78 43.03
N ALA B 277 16.57 -40.58 43.49
CA ALA B 277 16.09 -41.29 44.67
C ALA B 277 16.07 -42.80 44.45
N GLY B 278 15.88 -43.25 43.22
CA GLY B 278 15.84 -44.68 42.95
C GLY B 278 17.18 -45.29 42.63
N ASP B 279 18.24 -44.50 42.59
CA ASP B 279 19.56 -44.97 42.18
C ASP B 279 20.31 -45.50 43.39
N ALA B 280 20.52 -46.82 43.44
CA ALA B 280 21.26 -47.44 44.54
C ALA B 280 22.67 -46.89 44.65
N ASP B 281 23.26 -46.43 43.54
CA ASP B 281 24.59 -45.84 43.53
C ASP B 281 24.53 -44.32 43.39
N VAL B 282 23.52 -43.67 43.99
CA VAL B 282 23.38 -42.22 43.83
C VAL B 282 24.56 -41.46 44.39
N ALA B 283 25.33 -42.09 45.28
CA ALA B 283 26.52 -41.43 45.84
C ALA B 283 27.53 -41.05 44.77
N ARG B 284 27.45 -41.65 43.57
CA ARG B 284 28.35 -41.25 42.50
C ARG B 284 28.20 -39.79 42.12
N TRP B 285 27.08 -39.16 42.47
CA TRP B 285 26.83 -37.76 42.15
C TRP B 285 27.21 -36.81 43.27
N ASN B 286 27.72 -37.31 44.38
CA ASN B 286 27.83 -36.51 45.60
C ASN B 286 28.58 -35.22 45.34
N GLY B 287 27.97 -34.09 45.73
CA GLY B 287 28.60 -32.80 45.59
C GLY B 287 28.45 -32.15 44.23
N GLN B 288 27.90 -32.84 43.25
CA GLN B 288 27.90 -32.31 41.89
C GLN B 288 26.68 -31.45 41.62
N SER B 289 26.84 -30.60 40.62
CA SER B 289 25.75 -29.84 40.03
C SER B 289 25.23 -30.62 38.83
N VAL B 290 23.92 -30.83 38.76
CA VAL B 290 23.29 -31.58 37.69
C VAL B 290 22.08 -30.82 37.15
N SER B 291 21.64 -31.21 35.95
CA SER B 291 20.45 -30.63 35.34
C SER B 291 19.45 -31.74 35.00
N SER B 292 18.18 -31.35 34.86
CA SER B 292 17.16 -32.31 34.47
C SER B 292 17.49 -32.94 33.11
N GLY B 293 17.99 -32.14 32.17
CA GLY B 293 18.30 -32.68 30.85
C GLY B 293 19.48 -33.62 30.85
N GLN B 294 20.52 -33.30 31.63
CA GLN B 294 21.65 -34.21 31.80
C GLN B 294 21.19 -35.54 32.40
N LEU B 295 20.33 -35.48 33.41
CA LEU B 295 19.92 -36.72 34.07
C LEU B 295 18.97 -37.53 33.21
N ALA B 296 18.19 -36.87 32.34
CA ALA B 296 17.36 -37.62 31.41
C ALA B 296 18.21 -38.48 30.48
N GLN B 297 19.33 -37.94 30.01
CA GLN B 297 20.26 -38.70 29.20
C GLN B 297 20.90 -39.82 30.03
N GLU B 298 21.17 -39.56 31.31
CA GLU B 298 21.83 -40.56 32.13
C GLU B 298 20.90 -41.71 32.48
N TYR B 299 19.66 -41.41 32.86
CA TYR B 299 18.75 -42.42 33.40
C TYR B 299 17.71 -42.90 32.40
N GLY B 300 17.41 -42.11 31.37
CA GLY B 300 16.51 -42.54 30.32
C GLY B 300 15.07 -42.13 30.48
N PHE B 301 14.71 -41.45 31.57
CA PHE B 301 13.35 -40.95 31.66
C PHE B 301 13.11 -39.89 30.60
N THR B 302 11.85 -39.56 30.37
CA THR B 302 11.46 -38.51 29.44
C THR B 302 10.54 -37.53 30.15
N ASP B 303 10.26 -36.41 29.51
CA ASP B 303 9.16 -35.57 29.94
C ASP B 303 7.85 -36.30 29.65
N LEU B 304 6.74 -35.73 30.12
CA LEU B 304 5.43 -36.36 29.93
C LEU B 304 5.12 -36.57 28.43
N ASP B 305 5.60 -35.70 27.55
CA ASP B 305 5.33 -35.82 26.12
C ASP B 305 6.34 -36.72 25.41
N GLY B 306 7.20 -37.41 26.15
CA GLY B 306 8.17 -38.29 25.55
C GLY B 306 9.49 -37.67 25.10
N SER B 307 9.67 -36.36 25.25
CA SER B 307 10.90 -35.73 24.81
C SER B 307 11.92 -35.64 25.96
N ARG B 308 13.14 -35.21 25.63
CA ARG B 308 14.21 -35.02 26.62
C ARG B 308 14.92 -33.70 26.39
N PRO B 309 14.27 -32.58 26.69
CA PRO B 309 14.91 -31.27 26.49
C PRO B 309 16.24 -31.15 27.22
N ASP B 310 17.19 -30.47 26.58
CA ASP B 310 18.54 -30.25 27.10
C ASP B 310 18.76 -28.73 27.07
N CYS B 311 18.17 -28.05 28.05
CA CYS B 311 18.08 -26.59 28.05
C CYS B 311 19.46 -25.94 28.06
N TRP B 312 20.35 -26.40 28.94
CA TRP B 312 21.57 -25.64 29.17
C TRP B 312 22.55 -25.80 28.00
N ARG B 313 22.55 -26.94 27.31
CA ARG B 313 23.32 -27.03 26.07
C ARG B 313 22.67 -26.22 24.95
N TYR B 314 21.33 -26.24 24.86
CA TYR B 314 20.64 -25.42 23.86
C TYR B 314 20.95 -23.94 24.03
N LEU B 315 20.96 -23.46 25.27
CA LEU B 315 21.15 -22.02 25.49
C LEU B 315 22.51 -21.57 24.95
N VAL B 316 23.55 -22.39 25.14
CA VAL B 316 24.88 -22.00 24.72
C VAL B 316 25.06 -22.20 23.22
N GLU B 317 24.63 -23.36 22.70
CA GLU B 317 24.95 -23.75 21.33
C GLU B 317 23.97 -23.18 20.31
N VAL B 318 22.78 -22.77 20.73
CA VAL B 318 21.82 -22.22 19.76
C VAL B 318 21.57 -20.75 20.07
N GLN B 319 20.93 -20.48 21.21
CA GLN B 319 20.41 -19.14 21.45
C GLN B 319 21.53 -18.12 21.62
N GLU B 320 22.49 -18.40 22.49
CA GLU B 320 23.56 -17.43 22.70
C GLU B 320 24.53 -17.37 21.52
N ALA B 321 24.55 -18.40 20.68
CA ALA B 321 25.33 -18.34 19.45
C ALA B 321 24.69 -17.50 18.37
N GLY B 322 23.51 -16.94 18.63
CA GLY B 322 22.81 -16.14 17.65
C GLY B 322 22.06 -16.91 16.60
N LYS B 323 21.95 -18.22 16.73
CA LYS B 323 21.24 -19.04 15.76
C LYS B 323 19.72 -18.93 15.94
N PRO B 324 18.96 -19.17 14.88
CA PRO B 324 17.50 -19.12 14.99
C PRO B 324 17.00 -20.23 15.90
N ALA B 325 15.88 -19.96 16.59
CA ALA B 325 15.31 -20.97 17.46
C ALA B 325 15.00 -22.22 16.66
N ASP B 326 15.48 -23.35 17.14
CA ASP B 326 15.36 -24.63 16.48
C ASP B 326 15.71 -25.70 17.51
N PRO B 327 14.75 -26.50 17.95
CA PRO B 327 15.02 -27.48 19.01
C PRO B 327 15.66 -28.77 18.52
N SER B 328 15.90 -28.91 17.21
CA SER B 328 16.42 -30.15 16.65
C SER B 328 17.72 -30.56 17.31
N GLY B 329 17.77 -31.79 17.80
CA GLY B 329 18.95 -32.27 18.48
C GLY B 329 19.06 -31.90 19.94
N TYR B 330 18.11 -31.14 20.48
CA TYR B 330 18.16 -30.69 21.87
C TYR B 330 16.96 -31.15 22.68
N ARG B 331 16.09 -31.97 22.11
CA ARG B 331 14.97 -32.56 22.86
C ARG B 331 14.48 -33.83 22.18
N ALA C 29 -17.58 -30.61 7.53
CA ALA C 29 -16.23 -30.07 7.67
C ALA C 29 -15.23 -31.13 8.12
N PRO C 30 -14.04 -31.13 7.51
CA PRO C 30 -13.02 -32.14 7.86
C PRO C 30 -12.56 -31.99 9.31
N ASP C 31 -12.25 -33.12 9.92
CA ASP C 31 -11.71 -33.14 11.27
C ASP C 31 -10.23 -33.50 11.17
N LEU C 32 -9.35 -32.51 11.37
CA LEU C 32 -7.91 -32.71 11.24
C LEU C 32 -7.20 -32.63 12.58
N ARG C 33 -7.93 -32.77 13.69
CA ARG C 33 -7.29 -32.78 15.00
C ARG C 33 -6.27 -33.91 15.05
N GLY C 34 -5.12 -33.63 15.63
CA GLY C 34 -4.07 -34.62 15.68
C GLY C 34 -3.22 -34.71 14.43
N LYS C 35 -3.62 -34.07 13.32
CA LYS C 35 -2.82 -34.08 12.10
C LYS C 35 -1.71 -33.04 12.18
N ILE C 36 -0.58 -33.37 11.56
CA ILE C 36 0.56 -32.46 11.44
C ILE C 36 0.66 -32.05 9.98
N ALA C 37 0.59 -30.75 9.71
CA ALA C 37 0.70 -30.24 8.35
C ALA C 37 1.84 -29.24 8.29
N LEU C 38 2.39 -29.07 7.10
CA LEU C 38 3.38 -28.02 6.86
C LEU C 38 3.01 -27.35 5.54
N VAL C 39 2.83 -26.03 5.56
CA VAL C 39 2.59 -25.26 4.35
C VAL C 39 3.87 -24.46 4.10
N ALA C 40 4.60 -24.86 3.06
CA ALA C 40 5.82 -24.18 2.65
C ALA C 40 5.45 -22.96 1.82
N GLY C 41 5.79 -21.78 2.33
CA GLY C 41 5.43 -20.53 1.70
C GLY C 41 4.03 -20.11 2.12
N ALA C 42 3.87 -19.69 3.38
CA ALA C 42 2.55 -19.47 3.96
C ALA C 42 2.37 -18.05 4.51
N THR C 43 3.19 -17.11 4.07
CA THR C 43 3.11 -15.75 4.63
C THR C 43 1.82 -15.04 4.23
N ARG C 44 1.33 -15.25 3.00
CA ARG C 44 0.20 -14.50 2.46
C ARG C 44 -0.39 -15.34 1.33
N GLY C 45 -1.39 -14.77 0.64
CA GLY C 45 -1.96 -15.42 -0.52
C GLY C 45 -2.56 -16.78 -0.22
N ALA C 46 -2.45 -17.70 -1.17
CA ALA C 46 -2.99 -19.04 -0.98
C ALA C 46 -2.30 -19.73 0.19
N GLY C 47 -0.99 -19.55 0.32
CA GLY C 47 -0.26 -20.25 1.37
C GLY C 47 -0.82 -19.94 2.75
N ARG C 48 -1.01 -18.66 3.05
CA ARG C 48 -1.59 -18.30 4.34
C ARG C 48 -2.98 -18.90 4.51
N ALA C 49 -3.84 -18.76 3.49
CA ALA C 49 -5.22 -19.20 3.66
C ALA C 49 -5.29 -20.72 3.77
N ILE C 50 -4.43 -21.43 3.05
CA ILE C 50 -4.40 -22.90 3.21
C ILE C 50 -4.01 -23.24 4.65
N ALA C 51 -2.98 -22.58 5.17
CA ALA C 51 -2.58 -22.86 6.54
C ALA C 51 -3.71 -22.57 7.52
N VAL C 52 -4.40 -21.44 7.33
CA VAL C 52 -5.48 -21.07 8.25
C VAL C 52 -6.65 -22.06 8.17
N GLN C 53 -7.04 -22.47 6.95
CA GLN C 53 -8.15 -23.43 6.86
C GLN C 53 -7.77 -24.81 7.41
N LEU C 54 -6.50 -25.22 7.28
CA LEU C 54 -6.05 -26.44 7.96
C LEU C 54 -6.14 -26.26 9.47
N GLY C 55 -5.79 -25.06 9.96
CA GLY C 55 -5.98 -24.76 11.37
C GLY C 55 -7.44 -24.75 11.79
N ALA C 56 -8.33 -24.22 10.94
CA ALA C 56 -9.75 -24.20 11.28
C ALA C 56 -10.31 -25.60 11.41
N ALA C 57 -9.74 -26.57 10.72
CA ALA C 57 -10.13 -27.97 10.87
C ALA C 57 -9.41 -28.66 12.03
N GLY C 58 -8.57 -27.93 12.77
CA GLY C 58 -7.96 -28.46 13.96
C GLY C 58 -6.51 -28.90 13.85
N ALA C 59 -5.86 -28.65 12.72
CA ALA C 59 -4.52 -29.20 12.54
C ALA C 59 -3.48 -28.36 13.26
N THR C 60 -2.36 -29.01 13.58
CA THR C 60 -1.13 -28.29 13.85
C THR C 60 -0.46 -28.01 12.51
N VAL C 61 -0.10 -26.75 12.26
CA VAL C 61 0.41 -26.39 10.94
C VAL C 61 1.72 -25.64 11.10
N TYR C 62 2.81 -26.23 10.60
CA TYR C 62 4.05 -25.49 10.42
C TYR C 62 3.90 -24.56 9.22
N VAL C 63 4.25 -23.29 9.40
CA VAL C 63 4.13 -22.29 8.35
C VAL C 63 5.49 -21.65 8.14
N THR C 64 5.94 -21.62 6.88
CA THR C 64 7.28 -21.12 6.57
C THR C 64 7.20 -19.97 5.57
N GLY C 65 8.19 -19.10 5.62
CA GLY C 65 8.24 -17.94 4.75
C GLY C 65 9.46 -17.14 5.13
N ARG C 66 9.77 -16.14 4.30
CA ARG C 66 10.92 -15.30 4.58
C ARG C 66 10.57 -14.05 5.38
N THR C 67 9.35 -13.53 5.25
CA THR C 67 8.99 -12.26 5.91
C THR C 67 8.77 -12.50 7.39
N THR C 68 9.59 -11.87 8.22
CA THR C 68 9.43 -11.90 9.68
C THR C 68 9.11 -10.51 10.19
N ARG C 69 8.87 -10.43 11.50
CA ARG C 69 8.62 -9.13 12.13
C ARG C 69 9.87 -8.27 12.19
N GLU C 70 11.05 -8.85 12.05
CA GLU C 70 12.32 -8.12 12.02
C GLU C 70 12.77 -7.75 10.60
N ARG C 71 12.46 -8.57 9.60
CA ARG C 71 12.96 -8.32 8.25
C ARG C 71 11.90 -8.58 7.18
N ARG C 72 11.76 -7.65 6.25
CA ARG C 72 10.89 -7.93 5.12
C ARG C 72 11.64 -8.79 4.10
N SER C 73 10.87 -9.42 3.23
CA SER C 73 11.38 -10.33 2.21
C SER C 73 11.49 -9.62 0.86
N GLU C 74 11.98 -10.36 -0.13
CA GLU C 74 12.03 -9.91 -1.53
C GLU C 74 10.69 -9.33 -1.99
N TYR C 75 9.57 -9.80 -1.43
CA TYR C 75 8.28 -9.26 -1.81
C TYR C 75 8.07 -7.85 -1.27
N ASN C 76 8.75 -7.48 -0.19
CA ASN C 76 8.61 -6.16 0.44
C ASN C 76 7.14 -5.86 0.79
N ARG C 77 6.55 -6.78 1.56
CA ARG C 77 5.17 -6.66 2.01
C ARG C 77 5.10 -6.85 3.52
N SER C 78 3.95 -6.48 4.07
CA SER C 78 3.80 -6.38 5.52
C SER C 78 3.29 -7.66 6.17
N GLU C 79 2.63 -8.56 5.43
CA GLU C 79 2.26 -9.82 6.05
C GLU C 79 3.51 -10.56 6.49
N THR C 80 3.49 -11.11 7.69
CA THR C 80 4.66 -11.79 8.24
C THR C 80 4.29 -13.25 8.52
N ILE C 81 5.31 -14.11 8.58
CA ILE C 81 5.02 -15.51 8.83
C ILE C 81 4.53 -15.71 10.26
N GLU C 82 4.94 -14.85 11.20
CA GLU C 82 4.42 -14.98 12.56
C GLU C 82 2.92 -14.71 12.60
N GLU C 83 2.43 -13.70 11.86
CA GLU C 83 0.98 -13.49 11.92
C GLU C 83 0.22 -14.65 11.31
N THR C 84 0.77 -15.30 10.25
CA THR C 84 0.09 -16.49 9.75
C THR C 84 -0.05 -17.52 10.85
N ALA C 85 1.04 -17.78 11.59
CA ALA C 85 0.96 -18.76 12.67
C ALA C 85 -0.11 -18.37 13.68
N GLU C 86 -0.17 -17.08 14.02
CA GLU C 86 -1.19 -16.62 14.96
C GLU C 86 -2.59 -16.79 14.40
N LEU C 87 -2.77 -16.55 13.10
CA LEU C 87 -4.08 -16.76 12.50
C LEU C 87 -4.48 -18.23 12.49
N VAL C 88 -3.50 -19.13 12.29
CA VAL C 88 -3.80 -20.56 12.33
C VAL C 88 -4.28 -20.96 13.73
N THR C 89 -3.60 -20.47 14.76
CA THR C 89 -4.02 -20.75 16.14
C THR C 89 -5.39 -20.14 16.43
N GLU C 90 -5.60 -18.86 16.06
CA GLU C 90 -6.89 -18.23 16.27
C GLU C 90 -8.02 -19.02 15.63
N ALA C 91 -7.77 -19.60 14.47
CA ALA C 91 -8.81 -20.34 13.76
C ALA C 91 -9.17 -21.65 14.44
N GLY C 92 -8.37 -22.11 15.39
CA GLY C 92 -8.71 -23.35 16.08
C GLY C 92 -7.66 -24.45 15.97
N GLY C 93 -6.50 -24.13 15.41
CA GLY C 93 -5.44 -25.10 15.29
C GLY C 93 -4.23 -24.65 16.09
N THR C 94 -3.02 -25.08 15.70
CA THR C 94 -1.78 -24.55 16.27
C THR C 94 -0.86 -24.19 15.12
N GLY C 95 -0.53 -22.92 14.99
CA GLY C 95 0.42 -22.46 13.99
C GLY C 95 1.79 -22.33 14.61
N ILE C 96 2.79 -22.90 13.93
CA ILE C 96 4.20 -22.81 14.35
C ILE C 96 4.96 -22.17 13.18
N ALA C 97 5.41 -20.93 13.38
CA ALA C 97 6.16 -20.21 12.36
C ALA C 97 7.60 -20.64 12.35
N VAL C 98 8.11 -21.00 11.17
CA VAL C 98 9.53 -21.29 11.03
C VAL C 98 10.06 -20.47 9.87
N PRO C 99 10.62 -19.29 10.12
CA PRO C 99 11.21 -18.51 9.04
C PRO C 99 12.24 -19.36 8.31
N THR C 100 12.12 -19.41 6.98
CA THR C 100 12.89 -20.33 6.15
C THR C 100 12.99 -19.69 4.78
N ASP C 101 14.19 -19.67 4.21
CA ASP C 101 14.33 -19.42 2.77
C ASP C 101 14.39 -20.79 2.10
N HIS C 102 13.35 -21.13 1.35
CA HIS C 102 13.28 -22.45 0.74
C HIS C 102 14.24 -22.63 -0.42
N LEU C 103 15.02 -21.61 -0.79
CA LEU C 103 16.11 -21.84 -1.72
C LEU C 103 17.40 -22.27 -1.02
N VAL C 104 17.40 -22.34 0.30
CA VAL C 104 18.62 -22.65 1.07
C VAL C 104 18.51 -24.05 1.66
N PRO C 105 19.19 -25.05 1.06
CA PRO C 105 18.99 -26.43 1.50
C PRO C 105 19.22 -26.64 2.99
N GLU C 106 20.24 -25.98 3.56
CA GLU C 106 20.56 -26.14 4.96
C GLU C 106 19.38 -25.73 5.85
N GLN C 107 18.67 -24.66 5.49
CA GLN C 107 17.51 -24.25 6.27
C GLN C 107 16.35 -25.22 6.12
N VAL C 108 16.18 -25.82 4.95
CA VAL C 108 15.06 -26.74 4.76
C VAL C 108 15.34 -28.07 5.43
N ARG C 109 16.62 -28.50 5.43
CA ARG C 109 16.99 -29.67 6.22
C ARG C 109 16.67 -29.45 7.70
N ALA C 110 17.00 -28.27 8.22
CA ALA C 110 16.71 -27.98 9.64
C ALA C 110 15.22 -28.01 9.91
N LEU C 111 14.42 -27.45 8.99
CA LEU C 111 12.98 -27.46 9.14
C LEU C 111 12.46 -28.90 9.26
N ALA C 112 12.93 -29.78 8.38
CA ALA C 112 12.53 -31.17 8.46
C ALA C 112 12.94 -31.79 9.79
N ASP C 113 14.16 -31.50 10.24
CA ASP C 113 14.64 -32.02 11.52
C ASP C 113 13.74 -31.54 12.65
N ARG C 114 13.33 -30.27 12.60
CA ARG C 114 12.47 -29.74 13.65
C ARG C 114 11.12 -30.45 13.70
N VAL C 115 10.48 -30.65 12.54
CA VAL C 115 9.18 -31.32 12.56
C VAL C 115 9.32 -32.72 13.13
N ASP C 116 10.37 -33.42 12.74
CA ASP C 116 10.61 -34.75 13.30
C ASP C 116 10.81 -34.66 14.81
N THR C 117 11.63 -33.70 15.26
CA THR C 117 11.92 -33.57 16.68
C THR C 117 10.67 -33.26 17.49
N GLU C 118 9.85 -32.33 17.01
CA GLU C 118 8.70 -31.90 17.80
C GLU C 118 7.51 -32.83 17.67
N GLN C 119 7.33 -33.49 16.51
CA GLN C 119 6.09 -34.22 16.26
C GLN C 119 6.29 -35.68 15.92
N GLY C 120 7.45 -36.03 15.36
CA GLY C 120 7.67 -37.40 14.93
C GLY C 120 6.84 -37.84 13.75
N ARG C 121 6.17 -36.92 13.06
CA ARG C 121 5.32 -37.31 11.93
C ARG C 121 5.02 -36.08 11.09
N LEU C 122 4.59 -36.33 9.86
CA LEU C 122 4.11 -35.27 8.98
C LEU C 122 3.03 -35.86 8.11
N ASP C 123 1.79 -35.36 8.24
CA ASP C 123 0.67 -35.93 7.51
C ASP C 123 0.42 -35.24 6.18
N VAL C 124 0.64 -33.94 6.12
CA VAL C 124 0.25 -33.12 4.96
C VAL C 124 1.37 -32.14 4.67
N LEU C 125 1.86 -32.16 3.43
CA LEU C 125 2.85 -31.21 2.97
C LEU C 125 2.23 -30.42 1.82
N VAL C 126 2.21 -29.09 1.94
CA VAL C 126 1.69 -28.21 0.90
C VAL C 126 2.86 -27.39 0.38
N ASN C 127 3.26 -27.64 -0.86
CA ASN C 127 4.33 -26.88 -1.50
C ASN C 127 3.68 -25.72 -2.20
N ASP C 128 3.55 -24.62 -1.49
CA ASP C 128 2.86 -23.46 -2.01
C ASP C 128 3.80 -22.41 -2.58
N VAL C 129 5.07 -22.41 -2.17
CA VAL C 129 6.06 -21.38 -2.53
C VAL C 129 5.96 -20.98 -3.99
N TRP C 130 5.73 -19.69 -4.24
CA TRP C 130 5.71 -19.18 -5.60
C TRP C 130 6.66 -17.99 -5.67
N GLY C 131 6.27 -16.85 -5.09
CA GLY C 131 7.13 -15.70 -5.00
C GLY C 131 7.38 -14.95 -6.29
N GLY C 132 6.68 -15.28 -7.37
CA GLY C 132 6.96 -14.70 -8.66
C GLY C 132 5.98 -13.64 -9.14
N GLU C 133 5.04 -13.19 -8.30
CA GLU C 133 3.97 -12.31 -8.76
C GLU C 133 4.50 -11.00 -9.33
N ARG C 134 5.64 -10.51 -8.85
CA ARG C 134 6.20 -9.28 -9.39
C ARG C 134 7.23 -9.51 -10.49
N LEU C 135 7.54 -10.77 -10.81
CA LEU C 135 8.64 -11.02 -11.73
C LEU C 135 8.19 -11.38 -13.14
N PHE C 136 6.99 -11.96 -13.31
CA PHE C 136 6.58 -12.30 -14.65
C PHE C 136 6.02 -11.09 -15.38
N GLU C 137 6.10 -11.11 -16.71
CA GLU C 137 5.63 -10.00 -17.54
C GLU C 137 4.55 -10.53 -18.46
N PHE C 138 3.37 -9.95 -18.38
CA PHE C 138 2.26 -10.47 -19.17
C PHE C 138 2.47 -10.11 -20.64
N ASP C 139 2.23 -11.08 -21.51
CA ASP C 139 2.18 -10.87 -22.95
C ASP C 139 3.48 -10.25 -23.49
N LYS C 140 4.61 -10.72 -22.98
CA LYS C 140 5.93 -10.44 -23.55
C LYS C 140 6.49 -11.76 -24.04
N LYS C 141 7.09 -11.75 -25.24
CA LYS C 141 7.77 -12.93 -25.73
C LYS C 141 9.03 -13.19 -24.91
N VAL C 142 9.60 -14.40 -25.07
CA VAL C 142 10.72 -14.77 -24.21
C VAL C 142 11.93 -13.88 -24.46
N TRP C 143 12.09 -13.38 -25.69
CA TRP C 143 13.18 -12.45 -25.97
C TRP C 143 12.89 -11.02 -25.55
N GLU C 144 11.63 -10.69 -25.25
CA GLU C 144 11.27 -9.37 -24.72
C GLU C 144 11.24 -9.36 -23.21
N HIS C 145 10.86 -10.47 -22.61
CA HIS C 145 10.82 -10.62 -21.16
C HIS C 145 12.18 -10.31 -20.56
N ASP C 146 12.20 -9.62 -19.42
CA ASP C 146 13.47 -9.47 -18.71
C ASP C 146 14.01 -10.86 -18.35
N LEU C 147 15.27 -11.10 -18.71
CA LEU C 147 15.82 -12.46 -18.57
C LEU C 147 16.11 -12.80 -17.11
N ASP C 148 16.78 -11.89 -16.38
CA ASP C 148 17.10 -12.15 -14.99
C ASP C 148 15.83 -12.43 -14.17
N ALA C 149 14.79 -11.64 -14.40
CA ALA C 149 13.53 -11.86 -13.70
C ALA C 149 12.93 -13.22 -14.07
N GLY C 150 13.00 -13.59 -15.34
CA GLY C 150 12.45 -14.88 -15.75
C GLY C 150 13.20 -16.04 -15.13
N LEU C 151 14.54 -15.97 -15.12
CA LEU C 151 15.33 -17.03 -14.49
C LEU C 151 15.07 -17.10 -13.00
N ARG C 152 14.94 -15.93 -12.36
CA ARG C 152 14.68 -15.89 -10.93
C ARG C 152 13.34 -16.52 -10.59
N LEU C 153 12.31 -16.21 -11.37
CA LEU C 153 10.99 -16.73 -11.08
C LEU C 153 10.94 -18.24 -11.24
N MET C 154 11.71 -18.78 -12.19
CA MET C 154 11.75 -20.23 -12.34
C MET C 154 12.47 -20.88 -11.17
N ARG C 155 13.54 -20.24 -10.69
CA ARG C 155 14.23 -20.77 -9.53
C ARG C 155 13.31 -20.77 -8.30
N LEU C 156 12.59 -19.67 -8.07
CA LEU C 156 11.69 -19.58 -6.92
C LEU C 156 10.50 -20.55 -7.04
N GLY C 157 9.96 -20.70 -8.25
CA GLY C 157 8.75 -21.48 -8.42
C GLY C 157 8.97 -22.98 -8.51
N VAL C 158 10.17 -23.41 -8.90
CA VAL C 158 10.47 -24.84 -9.13
C VAL C 158 11.44 -25.38 -8.09
N ASP C 159 12.62 -24.75 -7.95
CA ASP C 159 13.64 -25.34 -7.07
C ASP C 159 13.18 -25.41 -5.62
N THR C 160 12.38 -24.44 -5.17
CA THR C 160 11.89 -24.50 -3.81
C THR C 160 11.05 -25.75 -3.56
N HIS C 161 10.26 -26.15 -4.56
CA HIS C 161 9.43 -27.34 -4.38
C HIS C 161 10.29 -28.59 -4.38
N ALA C 162 11.31 -28.63 -5.24
CA ALA C 162 12.22 -29.76 -5.27
C ALA C 162 12.94 -29.94 -3.93
N ILE C 163 13.47 -28.83 -3.40
CA ILE C 163 14.21 -28.87 -2.14
C ILE C 163 13.31 -29.29 -1.01
N SER C 164 12.09 -28.76 -0.98
CA SER C 164 11.14 -29.13 0.06
C SER C 164 10.84 -30.63 0.05
N SER C 165 10.49 -31.15 -1.13
CA SER C 165 10.19 -32.58 -1.23
C SER C 165 11.39 -33.42 -0.85
N HIS C 166 12.58 -33.00 -1.29
CA HIS C 166 13.79 -33.74 -0.98
C HIS C 166 13.95 -33.91 0.53
N PHE C 167 13.66 -32.88 1.32
CA PHE C 167 13.96 -32.93 2.75
C PHE C 167 12.78 -33.34 3.62
N LEU C 168 11.54 -33.09 3.19
CA LEU C 168 10.39 -33.35 4.04
C LEU C 168 9.67 -34.65 3.73
N LEU C 169 9.84 -35.20 2.53
CA LEU C 169 9.12 -36.43 2.21
C LEU C 169 9.59 -37.64 3.04
N PRO C 170 10.86 -37.78 3.45
CA PRO C 170 11.23 -38.95 4.27
C PRO C 170 10.35 -39.10 5.51
N LEU C 171 10.11 -37.99 6.23
CA LEU C 171 9.20 -38.05 7.36
C LEU C 171 7.78 -38.38 6.91
N LEU C 172 7.36 -37.84 5.77
CA LEU C 172 5.99 -38.03 5.32
C LEU C 172 5.74 -39.48 4.91
N VAL C 173 6.75 -40.17 4.35
CA VAL C 173 6.55 -41.55 3.92
C VAL C 173 6.88 -42.54 5.04
N ARG C 174 7.21 -42.07 6.24
CA ARG C 174 7.53 -42.98 7.33
C ARG C 174 6.37 -43.90 7.67
N ARG C 175 5.13 -43.48 7.45
CA ARG C 175 3.99 -44.34 7.59
C ARG C 175 2.97 -44.00 6.49
N PRO C 176 2.10 -44.95 6.15
CA PRO C 176 1.15 -44.68 5.06
C PRO C 176 0.13 -43.61 5.41
N GLY C 177 -0.47 -43.04 4.36
CA GLY C 177 -1.49 -42.04 4.50
C GLY C 177 -1.04 -40.60 4.30
N GLY C 178 0.23 -40.36 3.98
CA GLY C 178 0.69 -39.00 3.76
C GLY C 178 0.10 -38.39 2.50
N LEU C 179 0.05 -37.06 2.49
CA LEU C 179 -0.52 -36.31 1.37
C LEU C 179 0.39 -35.13 1.07
N VAL C 180 0.77 -34.98 -0.20
CA VAL C 180 1.51 -33.83 -0.68
C VAL C 180 0.63 -33.08 -1.66
N VAL C 181 0.52 -31.77 -1.49
CA VAL C 181 -0.23 -30.93 -2.41
C VAL C 181 0.74 -29.95 -3.07
N GLU C 182 0.86 -30.06 -4.39
CA GLU C 182 1.65 -29.11 -5.19
C GLU C 182 0.75 -28.00 -5.70
N MET C 183 1.09 -26.74 -5.43
CA MET C 183 0.25 -25.60 -5.80
C MET C 183 0.70 -24.99 -7.13
N THR C 184 -0.22 -24.90 -8.09
CA THR C 184 0.10 -24.35 -9.40
C THR C 184 -1.02 -23.40 -9.81
N ASP C 185 -0.95 -22.95 -11.06
CA ASP C 185 -1.96 -22.10 -11.69
C ASP C 185 -2.45 -22.87 -12.92
N GLY C 186 -3.71 -23.26 -12.91
CA GLY C 186 -4.31 -23.97 -14.02
C GLY C 186 -4.39 -25.47 -13.77
N THR C 187 -5.29 -26.12 -14.51
CA THR C 187 -5.38 -27.58 -14.53
C THR C 187 -4.58 -28.13 -15.70
N ALA C 188 -4.30 -29.43 -15.66
CA ALA C 188 -3.64 -30.07 -16.79
C ALA C 188 -4.46 -29.89 -18.07
N ALA C 189 -5.79 -30.01 -17.96
CA ALA C 189 -6.64 -29.86 -19.13
C ALA C 189 -6.59 -28.44 -19.69
N TYR C 190 -6.69 -27.44 -18.82
CA TYR C 190 -6.64 -26.07 -19.29
C TYR C 190 -5.25 -25.73 -19.83
N ASN C 191 -4.20 -25.98 -19.04
CA ASN C 191 -2.87 -25.56 -19.45
C ASN C 191 -2.40 -26.32 -20.69
N GLY C 192 -2.87 -27.56 -20.87
CA GLY C 192 -2.53 -28.32 -22.07
C GLY C 192 -2.98 -27.66 -23.36
N SER C 193 -3.98 -26.79 -23.31
CA SER C 193 -4.44 -26.13 -24.53
C SER C 193 -4.33 -24.61 -24.46
N HIS C 194 -3.66 -24.07 -23.43
CA HIS C 194 -3.53 -22.63 -23.28
C HIS C 194 -2.10 -22.26 -22.93
N TYR C 195 -1.51 -21.37 -23.70
CA TYR C 195 -0.30 -20.65 -23.31
C TYR C 195 -0.59 -19.77 -22.10
N ARG C 196 0.21 -19.88 -21.05
CA ARG C 196 -0.10 -19.23 -19.77
C ARG C 196 0.82 -18.03 -19.53
N ASN C 197 0.33 -16.83 -19.87
CA ASN C 197 0.93 -15.54 -19.55
C ASN C 197 2.20 -15.22 -20.32
N SER C 198 3.26 -15.99 -20.09
CA SER C 198 4.55 -15.74 -20.74
C SER C 198 5.45 -16.94 -20.46
N TYR C 199 6.63 -16.95 -21.11
CA TYR C 199 7.43 -18.17 -21.19
C TYR C 199 7.78 -18.72 -19.80
N PHE C 200 8.33 -17.88 -18.95
CA PHE C 200 8.86 -18.39 -17.68
C PHE C 200 7.73 -18.83 -16.76
N TYR C 201 6.72 -17.98 -16.62
CA TYR C 201 5.52 -18.33 -15.86
C TYR C 201 4.94 -19.66 -16.34
N ASP C 202 4.78 -19.80 -17.65
CA ASP C 202 4.17 -21.01 -18.19
C ASP C 202 5.00 -22.25 -17.83
N LEU C 203 6.32 -22.16 -17.95
CA LEU C 203 7.13 -23.35 -17.63
C LEU C 203 6.98 -23.74 -16.17
N VAL C 204 6.94 -22.75 -15.26
CA VAL C 204 6.79 -23.08 -13.85
C VAL C 204 5.47 -23.82 -13.62
N LYS C 205 4.35 -23.25 -14.09
CA LYS C 205 3.07 -23.86 -13.75
C LYS C 205 2.97 -25.27 -14.30
N ASN C 206 3.57 -25.52 -15.44
CA ASN C 206 3.48 -26.84 -16.04
C ASN C 206 4.47 -27.82 -15.41
N SER C 207 5.60 -27.33 -14.89
CA SER C 207 6.49 -28.19 -14.11
C SER C 207 5.83 -28.64 -12.81
N VAL C 208 5.11 -27.75 -12.14
CA VAL C 208 4.47 -28.12 -10.89
C VAL C 208 3.35 -29.14 -11.16
N LEU C 209 2.63 -29.00 -12.27
CA LEU C 209 1.71 -30.06 -12.66
C LEU C 209 2.43 -31.40 -12.79
N ARG C 210 3.60 -31.40 -13.43
CA ARG C 210 4.37 -32.65 -13.60
C ARG C 210 4.86 -33.18 -12.26
N MET C 211 5.22 -32.29 -11.33
CA MET C 211 5.64 -32.73 -10.02
C MET C 211 4.58 -33.59 -9.33
N GLY C 212 3.31 -33.22 -9.44
CA GLY C 212 2.27 -34.05 -8.85
C GLY C 212 2.27 -35.45 -9.44
N TYR C 213 2.45 -35.56 -10.75
CA TYR C 213 2.52 -36.86 -11.41
C TYR C 213 3.75 -37.64 -10.96
N VAL C 214 4.90 -36.98 -10.90
CA VAL C 214 6.14 -37.64 -10.54
C VAL C 214 6.10 -38.12 -9.09
N LEU C 215 5.65 -37.24 -8.18
CA LEU C 215 5.63 -37.61 -6.77
C LEU C 215 4.62 -38.70 -6.49
N ALA C 216 3.52 -38.73 -7.23
CA ALA C 216 2.54 -39.81 -7.06
C ALA C 216 3.18 -41.16 -7.34
N HIS C 217 4.05 -41.21 -8.36
CA HIS C 217 4.76 -42.46 -8.64
C HIS C 217 5.69 -42.83 -7.49
N GLU C 218 6.39 -41.85 -6.93
CA GLU C 218 7.37 -42.15 -5.89
C GLU C 218 6.71 -42.48 -4.55
N LEU C 219 5.52 -41.91 -4.27
CA LEU C 219 4.90 -42.05 -2.96
C LEU C 219 3.98 -43.24 -2.84
N GLU C 220 3.39 -43.67 -3.95
CA GLU C 220 2.40 -44.73 -3.88
C GLU C 220 2.91 -45.99 -3.20
N PRO C 221 4.15 -46.44 -3.39
CA PRO C 221 4.61 -47.64 -2.65
C PRO C 221 4.61 -47.46 -1.15
N TYR C 222 4.56 -46.23 -0.66
CA TYR C 222 4.56 -45.92 0.76
C TYR C 222 3.18 -45.60 1.29
N GLY C 223 2.15 -45.74 0.46
CA GLY C 223 0.83 -45.31 0.83
C GLY C 223 0.66 -43.82 0.88
N GLY C 224 1.55 -43.07 0.24
CA GLY C 224 1.44 -41.64 0.17
C GLY C 224 0.74 -41.23 -1.11
N THR C 225 0.17 -40.01 -1.10
CA THR C 225 -0.60 -39.46 -2.21
C THR C 225 -0.08 -38.08 -2.57
N ALA C 226 0.03 -37.79 -3.86
CA ALA C 226 0.39 -36.45 -4.31
C ALA C 226 -0.64 -35.97 -5.31
N VAL C 227 -1.02 -34.70 -5.19
CA VAL C 227 -1.90 -34.07 -6.18
C VAL C 227 -1.33 -32.69 -6.50
N THR C 228 -1.67 -32.18 -7.67
CA THR C 228 -1.41 -30.80 -8.00
C THR C 228 -2.74 -30.06 -7.99
N LEU C 229 -2.76 -28.93 -7.29
CA LEU C 229 -3.98 -28.17 -7.05
C LEU C 229 -3.80 -26.74 -7.54
N THR C 230 -4.82 -26.21 -8.22
CA THR C 230 -4.85 -24.79 -8.56
C THR C 230 -6.03 -24.08 -7.90
N PRO C 231 -5.86 -22.84 -7.47
CA PRO C 231 -7.02 -22.01 -7.14
C PRO C 231 -7.67 -21.53 -8.43
N GLY C 232 -8.78 -20.80 -8.28
CA GLY C 232 -9.37 -20.08 -9.39
C GLY C 232 -8.78 -18.69 -9.43
N TRP C 233 -9.58 -17.67 -9.72
CA TRP C 233 -9.09 -16.29 -9.70
C TRP C 233 -9.20 -15.80 -8.26
N MET C 234 -8.06 -15.76 -7.57
CA MET C 234 -8.02 -15.64 -6.12
C MET C 234 -7.97 -14.19 -5.69
N ARG C 235 -8.80 -13.81 -4.72
CA ARG C 235 -8.76 -12.46 -4.15
C ARG C 235 -7.68 -12.38 -3.07
N SER C 236 -6.44 -12.55 -3.50
CA SER C 236 -5.30 -12.42 -2.61
C SER C 236 -5.13 -10.96 -2.19
N GLU C 237 -4.30 -10.76 -1.16
CA GLU C 237 -4.01 -9.41 -0.70
C GLU C 237 -3.47 -8.56 -1.84
N MET C 238 -2.53 -9.11 -2.61
CA MET C 238 -1.92 -8.38 -3.73
C MET C 238 -2.94 -8.10 -4.82
N MET C 239 -3.79 -9.07 -5.12
CA MET C 239 -4.78 -8.89 -6.18
C MET C 239 -5.75 -7.77 -5.82
N LEU C 240 -6.29 -7.78 -4.59
CA LEU C 240 -7.22 -6.74 -4.17
C LEU C 240 -6.58 -5.36 -4.19
N GLU C 241 -5.30 -5.27 -3.85
CA GLU C 241 -4.60 -3.99 -3.89
C GLU C 241 -4.45 -3.49 -5.33
N THR C 242 -4.06 -4.38 -6.25
CA THR C 242 -4.01 -4.02 -7.66
C THR C 242 -5.34 -3.45 -8.15
N LEU C 243 -6.46 -4.01 -7.69
CA LEU C 243 -7.78 -3.57 -8.12
C LEU C 243 -8.32 -2.41 -7.28
N GLY C 244 -7.60 -1.99 -6.25
CA GLY C 244 -8.05 -0.88 -5.44
C GLY C 244 -9.26 -1.17 -4.58
N VAL C 245 -9.46 -2.43 -4.17
CA VAL C 245 -10.61 -2.73 -3.32
C VAL C 245 -10.18 -3.61 -2.15
N THR C 246 -11.03 -3.65 -1.13
CA THR C 246 -10.90 -4.58 -0.03
C THR C 246 -11.80 -5.78 -0.26
N GLU C 247 -11.59 -6.83 0.55
CA GLU C 247 -12.43 -8.01 0.42
C GLU C 247 -13.89 -7.68 0.66
N GLU C 248 -14.18 -6.75 1.56
CA GLU C 248 -15.56 -6.47 1.95
C GLU C 248 -16.35 -5.78 0.83
N ASN C 249 -15.69 -5.12 -0.11
CA ASN C 249 -16.38 -4.55 -1.26
C ASN C 249 -15.67 -4.93 -2.55
N TRP C 250 -15.34 -6.22 -2.68
CA TRP C 250 -14.60 -6.65 -3.85
C TRP C 250 -15.39 -6.47 -5.13
N ARG C 251 -16.72 -6.56 -5.07
CA ARG C 251 -17.48 -6.39 -6.31
C ARG C 251 -17.47 -4.95 -6.83
N ASP C 252 -16.94 -3.99 -6.06
CA ASP C 252 -16.71 -2.65 -6.60
C ASP C 252 -15.74 -2.66 -7.78
N ALA C 253 -14.90 -3.69 -7.88
CA ALA C 253 -13.95 -3.75 -8.98
C ALA C 253 -14.58 -4.23 -10.28
N LEU C 254 -15.85 -4.69 -10.26
CA LEU C 254 -16.43 -5.29 -11.45
C LEU C 254 -16.61 -4.29 -12.59
N THR C 255 -16.77 -3.01 -12.28
CA THR C 255 -16.87 -2.04 -13.37
C THR C 255 -15.56 -1.98 -14.17
N GLU C 256 -14.43 -2.16 -13.50
CA GLU C 256 -13.13 -2.13 -14.17
C GLU C 256 -12.78 -3.49 -14.77
N VAL C 257 -13.08 -4.57 -14.08
CA VAL C 257 -12.71 -5.92 -14.51
C VAL C 257 -13.95 -6.80 -14.42
N PRO C 258 -14.83 -6.77 -15.42
CA PRO C 258 -16.12 -7.47 -15.27
C PRO C 258 -15.98 -8.97 -15.05
N HIS C 259 -15.01 -9.63 -15.67
CA HIS C 259 -14.88 -11.07 -15.48
C HIS C 259 -14.34 -11.45 -14.11
N PHE C 260 -13.97 -10.47 -13.27
CA PHE C 260 -13.66 -10.72 -11.88
C PHE C 260 -14.87 -11.26 -11.11
N CYS C 261 -16.06 -11.29 -11.72
CA CYS C 261 -17.27 -11.83 -11.09
C CYS C 261 -17.16 -13.33 -10.82
N ILE C 262 -16.15 -14.01 -11.37
CA ILE C 262 -15.92 -15.43 -11.08
C ILE C 262 -14.97 -15.64 -9.90
N SER C 263 -14.44 -14.58 -9.29
CA SER C 263 -13.35 -14.71 -8.34
C SER C 263 -13.79 -15.37 -7.04
N GLU C 264 -12.79 -15.83 -6.28
CA GLU C 264 -12.98 -16.56 -5.03
C GLU C 264 -12.01 -16.01 -3.99
N SER C 265 -12.36 -16.17 -2.70
CA SER C 265 -11.38 -15.81 -1.67
C SER C 265 -10.30 -16.89 -1.58
N PRO C 266 -9.11 -16.54 -1.06
CA PRO C 266 -8.07 -17.56 -0.87
C PRO C 266 -8.50 -18.70 0.05
N SER C 267 -9.49 -18.47 0.92
CA SER C 267 -9.95 -19.53 1.82
C SER C 267 -10.61 -20.68 1.09
N TYR C 268 -11.08 -20.43 -0.14
CA TYR C 268 -11.71 -21.49 -0.93
C TYR C 268 -10.72 -22.58 -1.26
N VAL C 269 -9.56 -22.22 -1.80
CA VAL C 269 -8.55 -23.25 -2.09
C VAL C 269 -8.02 -23.81 -0.77
N GLY C 270 -8.03 -23.01 0.30
CA GLY C 270 -7.70 -23.55 1.62
C GLY C 270 -8.64 -24.66 2.04
N ARG C 271 -9.95 -24.46 1.83
CA ARG C 271 -10.90 -25.52 2.15
C ARG C 271 -10.75 -26.71 1.21
N ALA C 272 -10.30 -26.48 -0.03
CA ALA C 272 -10.01 -27.61 -0.91
C ALA C 272 -8.90 -28.48 -0.34
N VAL C 273 -7.83 -27.87 0.17
CA VAL C 273 -6.75 -28.65 0.77
C VAL C 273 -7.25 -29.39 2.00
N ALA C 274 -8.01 -28.70 2.86
CA ALA C 274 -8.52 -29.36 4.06
C ALA C 274 -9.41 -30.56 3.70
N ALA C 275 -10.19 -30.45 2.63
CA ALA C 275 -11.05 -31.54 2.21
C ALA C 275 -10.23 -32.74 1.76
N LEU C 276 -9.16 -32.50 1.00
CA LEU C 276 -8.27 -33.59 0.62
C LEU C 276 -7.65 -34.21 1.87
N ALA C 277 -7.16 -33.36 2.77
CA ALA C 277 -6.50 -33.84 3.98
C ALA C 277 -7.45 -34.67 4.84
N GLY C 278 -8.74 -34.40 4.78
CA GLY C 278 -9.70 -35.13 5.57
C GLY C 278 -10.32 -36.34 4.91
N ASP C 279 -9.95 -36.62 3.65
CA ASP C 279 -10.55 -37.70 2.87
C ASP C 279 -9.78 -38.98 3.17
N ALA C 280 -10.44 -39.94 3.85
CA ALA C 280 -9.78 -41.22 4.11
C ALA C 280 -9.36 -41.92 2.83
N ASP C 281 -10.07 -41.68 1.74
CA ASP C 281 -9.76 -42.28 0.44
C ASP C 281 -9.10 -41.27 -0.50
N VAL C 282 -8.26 -40.38 0.04
CA VAL C 282 -7.65 -39.35 -0.80
C VAL C 282 -6.75 -39.94 -1.87
N ALA C 283 -6.28 -41.19 -1.69
CA ALA C 283 -5.45 -41.81 -2.72
C ALA C 283 -6.17 -41.92 -4.06
N ARG C 284 -7.50 -41.83 -4.09
CA ARG C 284 -8.21 -41.86 -5.37
C ARG C 284 -7.79 -40.73 -6.30
N TRP C 285 -7.18 -39.67 -5.77
CA TRP C 285 -6.72 -38.53 -6.57
C TRP C 285 -5.25 -38.63 -6.97
N ASN C 286 -4.55 -39.69 -6.58
CA ASN C 286 -3.10 -39.73 -6.68
C ASN C 286 -2.66 -39.40 -8.09
N GLY C 287 -1.74 -38.45 -8.23
CA GLY C 287 -1.21 -38.09 -9.52
C GLY C 287 -2.04 -37.12 -10.32
N GLN C 288 -3.23 -36.75 -9.85
CA GLN C 288 -4.11 -35.93 -10.68
C GLN C 288 -3.88 -34.44 -10.46
N SER C 289 -4.30 -33.69 -11.48
CA SER C 289 -4.44 -32.25 -11.41
C SER C 289 -5.87 -31.92 -11.03
N VAL C 290 -6.04 -31.07 -10.03
CA VAL C 290 -7.36 -30.70 -9.53
C VAL C 290 -7.42 -29.18 -9.35
N SER C 291 -8.65 -28.66 -9.24
CA SER C 291 -8.89 -27.25 -9.03
C SER C 291 -9.76 -27.07 -7.80
N SER C 292 -9.69 -25.87 -7.20
CA SER C 292 -10.55 -25.58 -6.06
C SER C 292 -12.02 -25.71 -6.44
N GLY C 293 -12.39 -25.27 -7.65
CA GLY C 293 -13.80 -25.35 -8.04
C GLY C 293 -14.28 -26.77 -8.27
N GLN C 294 -13.42 -27.61 -8.87
CA GLN C 294 -13.75 -29.02 -9.02
C GLN C 294 -13.92 -29.68 -7.66
N LEU C 295 -13.03 -29.39 -6.72
CA LEU C 295 -13.12 -30.07 -5.43
C LEU C 295 -14.29 -29.57 -4.60
N ALA C 296 -14.69 -28.31 -4.76
CA ALA C 296 -15.89 -27.84 -4.06
C ALA C 296 -17.12 -28.62 -4.51
N GLN C 297 -17.23 -28.92 -5.81
CA GLN C 297 -18.31 -29.76 -6.30
C GLN C 297 -18.20 -31.18 -5.74
N GLU C 298 -16.97 -31.69 -5.64
CA GLU C 298 -16.78 -33.06 -5.20
C GLU C 298 -17.09 -33.24 -3.71
N TYR C 299 -16.62 -32.30 -2.88
CA TYR C 299 -16.70 -32.44 -1.44
C TYR C 299 -17.82 -31.62 -0.80
N GLY C 300 -18.31 -30.59 -1.47
CA GLY C 300 -19.43 -29.83 -0.96
C GLY C 300 -19.09 -28.61 -0.13
N PHE C 301 -17.82 -28.31 0.09
CA PHE C 301 -17.50 -27.08 0.79
C PHE C 301 -17.85 -25.86 -0.09
N THR C 302 -17.87 -24.69 0.53
CA THR C 302 -18.11 -23.45 -0.20
C THR C 302 -17.02 -22.45 0.13
N ASP C 303 -17.01 -21.35 -0.60
CA ASP C 303 -16.23 -20.21 -0.17
C ASP C 303 -16.88 -19.60 1.09
N LEU C 304 -16.18 -18.65 1.69
CA LEU C 304 -16.70 -18.03 2.91
C LEU C 304 -18.08 -17.41 2.70
N ASP C 305 -18.38 -16.94 1.49
CA ASP C 305 -19.67 -16.32 1.19
C ASP C 305 -20.74 -17.32 0.77
N GLY C 306 -20.49 -18.61 0.89
CA GLY C 306 -21.46 -19.62 0.53
C GLY C 306 -21.49 -20.02 -0.93
N SER C 307 -20.66 -19.42 -1.78
CA SER C 307 -20.70 -19.75 -3.20
C SER C 307 -19.66 -20.82 -3.54
N ARG C 308 -19.70 -21.30 -4.79
CA ARG C 308 -18.76 -22.31 -5.28
C ARG C 308 -18.26 -21.93 -6.66
N PRO C 309 -17.39 -20.92 -6.75
CA PRO C 309 -16.85 -20.51 -8.06
C PRO C 309 -16.17 -21.65 -8.78
N ASP C 310 -16.36 -21.68 -10.11
CA ASP C 310 -15.81 -22.70 -11.00
C ASP C 310 -15.04 -21.95 -12.10
N CYS C 311 -13.85 -21.47 -11.72
CA CYS C 311 -13.10 -20.54 -12.57
C CYS C 311 -12.74 -21.15 -13.92
N TRP C 312 -12.24 -22.39 -13.92
CA TRP C 312 -11.65 -22.90 -15.14
C TRP C 312 -12.70 -23.27 -16.17
N ARG C 313 -13.89 -23.69 -15.73
CA ARG C 313 -14.98 -23.86 -16.69
C ARG C 313 -15.49 -22.52 -17.19
N TYR C 314 -15.59 -21.53 -16.30
CA TYR C 314 -16.01 -20.18 -16.69
C TYR C 314 -15.08 -19.58 -17.74
N LEU C 315 -13.77 -19.74 -17.55
CA LEU C 315 -12.82 -19.14 -18.49
C LEU C 315 -13.03 -19.66 -19.91
N VAL C 316 -13.31 -20.95 -20.04
CA VAL C 316 -13.47 -21.54 -21.35
C VAL C 316 -14.86 -21.24 -21.92
N GLU C 317 -15.90 -21.43 -21.10
CA GLU C 317 -17.26 -21.39 -21.62
C GLU C 317 -17.82 -19.99 -21.71
N VAL C 318 -17.27 -19.01 -20.97
CA VAL C 318 -17.81 -17.66 -21.01
C VAL C 318 -16.79 -16.70 -21.60
N GLN C 319 -15.67 -16.48 -20.88
CA GLN C 319 -14.78 -15.40 -21.27
C GLN C 319 -14.12 -15.69 -22.61
N GLU C 320 -13.55 -16.88 -22.77
CA GLU C 320 -12.87 -17.16 -24.03
C GLU C 320 -13.85 -17.40 -25.16
N ALA C 321 -15.10 -17.72 -24.85
CA ALA C 321 -16.12 -17.80 -25.88
C ALA C 321 -16.60 -16.43 -26.33
N GLY C 322 -16.07 -15.35 -25.75
CA GLY C 322 -16.48 -14.01 -26.15
C GLY C 322 -17.80 -13.56 -25.57
N LYS C 323 -18.35 -14.28 -24.61
CA LYS C 323 -19.61 -13.90 -23.98
C LYS C 323 -19.39 -12.81 -22.94
N PRO C 324 -20.41 -12.00 -22.66
CA PRO C 324 -20.26 -10.96 -21.64
C PRO C 324 -20.05 -11.58 -20.27
N ALA C 325 -19.34 -10.86 -19.41
CA ALA C 325 -19.12 -11.37 -18.06
C ALA C 325 -20.46 -11.63 -17.37
N ASP C 326 -20.60 -12.83 -16.83
CA ASP C 326 -21.86 -13.28 -16.22
C ASP C 326 -21.60 -14.54 -15.40
N PRO C 327 -21.72 -14.47 -14.07
CA PRO C 327 -21.36 -15.64 -13.24
C PRO C 327 -22.45 -16.70 -13.13
N SER C 328 -23.62 -16.49 -13.74
CA SER C 328 -24.73 -17.42 -13.57
C SER C 328 -24.33 -18.84 -13.97
N GLY C 329 -24.56 -19.79 -13.07
CA GLY C 329 -24.20 -21.17 -13.32
C GLY C 329 -22.75 -21.52 -13.03
N TYR C 330 -21.93 -20.56 -12.62
CA TYR C 330 -20.51 -20.82 -12.40
C TYR C 330 -20.04 -20.51 -10.98
N ARG C 331 -20.94 -20.18 -10.07
CA ARG C 331 -20.58 -19.97 -8.67
C ARG C 331 -21.80 -20.17 -7.79
N ALA D 29 -25.01 15.70 -33.43
CA ALA D 29 -23.71 16.33 -33.37
C ALA D 29 -22.64 15.35 -32.88
N PRO D 30 -21.46 15.40 -33.49
CA PRO D 30 -20.39 14.46 -33.10
C PRO D 30 -19.92 14.70 -31.67
N ASP D 31 -19.59 13.61 -30.99
CA ASP D 31 -19.01 13.63 -29.65
C ASP D 31 -17.55 13.22 -29.74
N LEU D 32 -16.64 14.18 -29.58
CA LEU D 32 -15.22 13.91 -29.71
C LEU D 32 -14.47 13.99 -28.38
N ARG D 33 -15.18 13.90 -27.26
CA ARG D 33 -14.50 13.87 -25.97
C ARG D 33 -13.57 12.68 -25.91
N GLY D 34 -12.38 12.91 -25.37
CA GLY D 34 -11.34 11.89 -25.35
C GLY D 34 -10.52 11.81 -26.62
N LYS D 35 -10.92 12.48 -27.71
CA LYS D 35 -10.13 12.47 -28.93
C LYS D 35 -9.03 13.52 -28.85
N ILE D 36 -7.88 13.18 -29.44
CA ILE D 36 -6.75 14.10 -29.55
C ILE D 36 -6.64 14.49 -31.02
N ALA D 37 -6.70 15.79 -31.29
CA ALA D 37 -6.59 16.30 -32.63
C ALA D 37 -5.47 17.33 -32.68
N LEU D 38 -4.91 17.50 -33.88
CA LEU D 38 -3.95 18.55 -34.15
C LEU D 38 -4.34 19.19 -35.48
N VAL D 39 -4.50 20.51 -35.47
CA VAL D 39 -4.74 21.26 -36.70
C VAL D 39 -3.46 22.05 -36.97
N ALA D 40 -2.73 21.64 -38.01
CA ALA D 40 -1.51 22.33 -38.40
C ALA D 40 -1.89 23.54 -39.23
N GLY D 41 -1.57 24.72 -38.73
CA GLY D 41 -1.96 25.98 -39.36
C GLY D 41 -3.36 26.40 -38.93
N ALA D 42 -3.50 26.86 -37.68
CA ALA D 42 -4.82 27.09 -37.09
C ALA D 42 -5.00 28.50 -36.55
N THR D 43 -4.18 29.45 -37.02
CA THR D 43 -4.26 30.81 -36.50
C THR D 43 -5.57 31.48 -36.91
N ARG D 44 -6.04 31.23 -38.12
CA ARG D 44 -7.20 31.95 -38.67
C ARG D 44 -7.77 31.09 -39.79
N GLY D 45 -8.77 31.62 -40.49
CA GLY D 45 -9.35 30.97 -41.65
C GLY D 45 -9.97 29.63 -41.30
N ALA D 46 -9.89 28.70 -42.24
CA ALA D 46 -10.44 27.37 -41.99
C ALA D 46 -9.75 26.71 -40.82
N GLY D 47 -8.42 26.90 -40.70
CA GLY D 47 -7.68 26.24 -39.65
C GLY D 47 -8.23 26.54 -38.27
N ARG D 48 -8.39 27.83 -37.96
CA ARG D 48 -8.99 28.20 -36.67
C ARG D 48 -10.38 27.60 -36.51
N ALA D 49 -11.22 27.73 -37.54
CA ALA D 49 -12.61 27.29 -37.38
C ALA D 49 -12.69 25.77 -37.27
N ILE D 50 -11.82 25.05 -37.97
CA ILE D 50 -11.77 23.59 -37.81
C ILE D 50 -11.38 23.22 -36.38
N ALA D 51 -10.35 23.90 -35.85
CA ALA D 51 -9.95 23.64 -34.47
C ALA D 51 -11.11 23.93 -33.50
N VAL D 52 -11.80 25.06 -33.69
CA VAL D 52 -12.88 25.44 -32.78
C VAL D 52 -14.02 24.45 -32.85
N GLN D 53 -14.42 24.03 -34.06
CA GLN D 53 -15.51 23.06 -34.17
C GLN D 53 -15.12 21.71 -33.60
N LEU D 54 -13.85 21.32 -33.71
CA LEU D 54 -13.40 20.11 -33.02
C LEU D 54 -13.49 20.30 -31.51
N GLY D 55 -13.12 21.48 -31.03
CA GLY D 55 -13.30 21.79 -29.62
C GLY D 55 -14.76 21.81 -29.20
N ALA D 56 -15.65 22.31 -30.07
CA ALA D 56 -17.08 22.33 -29.74
C ALA D 56 -17.63 20.93 -29.58
N ALA D 57 -17.04 19.95 -30.27
CA ALA D 57 -17.42 18.56 -30.09
C ALA D 57 -16.72 17.90 -28.91
N GLY D 58 -15.89 18.63 -28.18
CA GLY D 58 -15.27 18.13 -26.97
C GLY D 58 -13.83 17.69 -27.10
N ALA D 59 -13.19 17.91 -28.24
CA ALA D 59 -11.86 17.35 -28.42
C ALA D 59 -10.80 18.21 -27.74
N THR D 60 -9.69 17.57 -27.41
CA THR D 60 -8.45 18.28 -27.16
C THR D 60 -7.77 18.51 -28.52
N VAL D 61 -7.42 19.76 -28.82
CA VAL D 61 -6.92 20.16 -30.12
C VAL D 61 -5.61 20.90 -29.94
N TYR D 62 -4.51 20.32 -30.43
CA TYR D 62 -3.27 21.07 -30.59
C TYR D 62 -3.42 21.98 -31.82
N VAL D 63 -3.10 23.25 -31.65
CA VAL D 63 -3.25 24.22 -32.71
C VAL D 63 -1.90 24.89 -32.92
N THR D 64 -1.44 24.92 -34.17
CA THR D 64 -0.12 25.43 -34.50
C THR D 64 -0.21 26.56 -35.52
N GLY D 65 0.79 27.43 -35.48
CA GLY D 65 0.87 28.58 -36.36
C GLY D 65 2.06 29.40 -35.95
N ARG D 66 2.39 30.39 -36.78
CA ARG D 66 3.54 31.25 -36.53
C ARG D 66 3.17 32.52 -35.76
N THR D 67 1.95 33.04 -35.94
CA THR D 67 1.57 34.32 -35.33
C THR D 67 1.32 34.12 -33.84
N THR D 68 2.13 34.75 -33.00
CA THR D 68 1.91 34.73 -31.57
C THR D 68 1.61 36.13 -31.06
N ARG D 69 1.32 36.21 -29.76
CA ARG D 69 1.09 37.51 -29.15
C ARG D 69 2.37 38.34 -29.11
N GLU D 70 3.53 37.70 -29.26
CA GLU D 70 4.81 38.40 -29.26
C GLU D 70 5.23 38.84 -30.66
N ARG D 71 5.05 38.00 -31.67
CA ARG D 71 5.50 38.41 -32.99
C ARG D 71 4.53 37.99 -34.08
N ARG D 72 4.34 38.87 -35.06
CA ARG D 72 3.52 38.58 -36.22
C ARG D 72 4.25 37.69 -37.23
N SER D 73 3.46 37.09 -38.11
CA SER D 73 3.93 36.14 -39.10
C SER D 73 4.11 36.81 -40.45
N GLU D 74 4.61 36.03 -41.42
CA GLU D 74 4.70 36.45 -42.81
C GLU D 74 3.38 37.03 -43.31
N TYR D 75 2.25 36.57 -42.78
CA TYR D 75 0.95 37.10 -43.19
C TYR D 75 0.73 38.52 -42.72
N ASN D 76 1.38 38.93 -41.62
CA ASN D 76 1.23 40.27 -41.03
C ASN D 76 -0.24 40.57 -40.69
N ARG D 77 -0.83 39.71 -39.88
CA ARG D 77 -2.20 39.84 -39.40
C ARG D 77 -2.23 39.70 -37.89
N SER D 78 -3.36 40.09 -37.29
CA SER D 78 -3.45 40.22 -35.83
C SER D 78 -4.00 38.98 -35.13
N GLU D 79 -4.69 38.08 -35.83
CA GLU D 79 -5.13 36.85 -35.18
C GLU D 79 -3.91 36.05 -34.71
N THR D 80 -4.01 35.45 -33.53
CA THR D 80 -2.87 34.74 -32.96
C THR D 80 -3.21 33.29 -32.67
N ILE D 81 -2.17 32.45 -32.59
CA ILE D 81 -2.41 31.04 -32.33
C ILE D 81 -2.87 30.83 -30.89
N GLU D 82 -2.45 31.71 -29.96
CA GLU D 82 -2.95 31.61 -28.59
C GLU D 82 -4.45 31.87 -28.55
N GLU D 83 -4.92 32.83 -29.35
CA GLU D 83 -6.34 33.12 -29.36
C GLU D 83 -7.13 31.93 -29.90
N THR D 84 -6.61 31.25 -30.92
CA THR D 84 -7.31 30.04 -31.40
C THR D 84 -7.46 29.02 -30.28
N ALA D 85 -6.37 28.75 -29.55
CA ALA D 85 -6.43 27.77 -28.48
C ALA D 85 -7.48 28.18 -27.45
N GLU D 86 -7.53 29.47 -27.11
CA GLU D 86 -8.54 29.92 -26.15
C GLU D 86 -9.94 29.75 -26.71
N LEU D 87 -10.11 29.98 -28.01
CA LEU D 87 -11.42 29.78 -28.61
C LEU D 87 -11.82 28.30 -28.61
N VAL D 88 -10.84 27.40 -28.76
CA VAL D 88 -11.15 25.97 -28.67
C VAL D 88 -11.61 25.64 -27.26
N THR D 89 -10.95 26.18 -26.25
CA THR D 89 -11.35 25.92 -24.87
C THR D 89 -12.74 26.50 -24.60
N GLU D 90 -12.96 27.76 -24.95
CA GLU D 90 -14.27 28.38 -24.75
C GLU D 90 -15.38 27.57 -25.42
N ALA D 91 -15.11 27.00 -26.58
CA ALA D 91 -16.15 26.25 -27.26
C ALA D 91 -16.48 24.94 -26.58
N GLY D 92 -15.66 24.49 -25.62
CA GLY D 92 -15.99 23.28 -24.90
C GLY D 92 -14.97 22.17 -25.01
N GLY D 93 -13.80 22.49 -25.57
CA GLY D 93 -12.73 21.50 -25.66
C GLY D 93 -11.52 21.97 -24.89
N THR D 94 -10.33 21.52 -25.28
CA THR D 94 -9.07 22.02 -24.75
C THR D 94 -8.18 22.37 -25.92
N GLY D 95 -7.84 23.66 -26.06
CA GLY D 95 -6.89 24.10 -27.05
C GLY D 95 -5.53 24.25 -26.44
N ILE D 96 -4.53 23.65 -27.09
CA ILE D 96 -3.14 23.76 -26.68
C ILE D 96 -2.39 24.41 -27.83
N ALA D 97 -1.96 25.65 -27.65
CA ALA D 97 -1.22 26.37 -28.67
C ALA D 97 0.24 25.93 -28.67
N VAL D 98 0.76 25.58 -29.85
CA VAL D 98 2.19 25.31 -30.00
C VAL D 98 2.67 26.12 -31.17
N PRO D 99 3.21 27.33 -30.96
CA PRO D 99 3.79 28.09 -32.06
C PRO D 99 4.85 27.26 -32.78
N THR D 100 4.74 27.19 -34.10
CA THR D 100 5.51 26.27 -34.92
C THR D 100 5.62 26.88 -36.31
N ASP D 101 6.82 26.87 -36.88
CA ASP D 101 6.96 27.10 -38.32
C ASP D 101 7.00 25.72 -38.98
N HIS D 102 5.95 25.38 -39.72
CA HIS D 102 5.86 24.06 -40.30
C HIS D 102 6.82 23.86 -41.47
N LEU D 103 7.59 24.86 -41.85
CA LEU D 103 8.70 24.65 -42.77
C LEU D 103 9.99 24.27 -42.07
N VAL D 104 10.01 24.21 -40.74
CA VAL D 104 11.24 23.90 -40.00
C VAL D 104 11.13 22.50 -39.41
N PRO D 105 11.81 21.51 -40.00
CA PRO D 105 11.60 20.12 -39.57
C PRO D 105 11.81 19.91 -38.08
N GLU D 106 12.84 20.50 -37.51
CA GLU D 106 13.11 20.25 -36.09
C GLU D 106 11.98 20.77 -35.20
N GLN D 107 11.36 21.89 -35.57
CA GLN D 107 10.21 22.33 -34.75
C GLN D 107 9.02 21.38 -34.89
N VAL D 108 8.84 20.78 -36.06
CA VAL D 108 7.72 19.86 -36.24
C VAL D 108 8.03 18.52 -35.58
N ARG D 109 9.29 18.09 -35.58
CA ARG D 109 9.66 16.92 -34.79
C ARG D 109 9.33 17.12 -33.31
N ALA D 110 9.65 18.29 -32.77
CA ALA D 110 9.36 18.55 -31.36
C ALA D 110 7.87 18.53 -31.08
N LEU D 111 7.07 19.09 -31.99
CA LEU D 111 5.62 19.08 -31.85
C LEU D 111 5.09 17.66 -31.76
N ALA D 112 5.58 16.77 -32.64
CA ALA D 112 5.17 15.37 -32.57
C ALA D 112 5.59 14.74 -31.24
N ASP D 113 6.81 15.01 -30.80
CA ASP D 113 7.25 14.50 -29.50
C ASP D 113 6.35 14.98 -28.38
N ARG D 114 5.95 16.24 -28.44
CA ARG D 114 5.10 16.79 -27.39
C ARG D 114 3.76 16.08 -27.33
N VAL D 115 3.11 15.88 -28.48
CA VAL D 115 1.81 15.19 -28.47
C VAL D 115 1.97 13.79 -27.89
N ASP D 116 3.03 13.09 -28.27
CA ASP D 116 3.27 11.78 -27.69
C ASP D 116 3.47 11.90 -26.18
N THR D 117 4.28 12.87 -25.77
CA THR D 117 4.57 13.03 -24.34
C THR D 117 3.31 13.32 -23.54
N GLU D 118 2.48 14.25 -24.01
CA GLU D 118 1.35 14.70 -23.22
C GLU D 118 0.14 13.77 -23.34
N GLN D 119 -0.04 13.08 -24.47
CA GLN D 119 -1.28 12.34 -24.71
C GLN D 119 -1.04 10.88 -25.07
N GLY D 120 0.13 10.57 -25.63
CA GLY D 120 0.37 9.20 -26.05
C GLY D 120 -0.47 8.74 -27.22
N ARG D 121 -1.16 9.65 -27.91
CA ARG D 121 -1.99 9.24 -29.03
C ARG D 121 -2.30 10.46 -29.88
N LEU D 122 -2.70 10.21 -31.12
CA LEU D 122 -3.18 11.27 -32.01
C LEU D 122 -4.27 10.65 -32.87
N ASP D 123 -5.50 11.15 -32.74
CA ASP D 123 -6.63 10.57 -33.46
C ASP D 123 -6.90 11.24 -34.81
N VAL D 124 -6.69 12.55 -34.89
CA VAL D 124 -7.09 13.33 -36.07
C VAL D 124 -5.97 14.33 -36.36
N LEU D 125 -5.44 14.29 -37.58
CA LEU D 125 -4.46 15.26 -38.05
C LEU D 125 -5.08 16.05 -39.20
N VAL D 126 -5.13 17.37 -39.08
CA VAL D 126 -5.65 18.24 -40.12
C VAL D 126 -4.49 19.07 -40.64
N ASN D 127 -4.09 18.81 -41.89
CA ASN D 127 -3.01 19.56 -42.53
C ASN D 127 -3.67 20.73 -43.23
N ASP D 128 -3.79 21.84 -42.51
CA ASP D 128 -4.51 22.99 -43.05
C ASP D 128 -3.59 24.05 -43.63
N VAL D 129 -2.32 24.09 -43.22
CA VAL D 129 -1.35 25.13 -43.59
C VAL D 129 -1.44 25.50 -45.06
N TRP D 130 -1.69 26.78 -45.33
CA TRP D 130 -1.70 27.29 -46.70
C TRP D 130 -0.75 28.47 -46.77
N GLY D 131 -1.14 29.61 -46.19
CA GLY D 131 -0.28 30.78 -46.12
C GLY D 131 -0.05 31.52 -47.42
N GLY D 132 -0.76 31.18 -48.50
CA GLY D 132 -0.47 31.76 -49.79
C GLY D 132 -1.45 32.81 -50.28
N GLU D 133 -2.40 33.24 -49.43
CA GLU D 133 -3.49 34.10 -49.91
C GLU D 133 -2.96 35.40 -50.48
N ARG D 134 -1.84 35.90 -49.99
CA ARG D 134 -1.30 37.16 -50.48
C ARG D 134 -0.25 36.95 -51.56
N LEU D 135 0.11 35.70 -51.87
CA LEU D 135 1.22 35.46 -52.80
C LEU D 135 0.77 35.08 -54.21
N PHE D 136 -0.40 34.47 -54.39
CA PHE D 136 -0.82 34.13 -55.74
C PHE D 136 -1.39 35.35 -56.45
N GLU D 137 -1.32 35.35 -57.78
CA GLU D 137 -1.83 36.44 -58.61
C GLU D 137 -2.86 35.87 -59.57
N PHE D 138 -4.07 36.40 -59.50
CA PHE D 138 -5.15 35.86 -60.30
C PHE D 138 -4.92 36.30 -61.75
N ASP D 139 -5.20 35.41 -62.70
CA ASP D 139 -5.18 35.75 -64.13
C ASP D 139 -3.82 36.29 -64.59
N LYS D 140 -2.75 35.70 -64.09
CA LYS D 140 -1.42 35.94 -64.63
C LYS D 140 -0.88 34.61 -65.12
N LYS D 141 -0.30 34.61 -66.32
CA LYS D 141 0.37 33.43 -66.84
C LYS D 141 1.64 33.17 -66.03
N VAL D 142 2.21 31.97 -66.19
CA VAL D 142 3.33 31.61 -65.33
C VAL D 142 4.53 32.52 -65.59
N TRP D 143 4.67 33.01 -66.80
CA TRP D 143 5.77 33.94 -67.10
C TRP D 143 5.47 35.38 -66.67
N GLU D 144 4.22 35.69 -66.34
CA GLU D 144 3.85 37.01 -65.82
C GLU D 144 3.83 37.05 -64.30
N HIS D 145 3.45 35.93 -63.69
CA HIS D 145 3.41 35.80 -62.24
C HIS D 145 4.77 36.10 -61.65
N ASP D 146 4.79 36.80 -60.51
CA ASP D 146 6.06 36.96 -59.80
C ASP D 146 6.61 35.58 -59.45
N LEU D 147 7.87 35.34 -59.82
CA LEU D 147 8.41 33.99 -59.68
C LEU D 147 8.69 33.66 -58.21
N ASP D 148 9.35 34.58 -57.50
CA ASP D 148 9.67 34.32 -56.10
C ASP D 148 8.40 34.04 -55.29
N ALA D 149 7.36 34.83 -55.51
CA ALA D 149 6.10 34.61 -54.81
C ALA D 149 5.52 33.23 -55.17
N GLY D 150 5.60 32.85 -56.44
CA GLY D 150 5.07 31.56 -56.84
C GLY D 150 5.82 30.40 -56.21
N LEU D 151 7.16 30.48 -56.20
CA LEU D 151 7.93 29.41 -55.58
C LEU D 151 7.66 29.36 -54.08
N ARG D 152 7.53 30.52 -53.45
CA ARG D 152 7.27 30.56 -52.00
C ARG D 152 5.93 29.93 -51.66
N LEU D 153 4.89 30.24 -52.42
CA LEU D 153 3.57 29.71 -52.09
C LEU D 153 3.53 28.20 -52.28
N MET D 154 4.29 27.67 -53.24
CA MET D 154 4.32 26.22 -53.39
C MET D 154 5.06 25.58 -52.23
N ARG D 155 6.14 26.20 -51.77
CA ARG D 155 6.83 25.67 -50.61
C ARG D 155 5.93 25.68 -49.37
N LEU D 156 5.22 26.79 -49.14
CA LEU D 156 4.33 26.87 -47.98
C LEU D 156 3.14 25.92 -48.11
N GLY D 157 2.60 25.77 -49.32
CA GLY D 157 1.40 24.98 -49.48
C GLY D 157 1.63 23.49 -49.56
N VAL D 158 2.82 23.05 -49.91
CA VAL D 158 3.11 21.62 -50.13
C VAL D 158 4.07 21.07 -49.08
N ASP D 159 5.24 21.70 -48.94
CA ASP D 159 6.26 21.14 -48.05
C ASP D 159 5.79 21.09 -46.61
N THR D 160 4.98 22.04 -46.18
CA THR D 160 4.48 21.99 -44.81
C THR D 160 3.64 20.74 -44.58
N HIS D 161 2.85 20.32 -45.58
CA HIS D 161 2.05 19.12 -45.38
C HIS D 161 2.91 17.88 -45.38
N ALA D 162 3.93 17.85 -46.25
CA ALA D 162 4.85 16.71 -46.29
C ALA D 162 5.60 16.57 -44.97
N ILE D 163 6.13 17.69 -44.46
CA ILE D 163 6.87 17.67 -43.20
C ILE D 163 5.96 17.24 -42.06
N SER D 164 4.74 17.76 -42.03
CA SER D 164 3.80 17.41 -40.97
C SER D 164 3.48 15.92 -40.98
N SER D 165 3.14 15.37 -42.15
CA SER D 165 2.87 13.95 -42.22
C SER D 165 4.09 13.13 -41.83
N HIS D 166 5.28 13.56 -42.27
CA HIS D 166 6.50 12.82 -41.96
C HIS D 166 6.66 12.63 -40.45
N PHE D 167 6.37 13.66 -39.66
CA PHE D 167 6.64 13.59 -38.22
C PHE D 167 5.46 13.18 -37.37
N LEU D 168 4.23 13.43 -37.80
CA LEU D 168 3.07 13.18 -36.96
C LEU D 168 2.37 11.87 -37.29
N LEU D 169 2.55 11.31 -38.49
CA LEU D 169 1.83 10.08 -38.80
C LEU D 169 2.28 8.87 -37.97
N PRO D 170 3.55 8.75 -37.52
CA PRO D 170 3.89 7.59 -36.67
C PRO D 170 2.99 7.45 -35.45
N LEU D 171 2.73 8.55 -34.75
CA LEU D 171 1.83 8.51 -33.61
C LEU D 171 0.41 8.17 -34.06
N LEU D 172 -0.01 8.70 -35.22
CA LEU D 172 -1.38 8.48 -35.65
C LEU D 172 -1.62 7.03 -36.05
N VAL D 173 -0.62 6.34 -36.61
CA VAL D 173 -0.80 4.95 -37.03
C VAL D 173 -0.46 3.96 -35.93
N ARG D 174 -0.15 4.45 -34.72
CA ARG D 174 0.20 3.57 -33.62
C ARG D 174 -0.95 2.63 -33.29
N ARG D 175 -2.19 3.07 -33.51
CA ARG D 175 -3.36 2.21 -33.37
C ARG D 175 -4.33 2.51 -34.49
N PRO D 176 -5.19 1.57 -34.84
CA PRO D 176 -6.15 1.81 -35.93
C PRO D 176 -7.17 2.86 -35.54
N GLY D 177 -7.78 3.44 -36.58
CA GLY D 177 -8.81 4.46 -36.42
C GLY D 177 -8.36 5.90 -36.62
N GLY D 178 -7.09 6.15 -36.94
CA GLY D 178 -6.64 7.51 -37.13
C GLY D 178 -7.23 8.13 -38.40
N LEU D 179 -7.28 9.46 -38.42
CA LEU D 179 -7.84 10.18 -39.55
C LEU D 179 -6.92 11.35 -39.90
N VAL D 180 -6.57 11.48 -41.18
CA VAL D 180 -5.84 12.64 -41.67
C VAL D 180 -6.75 13.38 -42.65
N VAL D 181 -6.87 14.69 -42.47
CA VAL D 181 -7.62 15.53 -43.40
C VAL D 181 -6.65 16.49 -44.06
N GLU D 182 -6.51 16.36 -45.38
CA GLU D 182 -5.73 17.30 -46.19
C GLU D 182 -6.64 18.40 -46.72
N MET D 183 -6.28 19.66 -46.44
CA MET D 183 -7.12 20.81 -46.81
C MET D 183 -6.65 21.41 -48.13
N THR D 184 -7.56 21.52 -49.09
CA THR D 184 -7.23 22.09 -50.40
C THR D 184 -8.36 23.03 -50.82
N ASP D 185 -8.28 23.49 -52.07
CA ASP D 185 -9.31 24.33 -52.70
C ASP D 185 -9.80 23.57 -53.94
N GLY D 186 -11.06 23.17 -53.94
CA GLY D 186 -11.64 22.46 -55.07
C GLY D 186 -11.75 20.95 -54.81
N THR D 187 -12.64 20.32 -55.55
CA THR D 187 -12.74 18.87 -55.56
C THR D 187 -11.94 18.31 -56.72
N ALA D 188 -11.67 17.01 -56.65
CA ALA D 188 -11.01 16.35 -57.78
C ALA D 188 -11.83 16.49 -59.06
N ALA D 189 -13.16 16.37 -58.96
CA ALA D 189 -14.00 16.50 -60.13
C ALA D 189 -13.93 17.92 -60.69
N TYR D 190 -14.05 18.93 -59.82
CA TYR D 190 -14.00 20.30 -60.31
C TYR D 190 -12.60 20.65 -60.83
N ASN D 191 -11.56 20.39 -60.04
CA ASN D 191 -10.22 20.79 -60.46
C ASN D 191 -9.76 20.02 -61.69
N GLY D 192 -10.22 18.78 -61.86
CA GLY D 192 -9.89 18.00 -63.05
C GLY D 192 -10.36 18.65 -64.35
N SER D 193 -11.34 19.55 -64.29
CA SER D 193 -11.80 20.21 -65.51
C SER D 193 -11.69 21.73 -65.45
N HIS D 194 -11.02 22.28 -64.44
CA HIS D 194 -10.89 23.73 -64.30
C HIS D 194 -9.46 24.12 -63.98
N TYR D 195 -8.91 25.04 -64.75
CA TYR D 195 -7.70 25.75 -64.38
C TYR D 195 -7.98 26.62 -63.14
N ARG D 196 -7.14 26.48 -62.09
CA ARG D 196 -7.43 27.15 -60.82
C ARG D 196 -6.52 28.36 -60.60
N ASN D 197 -7.03 29.55 -60.95
CA ASN D 197 -6.45 30.86 -60.63
C ASN D 197 -5.17 31.18 -61.40
N SER D 198 -4.11 30.41 -61.17
CA SER D 198 -2.83 30.65 -61.83
C SER D 198 -1.93 29.44 -61.54
N TYR D 199 -0.78 29.41 -62.19
CA TYR D 199 0.04 28.19 -62.25
C TYR D 199 0.39 27.68 -60.86
N PHE D 200 0.92 28.54 -60.01
CA PHE D 200 1.46 28.07 -58.74
C PHE D 200 0.35 27.64 -57.80
N TYR D 201 -0.68 28.47 -57.68
CA TYR D 201 -1.87 28.11 -56.92
C TYR D 201 -2.44 26.76 -57.39
N ASP D 202 -2.59 26.61 -58.71
CA ASP D 202 -3.21 25.39 -59.24
C ASP D 202 -2.38 24.15 -58.86
N LEU D 203 -1.05 24.23 -58.98
CA LEU D 203 -0.23 23.07 -58.64
C LEU D 203 -0.37 22.70 -57.17
N VAL D 204 -0.43 23.69 -56.27
CA VAL D 204 -0.56 23.36 -54.85
C VAL D 204 -1.86 22.60 -54.62
N LYS D 205 -2.98 23.15 -55.07
CA LYS D 205 -4.28 22.55 -54.75
C LYS D 205 -4.40 21.15 -55.30
N ASN D 206 -3.80 20.90 -56.47
CA ASN D 206 -3.89 19.57 -57.05
C ASN D 206 -2.90 18.61 -56.42
N SER D 207 -1.76 19.11 -55.92
CA SER D 207 -0.88 18.25 -55.13
C SER D 207 -1.54 17.82 -53.82
N VAL D 208 -2.28 18.72 -53.18
CA VAL D 208 -2.90 18.34 -51.91
C VAL D 208 -3.99 17.30 -52.15
N LEU D 209 -4.71 17.43 -53.27
CA LEU D 209 -5.62 16.36 -53.69
C LEU D 209 -4.89 15.04 -53.83
N ARG D 210 -3.72 15.05 -54.49
CA ARG D 210 -2.96 13.81 -54.63
C ARG D 210 -2.47 13.30 -53.28
N MET D 211 -2.14 14.20 -52.35
CA MET D 211 -1.71 13.76 -51.01
C MET D 211 -2.76 12.89 -50.35
N GLY D 212 -4.03 13.23 -50.49
CA GLY D 212 -5.08 12.41 -49.91
C GLY D 212 -5.08 11.00 -50.45
N TYR D 213 -4.90 10.87 -51.78
CA TYR D 213 -4.82 9.56 -52.39
C TYR D 213 -3.58 8.80 -51.94
N VAL D 214 -2.43 9.48 -51.90
CA VAL D 214 -1.17 8.81 -51.52
C VAL D 214 -1.22 8.35 -50.07
N LEU D 215 -1.67 9.23 -49.18
CA LEU D 215 -1.68 8.87 -47.75
C LEU D 215 -2.72 7.79 -47.45
N ALA D 216 -3.82 7.75 -48.20
CA ALA D 216 -4.79 6.66 -48.02
C ALA D 216 -4.14 5.32 -48.30
N HIS D 217 -3.30 5.25 -49.33
CA HIS D 217 -2.56 4.02 -49.62
C HIS D 217 -1.62 3.66 -48.47
N GLU D 218 -0.92 4.64 -47.91
CA GLU D 218 0.06 4.34 -46.86
C GLU D 218 -0.60 4.00 -45.53
N LEU D 219 -1.77 4.56 -45.25
CA LEU D 219 -2.40 4.44 -43.95
C LEU D 219 -3.32 3.24 -43.83
N GLU D 220 -3.89 2.79 -44.95
CA GLU D 220 -4.87 1.71 -44.89
C GLU D 220 -4.36 0.46 -44.16
N PRO D 221 -3.11 0.01 -44.35
CA PRO D 221 -2.66 -1.17 -43.58
C PRO D 221 -2.67 -0.97 -42.08
N TYR D 222 -2.70 0.27 -41.61
CA TYR D 222 -2.70 0.58 -40.19
C TYR D 222 -4.09 0.89 -39.67
N GLY D 223 -5.11 0.74 -40.50
CA GLY D 223 -6.43 1.16 -40.11
C GLY D 223 -6.60 2.66 -40.10
N GLY D 224 -5.71 3.38 -40.78
CA GLY D 224 -5.84 4.81 -40.86
C GLY D 224 -6.56 5.24 -42.12
N THR D 225 -7.12 6.44 -42.08
CA THR D 225 -7.91 6.99 -43.17
C THR D 225 -7.39 8.38 -43.52
N ALA D 226 -7.27 8.66 -44.82
CA ALA D 226 -6.92 9.99 -45.28
C ALA D 226 -7.96 10.47 -46.28
N VAL D 227 -8.36 11.74 -46.16
CA VAL D 227 -9.23 12.36 -47.15
C VAL D 227 -8.66 13.74 -47.46
N THR D 228 -9.00 14.23 -48.65
CA THR D 228 -8.74 15.63 -49.00
C THR D 228 -10.07 16.37 -49.01
N LEU D 229 -10.11 17.51 -48.32
CA LEU D 229 -11.33 18.25 -48.08
C LEU D 229 -11.19 19.68 -48.57
N THR D 230 -12.21 20.19 -49.26
CA THR D 230 -12.22 21.61 -49.58
C THR D 230 -13.41 22.29 -48.92
N PRO D 231 -13.24 23.53 -48.47
CA PRO D 231 -14.40 24.35 -48.12
C PRO D 231 -15.04 24.86 -49.40
N GLY D 232 -16.15 25.60 -49.25
CA GLY D 232 -16.71 26.33 -50.36
C GLY D 232 -16.11 27.71 -50.38
N TRP D 233 -16.91 28.71 -50.69
CA TRP D 233 -16.44 30.10 -50.69
C TRP D 233 -16.55 30.61 -49.26
N MET D 234 -15.42 30.66 -48.55
CA MET D 234 -15.41 30.86 -47.11
C MET D 234 -15.42 32.33 -46.75
N ARG D 235 -16.24 32.70 -45.76
CA ARG D 235 -16.21 34.04 -45.19
C ARG D 235 -15.11 34.08 -44.10
N SER D 236 -13.88 33.94 -44.55
CA SER D 236 -12.73 34.06 -43.67
C SER D 236 -12.57 35.49 -43.21
N GLU D 237 -11.73 35.69 -42.20
CA GLU D 237 -11.43 37.04 -41.73
C GLU D 237 -10.86 37.90 -42.86
N MET D 238 -9.93 37.34 -43.65
CA MET D 238 -9.35 38.06 -44.78
C MET D 238 -10.41 38.36 -45.84
N MET D 239 -11.29 37.40 -46.12
CA MET D 239 -12.29 37.60 -47.16
C MET D 239 -13.26 38.71 -46.78
N LEU D 240 -13.77 38.67 -45.55
CA LEU D 240 -14.68 39.72 -45.09
C LEU D 240 -14.02 41.08 -45.14
N GLU D 241 -12.73 41.15 -44.80
CA GLU D 241 -12.01 42.42 -44.83
C GLU D 241 -11.92 42.96 -46.24
N THR D 242 -11.55 42.10 -47.20
CA THR D 242 -11.51 42.50 -48.60
C THR D 242 -12.85 43.08 -49.04
N LEU D 243 -13.96 42.51 -48.56
CA LEU D 243 -15.28 42.96 -48.96
C LEU D 243 -15.82 44.10 -48.08
N GLY D 244 -15.08 44.50 -47.05
CA GLY D 244 -15.52 45.60 -46.23
C GLY D 244 -16.75 45.33 -45.41
N VAL D 245 -16.99 44.07 -45.03
CA VAL D 245 -18.16 43.72 -44.25
C VAL D 245 -17.74 42.85 -43.08
N THR D 246 -18.60 42.79 -42.08
CA THR D 246 -18.45 41.87 -40.96
C THR D 246 -19.29 40.65 -41.23
N GLU D 247 -19.10 39.61 -40.42
CA GLU D 247 -19.90 38.40 -40.56
C GLU D 247 -21.39 38.71 -40.36
N GLU D 248 -21.69 39.65 -39.46
CA GLU D 248 -23.08 39.92 -39.11
C GLU D 248 -23.83 40.59 -40.27
N ASN D 249 -23.11 41.24 -41.18
CA ASN D 249 -23.68 41.98 -42.30
C ASN D 249 -23.13 41.47 -43.63
N TRP D 250 -22.80 40.18 -43.73
CA TRP D 250 -22.04 39.76 -44.91
C TRP D 250 -22.85 39.96 -46.19
N ARG D 251 -24.17 39.85 -46.12
CA ARG D 251 -24.95 40.03 -47.35
C ARG D 251 -24.94 41.46 -47.85
N ASP D 252 -24.39 42.41 -47.06
CA ASP D 252 -24.17 43.75 -47.60
C ASP D 252 -23.20 43.74 -48.77
N ALA D 253 -22.33 42.72 -48.87
CA ALA D 253 -21.37 42.70 -49.96
C ALA D 253 -21.97 42.21 -51.26
N LEU D 254 -23.23 41.73 -51.25
CA LEU D 254 -23.79 41.11 -52.45
C LEU D 254 -23.94 42.10 -53.59
N THR D 255 -24.08 43.41 -53.30
CA THR D 255 -24.14 44.37 -54.39
C THR D 255 -22.82 44.43 -55.17
N GLU D 256 -21.69 44.27 -54.48
CA GLU D 256 -20.40 44.27 -55.17
C GLU D 256 -20.07 42.90 -55.75
N VAL D 257 -20.41 41.83 -55.05
CA VAL D 257 -20.07 40.48 -55.48
C VAL D 257 -21.33 39.63 -55.43
N PRO D 258 -22.18 39.64 -56.47
CA PRO D 258 -23.47 38.95 -56.35
C PRO D 258 -23.34 37.45 -56.11
N HIS D 259 -22.35 36.77 -56.71
CA HIS D 259 -22.26 35.33 -56.48
C HIS D 259 -21.75 34.97 -55.09
N PHE D 260 -21.35 35.94 -54.28
CA PHE D 260 -21.04 35.68 -52.87
C PHE D 260 -22.26 35.15 -52.11
N CYS D 261 -23.44 35.12 -52.75
CA CYS D 261 -24.65 34.56 -52.13
C CYS D 261 -24.54 33.06 -51.85
N ILE D 262 -23.53 32.38 -52.40
CA ILE D 262 -23.28 30.97 -52.13
C ILE D 262 -22.33 30.75 -50.94
N SER D 263 -21.85 31.82 -50.31
CA SER D 263 -20.77 31.72 -49.34
C SER D 263 -21.20 31.02 -48.05
N GLU D 264 -20.19 30.57 -47.30
CA GLU D 264 -20.37 29.83 -46.07
C GLU D 264 -19.41 30.40 -45.03
N SER D 265 -19.73 30.22 -43.75
CA SER D 265 -18.74 30.59 -42.75
C SER D 265 -17.67 29.51 -42.64
N PRO D 266 -16.49 29.86 -42.14
CA PRO D 266 -15.46 28.83 -41.91
C PRO D 266 -15.90 27.71 -41.00
N SER D 267 -16.89 27.93 -40.12
CA SER D 267 -17.34 26.88 -39.22
C SER D 267 -18.00 25.72 -39.96
N TYR D 268 -18.47 25.97 -41.17
CA TYR D 268 -19.10 24.92 -41.98
C TYR D 268 -18.10 23.81 -42.31
N VAL D 269 -16.92 24.18 -42.85
CA VAL D 269 -15.91 23.15 -43.13
C VAL D 269 -15.39 22.58 -41.81
N GLY D 270 -15.42 23.39 -40.74
CA GLY D 270 -15.08 22.87 -39.42
C GLY D 270 -16.01 21.76 -38.98
N ARG D 271 -17.32 21.94 -39.19
CA ARG D 271 -18.27 20.89 -38.86
C ARG D 271 -18.10 19.68 -39.77
N ALA D 272 -17.68 19.90 -41.02
CA ALA D 272 -17.36 18.78 -41.91
C ALA D 272 -16.23 17.92 -41.34
N VAL D 273 -15.18 18.56 -40.83
CA VAL D 273 -14.09 17.80 -40.20
C VAL D 273 -14.61 17.07 -38.96
N ALA D 274 -15.38 17.76 -38.12
CA ALA D 274 -15.90 17.10 -36.91
C ALA D 274 -16.77 15.91 -37.27
N ALA D 275 -17.56 16.03 -38.36
CA ALA D 275 -18.43 14.93 -38.78
C ALA D 275 -17.62 13.73 -39.24
N LEU D 276 -16.52 13.98 -39.97
CA LEU D 276 -15.62 12.88 -40.34
C LEU D 276 -15.01 12.26 -39.10
N ALA D 277 -14.51 13.09 -38.19
CA ALA D 277 -13.85 12.60 -36.98
C ALA D 277 -14.78 11.77 -36.11
N GLY D 278 -16.07 12.03 -36.16
CA GLY D 278 -17.02 11.27 -35.37
C GLY D 278 -17.61 10.07 -36.06
N ASP D 279 -17.26 9.84 -37.33
CA ASP D 279 -17.86 8.76 -38.11
C ASP D 279 -17.08 7.47 -37.83
N ALA D 280 -17.72 6.53 -37.12
CA ALA D 280 -17.08 5.25 -36.82
C ALA D 280 -16.67 4.53 -38.10
N ASP D 281 -17.38 4.77 -39.20
CA ASP D 281 -17.06 4.18 -40.50
C ASP D 281 -16.40 5.19 -41.44
N VAL D 282 -15.56 6.09 -40.92
CA VAL D 282 -14.96 7.12 -41.77
C VAL D 282 -14.09 6.53 -42.85
N ALA D 283 -13.62 5.28 -42.67
CA ALA D 283 -12.81 4.63 -43.68
C ALA D 283 -13.52 4.51 -45.02
N ARG D 284 -14.85 4.62 -45.04
CA ARG D 284 -15.57 4.58 -46.31
C ARG D 284 -15.13 5.71 -47.24
N TRP D 285 -14.50 6.76 -46.70
CA TRP D 285 -14.05 7.89 -47.49
C TRP D 285 -12.58 7.81 -47.91
N ASN D 286 -11.88 6.74 -47.54
CA ASN D 286 -10.42 6.70 -47.66
C ASN D 286 -9.98 7.03 -49.09
N GLY D 287 -9.07 7.99 -49.21
CA GLY D 287 -8.53 8.34 -50.51
C GLY D 287 -9.36 9.32 -51.30
N GLN D 288 -10.55 9.69 -50.84
CA GLN D 288 -11.42 10.49 -51.68
C GLN D 288 -11.21 11.98 -51.46
N SER D 289 -11.62 12.73 -52.47
CA SER D 289 -11.75 14.17 -52.39
C SER D 289 -13.20 14.50 -52.03
N VAL D 290 -13.38 15.35 -51.03
CA VAL D 290 -14.71 15.71 -50.54
C VAL D 290 -14.78 17.22 -50.36
N SER D 291 -16.01 17.73 -50.25
CA SER D 291 -16.27 19.16 -50.03
C SER D 291 -17.15 19.35 -48.80
N SER D 292 -17.09 20.55 -48.21
CA SER D 292 -17.94 20.83 -47.06
C SER D 292 -19.42 20.69 -47.43
N GLY D 293 -19.79 21.12 -48.63
CA GLY D 293 -21.19 21.04 -49.03
C GLY D 293 -21.65 19.61 -49.29
N GLN D 294 -20.78 18.80 -49.89
CA GLN D 294 -21.10 17.39 -50.04
C GLN D 294 -21.27 16.70 -48.69
N LEU D 295 -20.38 17.01 -47.74
CA LEU D 295 -20.48 16.33 -46.45
C LEU D 295 -21.65 16.84 -45.62
N ALA D 296 -22.06 18.09 -45.82
CA ALA D 296 -23.27 18.56 -45.14
C ALA D 296 -24.49 17.77 -45.57
N GLN D 297 -24.58 17.48 -46.88
CA GLN D 297 -25.66 16.62 -47.35
C GLN D 297 -25.53 15.21 -46.79
N GLU D 298 -24.31 14.71 -46.66
CA GLU D 298 -24.10 13.35 -46.20
C GLU D 298 -24.39 13.19 -44.70
N TYR D 299 -23.95 14.13 -43.88
CA TYR D 299 -24.04 13.98 -42.43
C TYR D 299 -25.18 14.77 -41.81
N GLY D 300 -25.66 15.82 -42.48
CA GLY D 300 -26.79 16.57 -41.98
C GLY D 300 -26.46 17.79 -41.17
N PHE D 301 -25.18 18.08 -40.92
CA PHE D 301 -24.88 19.32 -40.24
C PHE D 301 -25.22 20.50 -41.13
N THR D 302 -25.27 21.68 -40.53
CA THR D 302 -25.51 22.93 -41.24
C THR D 302 -24.43 23.93 -40.87
N ASP D 303 -24.39 25.02 -41.63
CA ASP D 303 -23.62 26.18 -41.20
C ASP D 303 -24.27 26.80 -39.96
N LEU D 304 -23.61 27.82 -39.39
CA LEU D 304 -24.12 28.44 -38.18
C LEU D 304 -25.53 29.00 -38.37
N ASP D 305 -25.84 29.47 -39.57
CA ASP D 305 -27.14 30.08 -39.87
C ASP D 305 -28.20 29.07 -40.30
N GLY D 306 -27.92 27.77 -40.18
CA GLY D 306 -28.89 26.76 -40.56
C GLY D 306 -28.91 26.37 -42.03
N SER D 307 -28.10 26.99 -42.88
CA SER D 307 -28.10 26.66 -44.30
C SER D 307 -27.05 25.60 -44.61
N ARG D 308 -27.08 25.08 -45.85
CA ARG D 308 -26.13 24.08 -46.33
C ARG D 308 -25.62 24.46 -47.70
N PRO D 309 -24.77 25.49 -47.80
CA PRO D 309 -24.23 25.89 -49.11
C PRO D 309 -23.53 24.73 -49.82
N ASP D 310 -23.70 24.70 -51.13
CA ASP D 310 -23.13 23.70 -52.04
C ASP D 310 -22.36 24.46 -53.11
N CYS D 311 -21.18 24.94 -52.74
CA CYS D 311 -20.43 25.87 -53.58
C CYS D 311 -20.09 25.27 -54.94
N TRP D 312 -19.58 24.03 -54.97
CA TRP D 312 -18.99 23.53 -56.21
C TRP D 312 -20.03 23.16 -57.25
N ARG D 313 -21.22 22.73 -56.83
CA ARG D 313 -22.31 22.55 -57.77
C ARG D 313 -22.84 23.90 -58.24
N TYR D 314 -22.95 24.87 -57.33
CA TYR D 314 -23.37 26.21 -57.71
C TYR D 314 -22.43 26.82 -58.75
N LEU D 315 -21.11 26.68 -58.56
CA LEU D 315 -20.16 27.31 -59.48
C LEU D 315 -20.37 26.81 -60.91
N VAL D 316 -20.64 25.51 -61.06
CA VAL D 316 -20.79 24.92 -62.38
C VAL D 316 -22.17 25.22 -62.95
N GLU D 317 -23.21 25.01 -62.15
CA GLU D 317 -24.58 25.04 -62.67
C GLU D 317 -25.16 26.44 -62.74
N VAL D 318 -24.61 27.41 -61.99
CA VAL D 318 -25.15 28.77 -62.04
C VAL D 318 -24.13 29.72 -62.64
N GLN D 319 -23.02 29.93 -61.94
CA GLN D 319 -22.12 31.00 -62.32
C GLN D 319 -21.47 30.72 -63.66
N GLU D 320 -20.88 29.53 -63.82
CA GLU D 320 -20.20 29.25 -65.08
C GLU D 320 -21.19 28.99 -66.22
N ALA D 321 -22.43 28.66 -65.92
CA ALA D 321 -23.46 28.57 -66.95
C ALA D 321 -23.95 29.94 -67.41
N GLY D 322 -23.42 31.02 -66.84
CA GLY D 322 -23.84 32.34 -67.23
C GLY D 322 -25.16 32.80 -66.64
N LYS D 323 -25.71 32.05 -65.69
CA LYS D 323 -26.96 32.45 -65.07
C LYS D 323 -26.73 33.53 -64.02
N PRO D 324 -27.74 34.36 -63.76
CA PRO D 324 -27.58 35.40 -62.73
C PRO D 324 -27.40 34.79 -61.35
N ALA D 325 -26.71 35.51 -60.48
CA ALA D 325 -26.50 35.03 -59.12
C ALA D 325 -27.85 34.76 -58.45
N ASP D 326 -28.01 33.56 -57.91
CA ASP D 326 -29.26 33.12 -57.29
C ASP D 326 -28.98 31.86 -56.48
N PRO D 327 -29.08 31.93 -55.15
CA PRO D 327 -28.72 30.76 -54.32
C PRO D 327 -29.81 29.71 -54.20
N SER D 328 -30.96 29.92 -54.83
CA SER D 328 -32.08 28.99 -54.68
C SER D 328 -31.68 27.58 -55.09
N GLY D 329 -31.91 26.63 -54.20
CA GLY D 329 -31.56 25.24 -54.45
C GLY D 329 -30.12 24.88 -54.15
N TYR D 330 -29.28 25.83 -53.73
CA TYR D 330 -27.87 25.56 -53.51
C TYR D 330 -27.41 25.86 -52.09
N ARG D 331 -28.32 26.21 -51.19
CA ARG D 331 -27.96 26.44 -49.79
C ARG D 331 -29.19 26.29 -48.91
N ALA E 29 48.56 49.08 4.40
CA ALA E 29 47.39 49.19 5.27
C ALA E 29 46.28 49.95 4.57
N PRO E 30 45.04 49.49 4.75
CA PRO E 30 43.92 50.16 4.07
C PRO E 30 43.74 51.59 4.57
N ASP E 31 43.38 52.47 3.65
CA ASP E 31 43.06 53.85 3.94
C ASP E 31 41.56 54.03 3.79
N LEU E 32 40.85 54.12 4.92
CA LEU E 32 39.41 54.26 4.94
C LEU E 32 38.96 55.63 5.43
N ARG E 33 39.86 56.61 5.41
CA ARG E 33 39.48 57.97 5.78
C ARG E 33 38.34 58.44 4.88
N GLY E 34 37.35 59.08 5.48
CA GLY E 34 36.18 59.50 4.73
C GLY E 34 35.12 58.43 4.55
N LYS E 35 35.40 57.18 4.88
CA LYS E 35 34.40 56.13 4.76
C LYS E 35 33.47 56.11 5.97
N ILE E 36 32.22 55.75 5.70
CA ILE E 36 31.22 55.57 6.75
C ILE E 36 30.96 54.08 6.86
N ALA E 37 31.15 53.53 8.05
CA ALA E 37 30.93 52.13 8.31
C ALA E 37 29.93 52.01 9.45
N LEU E 38 29.22 50.87 9.47
CA LEU E 38 28.35 50.55 10.59
C LEU E 38 28.58 49.10 10.95
N VAL E 39 28.90 48.83 12.21
CA VAL E 39 29.03 47.46 12.70
C VAL E 39 27.84 47.21 13.63
N ALA E 40 26.89 46.42 13.16
CA ALA E 40 25.73 46.07 13.95
C ALA E 40 26.10 44.95 14.91
N GLY E 41 26.03 45.23 16.21
CA GLY E 41 26.46 44.29 17.22
C GLY E 41 27.96 44.39 17.48
N ALA E 42 28.37 45.47 18.13
CA ALA E 42 29.80 45.80 18.26
C ALA E 42 30.23 45.99 19.72
N THR E 43 29.48 45.46 20.68
CA THR E 43 29.85 45.67 22.10
C THR E 43 31.14 44.96 22.45
N ARG E 44 31.38 43.78 21.91
CA ARG E 44 32.50 42.95 22.31
C ARG E 44 32.80 41.97 21.17
N GLY E 45 33.75 41.06 21.41
CA GLY E 45 34.05 39.99 20.46
C GLY E 45 34.51 40.54 19.11
N ALA E 46 34.13 39.83 18.04
CA ALA E 46 34.52 40.26 16.71
C ALA E 46 33.93 41.64 16.37
N GLY E 47 32.69 41.88 16.77
CA GLY E 47 32.06 43.13 16.43
C GLY E 47 32.85 44.33 16.91
N ARG E 48 33.23 44.34 18.18
CA ARG E 48 34.07 45.42 18.69
C ARG E 48 35.38 45.51 17.91
N ALA E 49 36.07 44.38 17.71
CA ALA E 49 37.38 44.45 17.09
C ALA E 49 37.29 44.87 15.64
N ILE E 50 36.22 44.46 14.94
CA ILE E 50 36.03 44.92 13.57
C ILE E 50 35.83 46.43 13.55
N ALA E 51 35.00 46.94 14.46
CA ALA E 51 34.82 48.39 14.52
C ALA E 51 36.14 49.10 14.80
N VAL E 52 36.94 48.57 15.71
CA VAL E 52 38.20 49.24 16.07
C VAL E 52 39.17 49.23 14.88
N GLN E 53 39.30 48.10 14.19
CA GLN E 53 40.21 48.05 13.06
C GLN E 53 39.74 48.94 11.91
N LEU E 54 38.42 49.09 11.74
CA LEU E 54 37.93 50.07 10.75
C LEU E 54 38.33 51.47 11.16
N GLY E 55 38.19 51.79 12.45
CA GLY E 55 38.66 53.08 12.95
C GLY E 55 40.16 53.25 12.81
N ALA E 56 40.92 52.17 13.05
CA ALA E 56 42.36 52.28 12.91
C ALA E 56 42.75 52.65 11.48
N ALA E 57 41.94 52.24 10.51
CA ALA E 57 42.14 52.63 9.12
C ALA E 57 41.56 53.99 8.77
N GLY E 58 40.95 54.69 9.74
CA GLY E 58 40.47 56.04 9.54
C GLY E 58 38.98 56.21 9.33
N ALA E 59 38.19 55.15 9.48
CA ALA E 59 36.78 55.26 9.15
C ALA E 59 35.99 55.90 10.28
N THR E 60 34.85 56.50 9.91
CA THR E 60 33.80 56.77 10.88
C THR E 60 32.94 55.51 11.02
N VAL E 61 32.75 55.03 12.24
CA VAL E 61 32.08 53.74 12.48
C VAL E 61 30.95 53.95 13.47
N TYR E 62 29.71 53.73 13.01
CA TYR E 62 28.57 53.57 13.89
C TYR E 62 28.63 52.19 14.50
N VAL E 63 28.51 52.11 15.83
CA VAL E 63 28.61 50.85 16.55
C VAL E 63 27.34 50.69 17.38
N THR E 64 26.69 49.53 17.25
CA THR E 64 25.41 49.31 17.90
C THR E 64 25.47 48.07 18.80
N GLY E 65 24.62 48.08 19.82
CA GLY E 65 24.57 46.98 20.77
C GLY E 65 23.61 47.38 21.86
N ARG E 66 23.28 46.42 22.71
CA ARG E 66 22.32 46.66 23.78
C ARG E 66 22.96 47.09 25.10
N THR E 67 24.19 46.66 25.38
CA THR E 67 24.80 46.94 26.67
C THR E 67 25.31 48.37 26.72
N THR E 68 24.72 49.18 27.60
CA THR E 68 25.18 50.54 27.84
C THR E 68 25.73 50.65 29.26
N ARG E 69 26.24 51.84 29.58
CA ARG E 69 26.76 52.10 30.91
C ARG E 69 25.65 52.11 31.95
N GLU E 70 24.39 52.28 31.53
CA GLU E 70 23.21 52.28 32.38
C GLU E 70 22.55 50.90 32.53
N ARG E 71 22.54 50.09 31.46
CA ARG E 71 21.80 48.83 31.44
C ARG E 71 22.62 47.69 30.85
N ARG E 72 22.60 46.53 31.53
CA ARG E 72 23.20 45.34 30.95
C ARG E 72 22.26 44.66 29.96
N SER E 73 22.83 43.81 29.12
CA SER E 73 22.07 43.12 28.09
C SER E 73 21.76 41.69 28.52
N GLU E 74 21.00 41.00 27.66
CA GLU E 74 20.73 39.57 27.82
C GLU E 74 22.01 38.78 28.07
N TYR E 75 23.14 39.23 27.52
CA TYR E 75 24.41 38.56 27.74
C TYR E 75 24.90 38.68 29.17
N ASN E 76 24.50 39.75 29.87
CA ASN E 76 24.93 40.01 31.25
C ASN E 76 26.46 40.06 31.35
N ARG E 77 27.05 40.95 30.55
CA ARG E 77 28.49 41.20 30.55
C ARG E 77 28.73 42.69 30.73
N SER E 78 29.98 43.04 31.04
CA SER E 78 30.33 44.40 31.44
C SER E 78 30.86 45.28 30.31
N GLU E 79 31.29 44.72 29.18
CA GLU E 79 31.66 45.54 28.03
C GLU E 79 30.45 46.35 27.56
N THR E 80 30.68 47.61 27.20
CA THR E 80 29.58 48.49 26.80
C THR E 80 29.81 49.02 25.39
N ILE E 81 28.70 49.43 24.74
CA ILE E 81 28.79 49.94 23.38
C ILE E 81 29.45 51.31 23.37
N GLU E 82 29.30 52.11 24.44
CA GLU E 82 30.02 53.39 24.52
C GLU E 82 31.52 53.16 24.55
N GLU E 83 31.95 52.12 25.27
CA GLU E 83 33.39 51.82 25.33
C GLU E 83 33.92 51.46 23.94
N THR E 84 33.15 50.70 23.14
CA THR E 84 33.58 50.41 21.78
C THR E 84 33.76 51.69 20.97
N ALA E 85 32.78 52.60 21.04
CA ALA E 85 32.90 53.84 20.28
C ALA E 85 34.18 54.60 20.65
N GLU E 86 34.49 54.66 21.95
CA GLU E 86 35.70 55.35 22.38
C GLU E 86 36.95 54.64 21.86
N LEU E 87 36.94 53.30 21.84
CA LEU E 87 38.08 52.57 21.30
C LEU E 87 38.26 52.82 19.81
N VAL E 88 37.16 53.00 19.06
CA VAL E 88 37.26 53.34 17.64
C VAL E 88 37.89 54.73 17.46
N THR E 89 37.47 55.70 18.26
CA THR E 89 38.07 57.03 18.17
C THR E 89 39.53 56.98 18.58
N GLU E 90 39.82 56.36 19.73
CA GLU E 90 41.19 56.24 20.20
C GLU E 90 42.09 55.62 19.14
N ALA E 91 41.56 54.66 18.37
CA ALA E 91 42.35 53.97 17.36
C ALA E 91 42.65 54.85 16.14
N GLY E 92 41.99 55.98 15.98
CA GLY E 92 42.28 56.85 14.86
C GLY E 92 41.11 57.15 13.95
N GLY E 93 39.91 56.72 14.36
CA GLY E 93 38.72 57.00 13.58
C GLY E 93 37.74 57.82 14.38
N THR E 94 36.45 57.66 14.09
CA THR E 94 35.39 58.26 14.89
C THR E 94 34.35 57.18 15.18
N GLY E 95 34.19 56.85 16.47
CA GLY E 95 33.17 55.92 16.88
C GLY E 95 31.93 56.68 17.38
N ILE E 96 30.78 56.29 16.84
CA ILE E 96 29.49 56.85 17.25
C ILE E 96 28.64 55.70 17.76
N ALA E 97 28.43 55.67 19.07
CA ALA E 97 27.63 54.63 19.70
C ALA E 97 26.14 54.92 19.54
N VAL E 98 25.40 53.94 19.04
CA VAL E 98 23.94 54.06 18.97
C VAL E 98 23.34 52.81 19.62
N PRO E 99 23.03 52.86 20.91
CA PRO E 99 22.37 51.71 21.54
C PRO E 99 21.11 51.32 20.78
N THR E 100 21.02 50.03 20.47
CA THR E 100 20.00 49.54 19.55
C THR E 100 19.74 48.09 19.91
N ASP E 101 18.48 47.71 20.01
CA ASP E 101 18.13 46.30 20.00
C ASP E 101 17.79 45.93 18.56
N HIS E 102 18.65 45.14 17.93
CA HIS E 102 18.42 44.83 16.52
C HIS E 102 17.24 43.90 16.27
N LEU E 103 16.55 43.42 17.30
CA LEU E 103 15.28 42.74 17.08
C LEU E 103 14.10 43.67 17.02
N VAL E 104 14.29 44.97 17.20
CA VAL E 104 13.17 45.91 17.25
C VAL E 104 13.19 46.77 16.00
N PRO E 105 12.30 46.52 15.04
CA PRO E 105 12.38 47.24 13.76
C PRO E 105 12.39 48.76 13.89
N GLU E 106 11.60 49.29 14.82
CA GLU E 106 11.51 50.75 14.99
C GLU E 106 12.88 51.34 15.35
N GLN E 107 13.64 50.65 16.18
CA GLN E 107 14.96 51.14 16.55
C GLN E 107 15.96 51.05 15.39
N VAL E 108 15.85 50.02 14.57
CA VAL E 108 16.78 49.87 13.46
C VAL E 108 16.43 50.85 12.32
N ARG E 109 15.13 51.14 12.14
CA ARG E 109 14.72 52.21 11.22
C ARG E 109 15.30 53.56 11.65
N ALA E 110 15.23 53.89 12.95
CA ALA E 110 15.79 55.15 13.42
C ALA E 110 17.30 55.19 13.20
N LEU E 111 17.97 54.07 13.46
CA LEU E 111 19.40 53.98 13.21
C LEU E 111 19.72 54.30 11.76
N ALA E 112 18.97 53.70 10.83
CA ALA E 112 19.20 54.03 9.41
C ALA E 112 18.95 55.50 9.13
N ASP E 113 17.88 56.06 9.70
CA ASP E 113 17.57 57.47 9.50
C ASP E 113 18.70 58.34 10.03
N ARG E 114 19.28 57.97 11.17
CA ARG E 114 20.35 58.76 11.75
C ARG E 114 21.57 58.79 10.86
N VAL E 115 21.98 57.63 10.33
CA VAL E 115 23.17 57.60 9.47
C VAL E 115 22.94 58.46 8.23
N ASP E 116 21.76 58.36 7.63
CA ASP E 116 21.43 59.21 6.49
C ASP E 116 21.49 60.69 6.89
N THR E 117 20.89 61.01 8.04
CA THR E 117 20.86 62.39 8.51
C THR E 117 22.26 62.95 8.74
N GLU E 118 23.10 62.18 9.41
CA GLU E 118 24.40 62.71 9.81
C GLU E 118 25.44 62.63 8.70
N GLN E 119 25.34 61.65 7.81
CA GLN E 119 26.40 61.38 6.86
C GLN E 119 25.95 61.37 5.41
N GLY E 120 24.67 61.08 5.14
CA GLY E 120 24.22 60.98 3.77
C GLY E 120 24.76 59.81 2.97
N ARG E 121 25.44 58.86 3.62
CA ARG E 121 26.01 57.73 2.90
C ARG E 121 26.34 56.63 3.90
N LEU E 122 26.48 55.41 3.37
CA LEU E 122 26.95 54.28 4.16
C LEU E 122 27.77 53.41 3.22
N ASP E 123 29.06 53.27 3.50
CA ASP E 123 29.95 52.54 2.61
C ASP E 123 30.08 51.06 2.99
N VAL E 124 30.06 50.75 4.29
CA VAL E 124 30.37 49.42 4.78
C VAL E 124 29.37 49.08 5.87
N LEU E 125 28.68 47.95 5.72
CA LEU E 125 27.77 47.43 6.74
C LEU E 125 28.29 46.06 7.17
N VAL E 126 28.53 45.90 8.47
CA VAL E 126 28.96 44.61 9.02
C VAL E 126 27.83 44.11 9.91
N ASN E 127 27.18 43.03 9.49
CA ASN E 127 26.12 42.41 10.29
C ASN E 127 26.80 41.38 11.19
N ASP E 128 27.18 41.81 12.38
CA ASP E 128 27.93 40.94 13.28
C ASP E 128 27.07 40.29 14.35
N VAL E 129 25.91 40.87 14.67
CA VAL E 129 25.03 40.43 15.76
C VAL E 129 24.92 38.90 15.84
N TRP E 130 25.30 38.35 16.99
CA TRP E 130 25.15 36.91 17.24
C TRP E 130 24.38 36.74 18.53
N GLY E 131 25.03 36.99 19.66
CA GLY E 131 24.36 36.94 20.95
C GLY E 131 23.97 35.56 21.44
N GLY E 132 24.41 34.49 20.78
CA GLY E 132 23.98 33.16 21.14
C GLY E 132 25.02 32.32 21.87
N GLU E 133 26.15 32.91 22.26
CA GLU E 133 27.24 32.11 22.80
C GLU E 133 26.83 31.38 24.07
N ARG E 134 25.87 31.92 24.85
CA ARG E 134 25.42 31.25 26.06
C ARG E 134 24.19 30.37 25.86
N LEU E 135 23.62 30.33 24.65
CA LEU E 135 22.35 29.65 24.43
C LEU E 135 22.50 28.31 23.72
N PHE E 136 23.54 28.13 22.91
CA PHE E 136 23.62 26.82 22.28
C PHE E 136 24.22 25.79 23.23
N GLU E 137 23.91 24.52 22.98
CA GLU E 137 24.39 23.42 23.81
C GLU E 137 25.20 22.49 22.94
N PHE E 138 26.46 22.26 23.33
CA PHE E 138 27.33 21.46 22.52
C PHE E 138 26.93 20.00 22.65
N ASP E 139 26.92 19.27 21.53
CA ASP E 139 26.71 17.81 21.53
C ASP E 139 25.41 17.39 22.20
N LYS E 140 24.35 18.14 21.97
CA LYS E 140 22.98 17.75 22.32
C LYS E 140 22.21 17.63 21.02
N LYS E 141 21.45 16.55 20.86
CA LYS E 141 20.57 16.41 19.70
C LYS E 141 19.41 17.40 19.82
N VAL E 142 18.67 17.59 18.71
CA VAL E 142 17.66 18.65 18.70
C VAL E 142 16.58 18.39 19.73
N TRP E 143 16.30 17.12 20.04
CA TRP E 143 15.31 16.80 21.07
C TRP E 143 15.86 16.86 22.48
N GLU E 144 17.20 16.93 22.65
CA GLU E 144 17.79 17.12 23.97
C GLU E 144 18.07 18.58 24.26
N HIS E 145 18.40 19.34 23.23
CA HIS E 145 18.65 20.77 23.38
C HIS E 145 17.45 21.46 24.00
N ASP E 146 17.72 22.40 24.92
CA ASP E 146 16.63 23.23 25.40
C ASP E 146 15.98 23.94 24.23
N LEU E 147 14.66 23.83 24.13
CA LEU E 147 13.98 24.33 22.94
C LEU E 147 13.90 25.86 22.93
N ASP E 148 13.51 26.45 24.07
CA ASP E 148 13.40 27.91 24.13
C ASP E 148 14.73 28.58 23.81
N ALA E 149 15.83 28.05 24.34
CA ALA E 149 17.14 28.60 24.06
C ALA E 149 17.47 28.48 22.57
N GLY E 150 17.13 27.33 21.96
CA GLY E 150 17.40 27.14 20.55
C GLY E 150 16.61 28.10 19.67
N LEU E 151 15.32 28.27 19.96
CA LEU E 151 14.52 29.22 19.18
C LEU E 151 15.02 30.65 19.37
N ARG E 152 15.39 30.99 20.60
CA ARG E 152 15.89 32.35 20.86
C ARG E 152 17.17 32.63 20.11
N LEU E 153 18.09 31.67 20.09
CA LEU E 153 19.37 31.85 19.43
C LEU E 153 19.19 32.00 17.91
N MET E 154 18.19 31.33 17.33
CA MET E 154 17.98 31.49 15.89
C MET E 154 17.40 32.86 15.58
N ARG E 155 16.48 33.34 16.43
CA ARG E 155 15.93 34.67 16.25
C ARG E 155 17.02 35.74 16.36
N LEU E 156 17.88 35.64 17.38
CA LEU E 156 18.96 36.62 17.54
C LEU E 156 19.96 36.52 16.40
N GLY E 157 20.27 35.30 15.95
CA GLY E 157 21.33 35.12 14.98
C GLY E 157 20.92 35.39 13.55
N VAL E 158 19.63 35.30 13.24
CA VAL E 158 19.13 35.42 11.87
C VAL E 158 18.28 36.70 11.69
N ASP E 159 17.25 36.87 12.51
CA ASP E 159 16.32 37.98 12.30
C ASP E 159 17.00 39.33 12.43
N THR E 160 18.00 39.43 13.32
CA THR E 160 18.72 40.69 13.44
C THR E 160 19.40 41.06 12.14
N HIS E 161 19.95 40.07 11.42
CA HIS E 161 20.61 40.39 10.16
C HIS E 161 19.60 40.77 9.10
N ALA E 162 18.45 40.08 9.07
CA ALA E 162 17.39 40.43 8.12
C ALA E 162 16.89 41.85 8.35
N ILE E 163 16.62 42.20 9.61
CA ILE E 163 16.12 43.54 9.93
C ILE E 163 17.15 44.60 9.58
N SER E 164 18.41 44.36 9.91
CA SER E 164 19.47 45.31 9.61
C SER E 164 19.58 45.54 8.11
N SER E 165 19.61 44.46 7.33
CA SER E 165 19.70 44.62 5.88
C SER E 165 18.48 45.34 5.33
N HIS E 166 17.29 45.01 5.85
CA HIS E 166 16.07 45.66 5.39
C HIS E 166 16.13 47.19 5.52
N PHE E 167 16.65 47.69 6.64
CA PHE E 167 16.58 49.12 6.88
C PHE E 167 17.84 49.87 6.46
N LEU E 168 19.00 49.21 6.43
CA LEU E 168 20.24 49.92 6.16
C LEU E 168 20.72 49.79 4.72
N LEU E 169 20.26 48.78 3.98
CA LEU E 169 20.74 48.66 2.59
C LEU E 169 20.26 49.78 1.65
N PRO E 170 19.07 50.38 1.83
CA PRO E 170 18.72 51.49 0.92
C PRO E 170 19.78 52.58 0.87
N LEU E 171 20.29 53.00 2.02
CA LEU E 171 21.35 54.00 2.03
C LEU E 171 22.62 53.46 1.37
N LEU E 172 22.92 52.18 1.58
CA LEU E 172 24.16 51.63 1.05
C LEU E 172 24.13 51.51 -0.47
N VAL E 173 22.95 51.25 -1.07
CA VAL E 173 22.89 51.09 -2.52
C VAL E 173 22.60 52.41 -3.23
N ARG E 174 22.53 53.53 -2.49
CA ARG E 174 22.27 54.82 -3.12
C ARG E 174 23.35 55.16 -4.14
N ARG E 175 24.56 54.68 -3.95
CA ARG E 175 25.64 54.86 -4.91
C ARG E 175 26.48 53.60 -4.97
N PRO E 176 27.13 53.33 -6.09
CA PRO E 176 27.92 52.10 -6.21
C PRO E 176 29.11 52.08 -5.27
N GLY E 177 29.60 50.87 -5.02
CA GLY E 177 30.76 50.66 -4.18
C GLY E 177 30.48 50.24 -2.76
N GLY E 178 29.22 50.07 -2.36
CA GLY E 178 28.95 49.62 -1.01
C GLY E 178 29.39 48.17 -0.77
N LEU E 179 29.64 47.85 0.49
CA LEU E 179 30.10 46.53 0.91
C LEU E 179 29.30 46.09 2.12
N VAL E 180 28.76 44.87 2.08
CA VAL E 180 28.11 44.27 3.24
C VAL E 180 28.92 43.05 3.64
N VAL E 181 29.23 42.94 4.93
CA VAL E 181 29.93 41.76 5.44
C VAL E 181 29.00 41.05 6.43
N GLU E 182 28.61 39.82 6.09
CA GLU E 182 27.82 38.97 6.97
C GLU E 182 28.76 38.09 7.78
N MET E 183 28.62 38.12 9.11
CA MET E 183 29.54 37.43 9.99
C MET E 183 28.98 36.07 10.39
N THR E 184 29.74 35.00 10.19
CA THR E 184 29.28 33.67 10.56
C THR E 184 30.43 32.92 11.21
N ASP E 185 30.21 31.63 11.43
CA ASP E 185 31.22 30.70 11.95
C ASP E 185 31.37 29.61 10.90
N GLY E 186 32.54 29.51 10.29
CA GLY E 186 32.80 28.50 9.29
C GLY E 186 32.74 29.04 7.87
N THR E 187 33.38 28.32 6.96
CA THR E 187 33.27 28.60 5.53
C THR E 187 32.22 27.69 4.93
N ALA E 188 31.79 28.05 3.71
CA ALA E 188 30.89 27.18 2.98
C ALA E 188 31.52 25.81 2.78
N ALA E 189 32.83 25.77 2.49
CA ALA E 189 33.51 24.49 2.28
C ALA E 189 33.54 23.66 3.56
N TYR E 190 33.92 24.28 4.68
CA TYR E 190 33.96 23.53 5.92
C TYR E 190 32.55 23.14 6.37
N ASN E 191 31.64 24.10 6.44
CA ASN E 191 30.31 23.80 6.95
C ASN E 191 29.57 22.83 6.04
N GLY E 192 29.85 22.87 4.74
CA GLY E 192 29.21 21.94 3.82
C GLY E 192 29.48 20.48 4.15
N SER E 193 30.57 20.19 4.86
CA SER E 193 30.87 18.81 5.21
C SER E 193 30.98 18.59 6.71
N HIS E 194 30.59 19.55 7.53
CA HIS E 194 30.68 19.40 8.99
C HIS E 194 29.39 19.85 9.64
N TYR E 195 28.81 18.97 10.46
CA TYR E 195 27.80 19.36 11.42
C TYR E 195 28.42 20.31 12.45
N ARG E 196 27.79 21.48 12.68
CA ARG E 196 28.39 22.53 13.52
C ARG E 196 27.69 22.61 14.88
N ASN E 197 28.28 21.94 15.89
CA ASN E 197 27.92 22.04 17.31
C ASN E 197 26.60 21.38 17.66
N SER E 198 25.49 21.90 17.14
CA SER E 198 24.16 21.37 17.43
C SER E 198 23.18 22.05 16.48
N TYR E 199 21.93 21.57 16.50
CA TYR E 199 20.96 21.88 15.44
C TYR E 199 20.78 23.39 15.25
N PHE E 200 20.50 24.11 16.32
CA PHE E 200 20.14 25.52 16.18
C PHE E 200 21.35 26.35 15.78
N TYR E 201 22.47 26.13 16.44
CA TYR E 201 23.71 26.79 16.06
C TYR E 201 23.99 26.59 14.57
N ASP E 202 23.89 25.33 14.12
CA ASP E 202 24.23 25.00 12.74
C ASP E 202 23.31 25.71 11.76
N LEU E 203 22.00 25.78 12.04
CA LEU E 203 21.10 26.45 11.11
C LEU E 203 21.44 27.93 10.98
N VAL E 204 21.77 28.59 12.10
CA VAL E 204 22.12 30.00 12.03
C VAL E 204 23.35 30.20 11.16
N LYS E 205 24.43 29.48 11.47
CA LYS E 205 25.67 29.75 10.75
C LYS E 205 25.51 29.48 9.27
N ASN E 206 24.69 28.50 8.90
CA ASN E 206 24.52 28.23 7.48
C ASN E 206 23.53 29.18 6.83
N SER E 207 22.56 29.72 7.59
CA SER E 207 21.72 30.78 7.04
C SER E 207 22.54 32.04 6.73
N VAL E 208 23.49 32.39 7.60
CA VAL E 208 24.27 33.60 7.35
C VAL E 208 25.15 33.42 6.11
N LEU E 209 25.69 32.23 5.91
CA LEU E 209 26.37 31.93 4.64
C LEU E 209 25.45 32.19 3.46
N ARG E 210 24.19 31.73 3.54
CA ARG E 210 23.26 31.93 2.45
C ARG E 210 22.92 33.41 2.26
N MET E 211 22.86 34.17 3.36
CA MET E 211 22.61 35.61 3.25
C MET E 211 23.64 36.29 2.36
N GLY E 212 24.92 35.90 2.48
CA GLY E 212 25.92 36.49 1.61
C GLY E 212 25.62 36.24 0.14
N TYR E 213 25.20 35.02 -0.18
CA TYR E 213 24.85 34.68 -1.55
C TYR E 213 23.62 35.45 -2.01
N VAL E 214 22.61 35.53 -1.16
CA VAL E 214 21.37 36.20 -1.53
C VAL E 214 21.60 37.70 -1.70
N LEU E 215 22.31 38.33 -0.76
CA LEU E 215 22.53 39.77 -0.85
C LEU E 215 23.45 40.11 -2.01
N ALA E 216 24.37 39.21 -2.35
CA ALA E 216 25.21 39.46 -3.52
C ALA E 216 24.36 39.60 -4.77
N HIS E 217 23.31 38.77 -4.89
CA HIS E 217 22.39 38.87 -6.02
C HIS E 217 21.63 40.20 -5.99
N GLU E 218 21.17 40.62 -4.82
CA GLU E 218 20.37 41.85 -4.76
C GLU E 218 21.21 43.11 -4.92
N LEU E 219 22.48 43.08 -4.51
CA LEU E 219 23.28 44.30 -4.51
C LEU E 219 24.03 44.53 -5.82
N GLU E 220 24.32 43.47 -6.55
CA GLU E 220 25.15 43.62 -7.75
C GLU E 220 24.60 44.63 -8.76
N PRO E 221 23.30 44.71 -9.05
CA PRO E 221 22.84 45.76 -9.99
C PRO E 221 23.12 47.17 -9.51
N TYR E 222 23.37 47.36 -8.21
CA TYR E 222 23.65 48.67 -7.65
C TYR E 222 25.14 48.92 -7.48
N GLY E 223 25.98 48.02 -7.98
CA GLY E 223 27.39 48.15 -7.71
C GLY E 223 27.78 47.83 -6.28
N GLY E 224 26.91 47.12 -5.56
CA GLY E 224 27.21 46.70 -4.21
C GLY E 224 27.77 45.29 -4.16
N THR E 225 28.49 45.00 -3.08
CA THR E 225 29.15 43.71 -2.86
C THR E 225 28.74 43.15 -1.50
N ALA E 226 28.49 41.84 -1.46
CA ALA E 226 28.25 41.15 -0.19
C ALA E 226 29.17 39.94 -0.07
N VAL E 227 29.73 39.74 1.11
CA VAL E 227 30.50 38.55 1.41
C VAL E 227 30.04 38.02 2.76
N THR E 228 30.25 36.73 2.97
CA THR E 228 30.11 36.14 4.29
C THR E 228 31.50 35.82 4.81
N LEU E 229 31.80 36.28 6.02
CA LEU E 229 33.13 36.19 6.59
C LEU E 229 33.09 35.45 7.90
N THR E 230 34.03 34.52 8.12
CA THR E 230 34.18 33.90 9.42
C THR E 230 35.55 34.21 9.99
N PRO E 231 35.64 34.43 11.31
CA PRO E 231 36.94 34.41 11.98
C PRO E 231 37.41 32.98 12.14
N GLY E 232 38.62 32.82 12.69
CA GLY E 232 39.07 31.51 13.10
C GLY E 232 38.66 31.27 14.54
N TRP E 233 39.53 30.67 15.33
CA TRP E 233 39.26 30.45 16.77
C TRP E 233 39.68 31.72 17.49
N MET E 234 38.71 32.55 17.86
CA MET E 234 38.96 33.90 18.34
C MET E 234 39.25 33.94 19.84
N ARG E 235 40.29 34.68 20.24
CA ARG E 235 40.55 34.95 21.65
C ARG E 235 39.70 36.15 22.10
N SER E 236 38.39 35.96 22.10
CA SER E 236 37.45 36.97 22.56
C SER E 236 37.52 37.13 24.08
N GLU E 237 36.89 38.19 24.58
CA GLU E 237 36.82 38.40 26.03
C GLU E 237 36.19 37.19 26.72
N MET E 238 35.09 36.69 26.16
CA MET E 238 34.40 35.53 26.73
C MET E 238 35.28 34.28 26.66
N MET E 239 35.99 34.07 25.55
CA MET E 239 36.82 32.89 25.40
C MET E 239 37.99 32.89 26.38
N LEU E 240 38.71 34.01 26.48
CA LEU E 240 39.84 34.10 27.40
C LEU E 240 39.39 33.90 28.85
N GLU E 241 38.22 34.41 29.22
CA GLU E 241 37.72 34.21 30.58
C GLU E 241 37.46 32.74 30.86
N THR E 242 36.81 32.05 29.92
CA THR E 242 36.57 30.62 30.07
C THR E 242 37.88 29.86 30.32
N LEU E 243 38.96 30.27 29.67
CA LEU E 243 40.24 29.61 29.81
C LEU E 243 41.08 30.14 30.97
N GLY E 244 40.61 31.18 31.66
CA GLY E 244 41.32 31.70 32.80
C GLY E 244 42.63 32.40 32.47
N VAL E 245 42.73 33.01 31.30
CA VAL E 245 43.94 33.72 30.91
C VAL E 245 43.58 35.08 30.33
N THR E 246 44.57 35.96 30.30
CA THR E 246 44.50 37.22 29.59
C THR E 246 45.14 37.07 28.22
N GLU E 247 44.97 38.09 27.37
CA GLU E 247 45.61 38.08 26.05
C GLU E 247 47.13 38.03 26.15
N GLU E 248 47.71 38.68 27.17
CA GLU E 248 49.17 38.76 27.26
C GLU E 248 49.82 37.42 27.57
N ASN E 249 49.08 36.49 28.16
CA ASN E 249 49.61 35.17 28.45
C ASN E 249 48.65 34.08 27.98
N TRP E 250 48.08 34.25 26.78
CA TRP E 250 47.09 33.28 26.32
C TRP E 250 47.69 31.89 26.12
N ARG E 251 48.98 31.80 25.81
CA ARG E 251 49.52 30.46 25.62
C ARG E 251 49.61 29.66 26.92
N ASP E 252 49.34 30.28 28.07
CA ASP E 252 49.22 29.52 29.32
C ASP E 252 48.09 28.52 29.27
N ALA E 253 47.10 28.73 28.40
CA ALA E 253 45.97 27.82 28.33
C ALA E 253 46.27 26.57 27.51
N LEU E 254 47.42 26.50 26.86
CA LEU E 254 47.67 25.39 25.92
C LEU E 254 47.77 24.03 26.63
N THR E 255 48.16 23.98 27.91
CA THR E 255 48.15 22.69 28.59
C THR E 255 46.72 22.17 28.74
N GLU E 256 45.75 23.05 28.95
CA GLU E 256 44.36 22.63 29.07
C GLU E 256 43.72 22.42 27.71
N VAL E 257 44.03 23.26 26.72
CA VAL E 257 43.42 23.18 25.40
C VAL E 257 44.52 23.23 24.36
N PRO E 258 45.16 22.10 24.03
CA PRO E 258 46.35 22.17 23.15
C PRO E 258 46.07 22.73 21.77
N HIS E 259 44.89 22.43 21.18
CA HIS E 259 44.62 22.94 19.84
C HIS E 259 44.32 24.43 19.82
N PHE E 260 44.21 25.08 20.98
CA PHE E 260 44.12 26.54 21.03
C PHE E 260 45.37 27.22 20.46
N CYS E 261 46.41 26.45 20.11
CA CYS E 261 47.61 27.00 19.48
C CYS E 261 47.34 27.58 18.10
N ILE E 262 46.15 27.32 17.50
CA ILE E 262 45.78 27.90 16.22
C ILE E 262 45.04 29.24 16.38
N SER E 263 44.79 29.69 17.62
CA SER E 263 43.88 30.80 17.87
C SER E 263 44.45 32.13 17.38
N GLU E 264 43.54 33.12 17.25
CA GLU E 264 43.85 34.44 16.72
C GLU E 264 43.16 35.47 17.60
N SER E 265 43.70 36.69 17.63
CA SER E 265 42.99 37.73 18.35
C SER E 265 41.80 38.20 17.52
N PRO E 266 40.78 38.78 18.15
CA PRO E 266 39.66 39.35 17.37
C PRO E 266 40.09 40.40 16.36
N SER E 267 41.23 41.07 16.56
CA SER E 267 41.67 42.09 15.60
C SER E 267 42.02 41.52 14.23
N TYR E 268 42.30 40.22 14.16
CA TYR E 268 42.64 39.58 12.89
C TYR E 268 41.46 39.64 11.92
N VAL E 269 40.27 39.20 12.37
CA VAL E 269 39.10 39.29 11.50
C VAL E 269 38.74 40.76 11.27
N GLY E 270 39.07 41.63 12.24
CA GLY E 270 38.90 43.07 12.03
C GLY E 270 39.72 43.58 10.87
N ARG E 271 40.99 43.15 10.78
CA ARG E 271 41.83 43.55 9.66
C ARG E 271 41.33 42.95 8.34
N ALA E 272 40.72 41.75 8.41
CA ALA E 272 40.13 41.17 7.20
C ALA E 272 39.01 42.06 6.67
N VAL E 273 38.14 42.56 7.55
CA VAL E 273 37.09 43.47 7.12
C VAL E 273 37.70 44.75 6.55
N ALA E 274 38.70 45.30 7.25
CA ALA E 274 39.31 46.54 6.76
C ALA E 274 39.94 46.33 5.39
N ALA E 275 40.55 45.17 5.17
CA ALA E 275 41.17 44.88 3.88
C ALA E 275 40.12 44.76 2.78
N LEU E 276 38.98 44.15 3.08
CA LEU E 276 37.88 44.15 2.11
C LEU E 276 37.41 45.56 1.82
N ALA E 277 37.17 46.34 2.88
CA ALA E 277 36.66 47.69 2.72
C ALA E 277 37.65 48.57 1.94
N GLY E 278 38.94 48.28 2.03
CA GLY E 278 39.91 49.08 1.32
C GLY E 278 40.21 48.61 -0.08
N ASP E 279 39.62 47.49 -0.51
CA ASP E 279 39.91 46.89 -1.80
C ASP E 279 39.05 47.54 -2.87
N ALA E 280 39.70 48.31 -3.76
CA ALA E 280 38.97 48.94 -4.87
C ALA E 280 38.26 47.91 -5.74
N ASP E 281 38.76 46.67 -5.79
CA ASP E 281 38.15 45.60 -6.57
C ASP E 281 37.47 44.56 -5.67
N VAL E 282 36.85 45.00 -4.57
CA VAL E 282 36.26 44.03 -3.64
C VAL E 282 35.12 43.25 -4.31
N ALA E 283 34.56 43.76 -5.40
CA ALA E 283 33.50 43.03 -6.09
C ALA E 283 33.95 41.65 -6.57
N ARG E 284 35.26 41.40 -6.66
CA ARG E 284 35.73 40.07 -7.03
C ARG E 284 35.29 39.00 -6.03
N TRP E 285 34.89 39.38 -4.82
CA TRP E 285 34.47 38.46 -3.79
C TRP E 285 32.95 38.27 -3.72
N ASN E 286 32.18 38.93 -4.57
CA ASN E 286 30.74 39.02 -4.39
C ASN E 286 30.10 37.65 -4.26
N GLY E 287 29.34 37.46 -3.19
CA GLY E 287 28.63 36.22 -2.96
C GLY E 287 29.44 35.14 -2.30
N GLN E 288 30.73 35.34 -2.10
CA GLN E 288 31.56 34.25 -1.62
C GLN E 288 31.59 34.20 -0.10
N SER E 289 31.92 33.01 0.38
CA SER E 289 32.26 32.75 1.77
C SER E 289 33.77 32.84 1.90
N VAL E 290 34.26 33.62 2.87
CA VAL E 290 35.68 33.81 3.10
C VAL E 290 35.96 33.67 4.58
N SER E 291 37.25 33.47 4.90
CA SER E 291 37.71 33.38 6.29
C SER E 291 38.82 34.39 6.52
N SER E 292 39.01 34.74 7.80
CA SER E 292 40.07 35.69 8.16
C SER E 292 41.44 35.15 7.74
N GLY E 293 41.66 33.84 7.88
CA GLY E 293 42.95 33.28 7.51
C GLY E 293 43.18 33.28 6.01
N GLN E 294 42.14 32.98 5.24
CA GLN E 294 42.24 33.07 3.80
C GLN E 294 42.55 34.50 3.36
N LEU E 295 41.89 35.49 3.98
CA LEU E 295 42.10 36.86 3.55
C LEU E 295 43.45 37.40 3.99
N ALA E 296 43.99 36.89 5.10
CA ALA E 296 45.34 37.29 5.48
C ALA E 296 46.36 36.87 4.42
N GLN E 297 46.19 35.65 3.88
CA GLN E 297 47.07 35.22 2.79
C GLN E 297 46.86 36.07 1.55
N GLU E 298 45.61 36.44 1.27
CA GLU E 298 45.30 37.18 0.06
C GLU E 298 45.80 38.62 0.14
N TYR E 299 45.61 39.29 1.27
CA TYR E 299 45.92 40.71 1.38
C TYR E 299 47.24 41.00 2.07
N GLY E 300 47.75 40.07 2.87
CA GLY E 300 49.03 40.24 3.50
C GLY E 300 49.01 40.83 4.89
N PHE E 301 47.85 41.17 5.44
CA PHE E 301 47.85 41.62 6.83
C PHE E 301 48.19 40.44 7.75
N THR E 302 48.50 40.77 9.00
CA THR E 302 48.78 39.76 10.01
C THR E 302 47.93 40.05 11.23
N ASP E 303 47.91 39.11 12.17
CA ASP E 303 47.36 39.40 13.49
C ASP E 303 48.29 40.39 14.22
N LEU E 304 47.85 40.83 15.40
CA LEU E 304 48.65 41.80 16.16
C LEU E 304 50.04 41.27 16.46
N ASP E 305 50.19 39.96 16.62
CA ASP E 305 51.49 39.36 16.93
C ASP E 305 52.32 39.01 15.69
N GLY E 306 51.91 39.45 14.50
CA GLY E 306 52.66 39.17 13.30
C GLY E 306 52.38 37.82 12.63
N SER E 307 51.52 36.99 13.21
CA SER E 307 51.25 35.68 12.63
C SER E 307 50.03 35.73 11.70
N ARG E 308 49.78 34.61 11.02
CA ARG E 308 48.63 34.48 10.11
C ARG E 308 47.95 33.13 10.31
N PRO E 309 47.25 32.95 11.43
CA PRO E 309 46.56 31.67 11.68
C PRO E 309 45.62 31.31 10.56
N ASP E 310 45.56 30.01 10.25
CA ASP E 310 44.73 29.46 9.18
C ASP E 310 43.87 28.37 9.84
N CYS E 311 42.85 28.81 10.57
CA CYS E 311 42.11 27.92 11.46
C CYS E 311 41.45 26.77 10.70
N TRP E 312 40.78 27.08 9.59
CA TRP E 312 39.90 26.07 8.98
C TRP E 312 40.71 25.00 8.24
N ARG E 313 41.87 25.36 7.71
CA ARG E 313 42.77 24.33 7.19
C ARG E 313 43.37 23.50 8.31
N TYR E 314 43.75 24.17 9.42
CA TYR E 314 44.27 23.45 10.59
C TYR E 314 43.26 22.45 11.13
N LEU E 315 41.99 22.86 11.24
CA LEU E 315 41.00 21.96 11.82
C LEU E 315 40.90 20.67 11.01
N VAL E 316 41.01 20.77 9.68
CA VAL E 316 40.86 19.61 8.82
C VAL E 316 42.14 18.78 8.79
N GLU E 317 43.28 19.43 8.57
CA GLU E 317 44.51 18.72 8.29
C GLU E 317 45.26 18.27 9.55
N VAL E 318 44.98 18.87 10.70
CA VAL E 318 45.69 18.49 11.92
C VAL E 318 44.72 17.88 12.91
N GLN E 319 43.78 18.68 13.42
CA GLN E 319 42.99 18.23 14.57
C GLN E 319 42.05 17.08 14.18
N GLU E 320 41.28 17.25 13.10
CA GLU E 320 40.34 16.18 12.73
C GLU E 320 41.05 14.98 12.12
N ALA E 321 42.29 15.16 11.64
CA ALA E 321 43.09 14.05 11.17
C ALA E 321 43.67 13.24 12.31
N GLY E 322 43.40 13.61 13.56
CA GLY E 322 43.92 12.91 14.71
C GLY E 322 45.35 13.22 15.06
N LYS E 323 45.97 14.21 14.42
CA LYS E 323 47.36 14.54 14.73
C LYS E 323 47.46 15.35 16.03
N PRO E 324 48.61 15.31 16.71
CA PRO E 324 48.77 16.11 17.92
C PRO E 324 48.75 17.59 17.57
N ALA E 325 48.28 18.40 18.51
CA ALA E 325 48.26 19.84 18.29
C ALA E 325 49.67 20.34 17.98
N ASP E 326 49.78 21.10 16.89
CA ASP E 326 51.06 21.61 16.38
C ASP E 326 50.76 22.70 15.36
N PRO E 327 51.09 23.95 15.64
CA PRO E 327 50.71 25.03 14.72
C PRO E 327 51.64 25.21 13.53
N SER E 328 52.71 24.41 13.43
CA SER E 328 53.70 24.61 12.38
C SER E 328 53.06 24.57 11.01
N GLY E 329 53.31 25.62 10.21
CA GLY E 329 52.73 25.73 8.89
C GLY E 329 51.33 26.29 8.83
N TYR E 330 50.71 26.60 9.96
CA TYR E 330 49.33 27.07 9.98
C TYR E 330 49.17 28.45 10.61
N ARG E 331 50.26 29.12 10.95
CA ARG E 331 50.20 30.48 11.46
C ARG E 331 51.55 31.12 11.23
N PRO F 28 -1.75 -11.61 38.35
CA PRO F 28 -2.47 -12.71 38.99
C PRO F 28 -3.85 -12.91 38.35
N ALA F 29 -3.87 -13.40 37.11
CA ALA F 29 -5.11 -13.52 36.35
C ALA F 29 -6.18 -14.25 37.16
N PRO F 30 -7.44 -13.84 37.09
CA PRO F 30 -8.46 -14.48 37.92
C PRO F 30 -8.63 -15.95 37.56
N ASP F 31 -8.72 -16.78 38.58
CA ASP F 31 -8.99 -18.21 38.38
C ASP F 31 -10.41 -18.46 38.90
N LEU F 32 -11.37 -18.61 38.00
CA LEU F 32 -12.76 -18.80 38.35
C LEU F 32 -13.27 -20.20 38.01
N ARG F 33 -12.36 -21.15 37.81
CA ARG F 33 -12.78 -22.52 37.53
C ARG F 33 -13.59 -23.02 38.72
N GLY F 34 -14.69 -23.70 38.43
CA GLY F 34 -15.57 -24.14 39.49
C GLY F 34 -16.53 -23.09 40.01
N LYS F 35 -16.36 -21.83 39.63
CA LYS F 35 -17.30 -20.80 40.04
C LYS F 35 -18.54 -20.81 39.14
N ILE F 36 -19.68 -20.49 39.75
CA ILE F 36 -20.95 -20.35 39.04
C ILE F 36 -21.31 -18.88 39.00
N ALA F 37 -21.50 -18.34 37.80
CA ALA F 37 -21.87 -16.95 37.61
C ALA F 37 -23.17 -16.88 36.82
N LEU F 38 -23.90 -15.78 37.01
CA LEU F 38 -25.07 -15.48 36.22
C LEU F 38 -25.01 -14.01 35.83
N VAL F 39 -25.11 -13.73 34.54
CA VAL F 39 -25.18 -12.36 34.05
C VAL F 39 -26.59 -12.13 33.54
N ALA F 40 -27.37 -11.35 34.28
CA ALA F 40 -28.74 -11.02 33.87
C ALA F 40 -28.69 -9.92 32.83
N GLY F 41 -29.15 -10.22 31.62
CA GLY F 41 -29.06 -9.27 30.52
C GLY F 41 -27.72 -9.37 29.84
N ALA F 42 -27.50 -10.46 29.09
CA ALA F 42 -26.18 -10.76 28.52
C ALA F 42 -26.18 -10.96 27.01
N THR F 43 -27.21 -10.47 26.32
CA THR F 43 -27.31 -10.66 24.88
C THR F 43 -26.23 -9.92 24.12
N ARG F 44 -25.88 -8.71 24.56
CA ARG F 44 -24.97 -7.85 23.82
C ARG F 44 -24.37 -6.84 24.81
N GLY F 45 -23.61 -5.88 24.28
CA GLY F 45 -23.09 -4.80 25.11
C GLY F 45 -22.21 -5.30 26.23
N ALA F 46 -22.27 -4.60 27.37
CA ALA F 46 -21.45 -5.01 28.51
C ALA F 46 -21.84 -6.41 28.99
N GLY F 47 -23.14 -6.70 28.99
CA GLY F 47 -23.60 -7.97 29.52
C GLY F 47 -22.95 -9.15 28.83
N ARG F 48 -22.96 -9.16 27.50
CA ARG F 48 -22.27 -10.23 26.77
C ARG F 48 -20.79 -10.26 27.12
N ALA F 49 -20.13 -9.11 27.09
CA ALA F 49 -18.68 -9.12 27.29
C ALA F 49 -18.32 -9.52 28.72
N ILE F 50 -19.15 -9.16 29.70
CA ILE F 50 -18.87 -9.60 31.07
C ILE F 50 -18.95 -11.12 31.15
N ALA F 51 -19.98 -11.70 30.55
CA ALA F 51 -20.13 -13.16 30.55
C ALA F 51 -18.94 -13.83 29.87
N VAL F 52 -18.50 -13.28 28.74
CA VAL F 52 -17.39 -13.90 28.01
C VAL F 52 -16.10 -13.84 28.84
N GLN F 53 -15.82 -12.69 29.47
CA GLN F 53 -14.61 -12.57 30.28
C GLN F 53 -14.66 -13.45 31.52
N LEU F 54 -15.86 -13.65 32.10
CA LEU F 54 -15.99 -14.62 33.19
C LEU F 54 -15.71 -16.03 32.69
N GLY F 55 -16.20 -16.36 31.50
CA GLY F 55 -15.87 -17.64 30.90
C GLY F 55 -14.38 -17.78 30.60
N ALA F 56 -13.74 -16.67 30.18
CA ALA F 56 -12.30 -16.72 29.90
C ALA F 56 -11.52 -17.08 31.14
N ALA F 57 -12.02 -16.70 32.31
CA ALA F 57 -11.38 -17.08 33.57
C ALA F 57 -11.78 -18.46 34.05
N GLY F 58 -12.61 -19.18 33.30
CA GLY F 58 -12.94 -20.56 33.62
C GLY F 58 -14.30 -20.80 34.25
N ALA F 59 -15.15 -19.78 34.34
CA ALA F 59 -16.41 -19.91 35.06
C ALA F 59 -17.48 -20.58 34.20
N THR F 60 -18.45 -21.22 34.89
CA THR F 60 -19.73 -21.52 34.28
C THR F 60 -20.63 -20.28 34.41
N VAL F 61 -21.21 -19.83 33.30
CA VAL F 61 -21.94 -18.57 33.28
C VAL F 61 -23.33 -18.80 32.72
N TYR F 62 -24.36 -18.60 33.56
CA TYR F 62 -25.73 -18.45 33.06
C TYR F 62 -25.90 -17.08 32.43
N VAL F 63 -26.43 -17.04 31.22
CA VAL F 63 -26.62 -15.80 30.49
C VAL F 63 -28.08 -15.70 30.09
N THR F 64 -28.71 -14.56 30.42
CA THR F 64 -30.13 -14.38 30.17
C THR F 64 -30.37 -13.15 29.31
N GLY F 65 -31.49 -13.17 28.61
CA GLY F 65 -31.90 -12.10 27.73
C GLY F 65 -33.14 -12.54 27.02
N ARG F 66 -33.76 -11.61 26.31
CA ARG F 66 -35.00 -11.89 25.58
C ARG F 66 -34.77 -12.33 24.14
N THR F 67 -33.70 -11.85 23.50
CA THR F 67 -33.49 -12.14 22.08
C THR F 67 -33.01 -13.58 21.93
N THR F 68 -33.81 -14.40 21.25
CA THR F 68 -33.43 -15.77 20.93
C THR F 68 -33.24 -15.90 19.42
N ARG F 69 -32.81 -17.08 18.99
CA ARG F 69 -32.66 -17.31 17.57
C ARG F 69 -34.00 -17.35 16.85
N GLU F 70 -35.12 -17.58 17.56
CA GLU F 70 -36.44 -17.57 16.94
C GLU F 70 -37.17 -16.23 17.04
N ARG F 71 -36.98 -15.45 18.11
CA ARG F 71 -37.77 -14.23 18.28
C ARG F 71 -36.89 -13.06 18.69
N ARG F 72 -37.13 -11.91 18.07
CA ARG F 72 -36.45 -10.65 18.39
C ARG F 72 -37.06 -10.04 19.65
N SER F 73 -36.26 -9.17 20.30
CA SER F 73 -36.70 -8.50 21.51
C SER F 73 -37.15 -7.07 21.19
N GLU F 74 -37.63 -6.39 22.23
CA GLU F 74 -37.96 -4.97 22.16
C GLU F 74 -36.83 -4.14 21.56
N TYR F 75 -35.58 -4.57 21.73
CA TYR F 75 -34.46 -3.84 21.17
C TYR F 75 -34.40 -3.93 19.65
N ASN F 76 -34.96 -5.01 19.08
CA ASN F 76 -34.93 -5.26 17.64
C ASN F 76 -33.48 -5.26 17.13
N ARG F 77 -32.68 -6.14 17.73
CA ARG F 77 -31.27 -6.31 17.38
C ARG F 77 -31.04 -7.78 17.03
N SER F 78 -29.90 -8.06 16.41
CA SER F 78 -29.65 -9.38 15.86
C SER F 78 -28.80 -10.29 16.75
N GLU F 79 -28.07 -9.74 17.71
CA GLU F 79 -27.36 -10.56 18.68
C GLU F 79 -28.36 -11.39 19.49
N THR F 80 -28.03 -12.65 19.77
CA THR F 80 -28.93 -13.55 20.48
C THR F 80 -28.29 -14.06 21.76
N ILE F 81 -29.14 -14.49 22.71
CA ILE F 81 -28.61 -14.98 23.97
C ILE F 81 -27.87 -16.31 23.78
N GLU F 82 -28.27 -17.12 22.78
CA GLU F 82 -27.56 -18.36 22.49
C GLU F 82 -26.13 -18.10 22.01
N GLU F 83 -25.94 -17.06 21.20
CA GLU F 83 -24.58 -16.76 20.76
C GLU F 83 -23.70 -16.37 21.95
N THR F 84 -24.25 -15.62 22.91
CA THR F 84 -23.47 -15.29 24.08
C THR F 84 -22.99 -16.55 24.79
N ALA F 85 -23.90 -17.50 25.00
CA ALA F 85 -23.49 -18.73 25.68
C ALA F 85 -22.38 -19.45 24.92
N GLU F 86 -22.49 -19.49 23.58
CA GLU F 86 -21.46 -20.15 22.79
C GLU F 86 -20.14 -19.40 22.92
N LEU F 87 -20.19 -18.06 22.96
CA LEU F 87 -18.96 -17.28 23.12
C LEU F 87 -18.33 -17.51 24.48
N VAL F 88 -19.15 -17.70 25.53
CA VAL F 88 -18.61 -18.01 26.83
C VAL F 88 -17.90 -19.35 26.80
N THR F 89 -18.51 -20.35 26.17
CA THR F 89 -17.87 -21.66 26.03
C THR F 89 -16.61 -21.57 25.18
N GLU F 90 -16.72 -20.91 24.02
CA GLU F 90 -15.56 -20.72 23.16
C GLU F 90 -14.39 -20.06 23.90
N ALA F 91 -14.70 -19.12 24.79
CA ALA F 91 -13.65 -18.42 25.53
C ALA F 91 -12.99 -19.27 26.60
N GLY F 92 -13.55 -20.43 26.92
CA GLY F 92 -12.91 -21.29 27.89
C GLY F 92 -13.73 -21.62 29.11
N GLY F 93 -14.99 -21.22 29.12
CA GLY F 93 -15.87 -21.54 30.22
C GLY F 93 -17.02 -22.39 29.74
N THR F 94 -18.16 -22.32 30.43
CA THR F 94 -19.39 -22.94 29.98
C THR F 94 -20.51 -21.91 30.04
N GLY F 95 -21.06 -21.58 28.86
CA GLY F 95 -22.20 -20.70 28.79
C GLY F 95 -23.49 -21.51 28.70
N ILE F 96 -24.45 -21.15 29.55
CA ILE F 96 -25.78 -21.77 29.56
C ILE F 96 -26.78 -20.66 29.31
N ALA F 97 -27.41 -20.65 28.14
CA ALA F 97 -28.40 -19.64 27.80
C ALA F 97 -29.75 -19.97 28.40
N VAL F 98 -30.35 -19.01 29.11
CA VAL F 98 -31.70 -19.16 29.63
C VAL F 98 -32.51 -17.94 29.17
N PRO F 99 -33.22 -18.04 28.05
CA PRO F 99 -34.09 -16.93 27.64
C PRO F 99 -35.04 -16.60 28.78
N THR F 100 -35.10 -15.31 29.12
CA THR F 100 -35.79 -14.84 30.31
C THR F 100 -36.20 -13.41 30.05
N ASP F 101 -37.45 -13.06 30.34
CA ASP F 101 -37.84 -11.67 30.45
C ASP F 101 -37.75 -11.28 31.92
N HIS F 102 -36.76 -10.45 32.27
CA HIS F 102 -36.55 -10.14 33.67
C HIS F 102 -37.64 -9.25 34.28
N LEU F 103 -38.63 -8.82 33.51
CA LEU F 103 -39.79 -8.18 34.10
C LEU F 103 -40.87 -9.16 34.54
N VAL F 104 -40.67 -10.46 34.28
CA VAL F 104 -41.71 -11.44 34.59
C VAL F 104 -41.26 -12.28 35.79
N PRO F 105 -41.82 -12.02 36.98
CA PRO F 105 -41.32 -12.73 38.17
C PRO F 105 -41.32 -14.24 38.05
N GLU F 106 -42.34 -14.81 37.41
CA GLU F 106 -42.42 -16.26 37.29
C GLU F 106 -41.22 -16.82 36.54
N GLN F 107 -40.76 -16.12 35.49
CA GLN F 107 -39.60 -16.58 34.72
C GLN F 107 -38.30 -16.44 35.49
N VAL F 108 -38.19 -15.41 36.33
CA VAL F 108 -36.98 -15.22 37.10
C VAL F 108 -36.94 -16.18 38.28
N ARG F 109 -38.10 -16.49 38.87
CA ARG F 109 -38.16 -17.56 39.86
C ARG F 109 -37.68 -18.89 39.26
N ALA F 110 -38.15 -19.21 38.05
CA ALA F 110 -37.72 -20.45 37.40
C ALA F 110 -36.22 -20.46 37.15
N LEU F 111 -35.68 -19.32 36.72
CA LEU F 111 -34.24 -19.20 36.50
C LEU F 111 -33.48 -19.53 37.78
N ALA F 112 -33.90 -18.95 38.90
CA ALA F 112 -33.23 -19.25 40.18
C ALA F 112 -33.36 -20.72 40.53
N ASP F 113 -34.54 -21.31 40.32
CA ASP F 113 -34.72 -22.73 40.57
C ASP F 113 -33.78 -23.57 39.73
N ARG F 114 -33.60 -23.19 38.47
CA ARG F 114 -32.73 -23.96 37.58
C ARG F 114 -31.29 -23.95 38.07
N VAL F 115 -30.78 -22.77 38.45
CA VAL F 115 -29.39 -22.70 38.90
C VAL F 115 -29.21 -23.56 40.15
N ASP F 116 -30.18 -23.50 41.07
CA ASP F 116 -30.11 -24.35 42.24
C ASP F 116 -30.09 -25.82 41.83
N THR F 117 -30.96 -26.19 40.87
CA THR F 117 -31.07 -27.58 40.43
C THR F 117 -29.77 -28.07 39.81
N GLU F 118 -29.20 -27.29 38.91
CA GLU F 118 -28.05 -27.75 38.13
C GLU F 118 -26.73 -27.60 38.89
N GLN F 119 -26.62 -26.60 39.77
CA GLN F 119 -25.32 -26.29 40.37
C GLN F 119 -25.35 -26.30 41.90
N GLY F 120 -26.52 -26.04 42.48
CA GLY F 120 -26.57 -25.94 43.93
C GLY F 120 -25.84 -24.77 44.54
N ARG F 121 -25.40 -23.80 43.74
CA ARG F 121 -24.66 -22.66 44.25
C ARG F 121 -24.70 -21.54 43.20
N LEU F 122 -24.43 -20.32 43.66
CA LEU F 122 -24.29 -19.18 42.77
C LEU F 122 -23.25 -18.25 43.40
N ASP F 123 -22.13 -18.06 42.72
CA ASP F 123 -21.03 -17.28 43.30
C ASP F 123 -21.06 -15.82 42.91
N VAL F 124 -21.49 -15.51 41.70
CA VAL F 124 -21.39 -14.15 41.16
C VAL F 124 -22.69 -13.86 40.42
N LEU F 125 -23.34 -12.75 40.78
CA LEU F 125 -24.53 -12.28 40.10
C LEU F 125 -24.24 -10.90 39.51
N VAL F 126 -24.43 -10.74 38.21
CA VAL F 126 -24.23 -9.45 37.54
C VAL F 126 -25.60 -8.99 37.05
N ASN F 127 -26.14 -7.93 37.66
CA ASN F 127 -27.40 -7.35 37.22
C ASN F 127 -27.06 -6.32 36.16
N ASP F 128 -27.03 -6.77 34.92
CA ASP F 128 -26.62 -5.90 33.83
C ASP F 128 -27.78 -5.30 33.06
N VAL F 129 -28.96 -5.92 33.14
CA VAL F 129 -30.15 -5.52 32.40
C VAL F 129 -30.33 -4.00 32.36
N TRP F 130 -30.37 -3.44 31.16
CA TRP F 130 -30.64 -2.02 30.97
C TRP F 130 -31.77 -1.88 29.97
N GLY F 131 -31.50 -2.14 28.68
CA GLY F 131 -32.54 -2.12 27.66
C GLY F 131 -33.11 -0.76 27.29
N GLY F 132 -32.52 0.33 27.76
CA GLY F 132 -33.08 1.65 27.55
C GLY F 132 -32.41 2.52 26.52
N GLU F 133 -31.42 2.00 25.77
CA GLU F 133 -30.60 2.85 24.91
C GLU F 133 -31.42 3.60 23.86
N ARG F 134 -32.53 3.00 23.42
CA ARG F 134 -33.37 3.61 22.40
C ARG F 134 -34.52 4.42 22.99
N LEU F 135 -34.68 4.42 24.31
CA LEU F 135 -35.84 5.03 24.93
C LEU F 135 -35.57 6.39 25.53
N PHE F 136 -34.33 6.68 25.96
CA PHE F 136 -34.07 7.99 26.52
C PHE F 136 -33.83 9.01 25.42
N GLU F 137 -34.08 10.28 25.76
CA GLU F 137 -33.91 11.42 24.87
C GLU F 137 -32.87 12.34 25.50
N PHE F 138 -31.84 12.70 24.73
CA PHE F 138 -30.63 13.28 25.32
C PHE F 138 -30.78 14.70 25.88
N ASP F 139 -31.43 15.63 25.19
CA ASP F 139 -31.58 16.98 25.78
C ASP F 139 -33.05 17.40 25.80
N LYS F 140 -33.85 16.59 26.46
CA LYS F 140 -35.24 16.93 26.71
C LYS F 140 -35.47 17.05 28.19
N LYS F 141 -36.17 18.11 28.59
CA LYS F 141 -36.64 18.25 29.97
C LYS F 141 -37.72 17.21 30.21
N VAL F 142 -38.08 17.02 31.49
CA VAL F 142 -39.01 15.92 31.80
C VAL F 142 -40.37 16.14 31.14
N TRP F 143 -40.79 17.40 30.95
CA TRP F 143 -42.06 17.64 30.28
C TRP F 143 -41.98 17.59 28.76
N GLU F 144 -40.77 17.57 28.19
CA GLU F 144 -40.58 17.39 26.75
C GLU F 144 -40.33 15.94 26.37
N HIS F 145 -39.68 15.18 27.26
CA HIS F 145 -39.42 13.77 27.05
C HIS F 145 -40.73 13.03 26.84
N ASP F 146 -40.73 12.07 25.92
CA ASP F 146 -41.89 11.19 25.79
C ASP F 146 -42.09 10.45 27.10
N LEU F 147 -43.33 10.52 27.63
CA LEU F 147 -43.58 10.01 28.98
C LEU F 147 -43.58 8.48 29.02
N ASP F 148 -44.28 7.84 28.07
CA ASP F 148 -44.34 6.39 28.04
C ASP F 148 -42.95 5.77 27.93
N ALA F 149 -42.11 6.33 27.07
CA ALA F 149 -40.74 5.82 26.94
C ALA F 149 -39.96 6.00 28.24
N GLY F 150 -40.11 7.14 28.89
CA GLY F 150 -39.41 7.37 30.15
C GLY F 150 -39.85 6.42 31.22
N LEU F 151 -41.17 6.18 31.33
CA LEU F 151 -41.66 5.23 32.32
C LEU F 151 -41.21 3.80 32.02
N ARG F 152 -41.19 3.44 30.73
CA ARG F 152 -40.74 2.11 30.33
C ARG F 152 -39.27 1.90 30.65
N LEU F 153 -38.45 2.91 30.37
CA LEU F 153 -37.02 2.82 30.59
C LEU F 153 -36.71 2.66 32.07
N MET F 154 -37.51 3.29 32.94
CA MET F 154 -37.30 3.13 34.37
C MET F 154 -37.72 1.74 34.84
N ARG F 155 -38.82 1.22 34.29
CA ARG F 155 -39.23 -0.12 34.66
C ARG F 155 -38.17 -1.14 34.23
N LEU F 156 -37.67 -1.00 32.99
CA LEU F 156 -36.64 -1.94 32.52
C LEU F 156 -35.34 -1.79 33.29
N GLY F 157 -34.97 -0.55 33.64
CA GLY F 157 -33.67 -0.32 34.24
C GLY F 157 -33.61 -0.58 35.74
N VAL F 158 -34.75 -0.54 36.42
CA VAL F 158 -34.80 -0.65 37.87
C VAL F 158 -35.47 -1.96 38.31
N ASP F 159 -36.69 -2.21 37.83
CA ASP F 159 -37.46 -3.35 38.33
C ASP F 159 -36.79 -4.66 38.00
N THR F 160 -36.11 -4.73 36.85
CA THR F 160 -35.44 -5.97 36.50
C THR F 160 -34.37 -6.31 37.52
N HIS F 161 -33.70 -5.31 38.08
CA HIS F 161 -32.66 -5.60 39.07
C HIS F 161 -33.29 -6.02 40.39
N ALA F 162 -34.39 -5.38 40.79
CA ALA F 162 -35.08 -5.74 42.02
C ALA F 162 -35.59 -7.17 41.95
N ILE F 163 -36.23 -7.53 40.84
CA ILE F 163 -36.77 -8.88 40.66
C ILE F 163 -35.64 -9.90 40.67
N SER F 164 -34.55 -9.59 39.96
CA SER F 164 -33.41 -10.49 39.91
C SER F 164 -32.83 -10.71 41.31
N SER F 165 -32.60 -9.63 42.05
CA SER F 165 -32.04 -9.78 43.39
C SER F 165 -32.99 -10.55 44.29
N HIS F 166 -34.29 -10.26 44.20
CA HIS F 166 -35.29 -10.93 45.02
C HIS F 166 -35.23 -12.46 44.84
N PHE F 167 -35.03 -12.94 43.61
CA PHE F 167 -35.10 -14.38 43.40
C PHE F 167 -33.75 -15.08 43.42
N LEU F 168 -32.66 -14.40 43.09
CA LEU F 168 -31.39 -15.10 42.97
C LEU F 168 -30.51 -14.95 44.21
N LEU F 169 -30.72 -13.93 45.03
CA LEU F 169 -29.85 -13.76 46.18
C LEU F 169 -29.97 -14.88 47.22
N PRO F 170 -31.13 -15.53 47.42
CA PRO F 170 -31.15 -16.65 48.38
C PRO F 170 -30.08 -17.67 48.12
N LEU F 171 -29.91 -18.06 46.85
CA LEU F 171 -28.87 -19.02 46.51
C LEU F 171 -27.48 -18.42 46.76
N LEU F 172 -27.31 -17.13 46.49
CA LEU F 172 -25.99 -16.52 46.62
C LEU F 172 -25.57 -16.37 48.08
N VAL F 173 -26.51 -16.15 49.00
CA VAL F 173 -26.13 -15.98 50.41
C VAL F 173 -26.11 -17.31 51.16
N ARG F 174 -26.35 -18.43 50.48
CA ARG F 174 -26.37 -19.72 51.15
C ARG F 174 -25.04 -20.02 51.81
N ARG F 175 -23.94 -19.52 51.25
CA ARG F 175 -22.61 -19.65 51.84
C ARG F 175 -21.86 -18.33 51.63
N PRO F 176 -20.88 -18.04 52.50
CA PRO F 176 -20.14 -16.78 52.36
C PRO F 176 -19.30 -16.71 51.09
N GLY F 177 -18.97 -15.48 50.70
CA GLY F 177 -18.12 -15.25 49.55
C GLY F 177 -18.84 -14.87 48.26
N GLY F 178 -20.16 -14.75 48.28
CA GLY F 178 -20.85 -14.33 47.07
C GLY F 178 -20.57 -12.88 46.73
N LEU F 179 -20.76 -12.57 45.45
CA LEU F 179 -20.51 -11.22 44.92
C LEU F 179 -21.67 -10.83 44.01
N VAL F 180 -22.23 -9.64 44.23
CA VAL F 180 -23.23 -9.08 43.31
C VAL F 180 -22.63 -7.82 42.68
N VAL F 181 -22.73 -7.71 41.36
CA VAL F 181 -22.27 -6.53 40.64
C VAL F 181 -23.48 -5.87 39.98
N GLU F 182 -23.79 -4.65 40.42
CA GLU F 182 -24.84 -3.83 39.82
C GLU F 182 -24.24 -2.91 38.76
N MET F 183 -24.74 -2.97 37.54
CA MET F 183 -24.19 -2.23 36.41
C MET F 183 -24.94 -0.93 36.20
N THR F 184 -24.22 0.19 36.19
CA THR F 184 -24.82 1.49 35.99
C THR F 184 -23.96 2.29 35.02
N ASP F 185 -24.29 3.56 34.85
CA ASP F 185 -23.53 4.51 34.05
C ASP F 185 -23.09 5.63 34.98
N GLY F 186 -21.79 5.76 35.19
CA GLY F 186 -21.23 6.80 36.04
C GLY F 186 -20.84 6.27 37.40
N THR F 187 -19.96 6.99 38.07
CA THR F 187 -19.61 6.72 39.45
C THR F 187 -20.46 7.57 40.38
N ALA F 188 -20.49 7.21 41.67
CA ALA F 188 -21.19 8.06 42.63
C ALA F 188 -20.58 9.46 42.65
N ALA F 189 -19.26 9.56 42.54
CA ALA F 189 -18.60 10.87 42.55
C ALA F 189 -18.99 11.69 41.32
N TYR F 190 -18.94 11.07 40.15
CA TYR F 190 -19.31 11.80 38.94
C TYR F 190 -20.80 12.15 38.94
N ASN F 191 -21.65 11.15 39.14
CA ASN F 191 -23.09 11.40 39.05
C ASN F 191 -23.58 12.35 40.15
N GLY F 192 -22.92 12.35 41.31
CA GLY F 192 -23.29 13.28 42.36
C GLY F 192 -23.18 14.74 41.98
N SER F 193 -22.36 15.05 40.97
CA SER F 193 -22.20 16.44 40.54
C SER F 193 -22.57 16.64 39.07
N HIS F 194 -23.17 15.66 38.42
CA HIS F 194 -23.55 15.82 37.02
C HIS F 194 -24.97 15.32 36.79
N TYR F 195 -25.81 16.17 36.22
CA TYR F 195 -27.06 15.73 35.62
C TYR F 195 -26.76 14.80 34.45
N ARG F 196 -27.39 13.62 34.43
CA ARG F 196 -27.02 12.57 33.46
C ARG F 196 -28.10 12.44 32.37
N ASN F 197 -27.86 13.10 31.23
CA ASN F 197 -28.64 12.96 29.99
C ASN F 197 -30.04 13.55 30.08
N SER F 198 -30.91 12.98 30.91
CA SER F 198 -32.28 13.45 31.04
C SER F 198 -32.90 12.76 32.26
N TYR F 199 -34.12 13.17 32.60
CA TYR F 199 -34.71 12.85 33.89
C TYR F 199 -34.77 11.34 34.13
N PHE F 200 -35.35 10.60 33.20
CA PHE F 200 -35.60 9.18 33.43
C PHE F 200 -34.29 8.39 33.46
N TYR F 201 -33.43 8.63 32.48
CA TYR F 201 -32.10 8.04 32.48
C TYR F 201 -31.37 8.32 33.80
N ASP F 202 -31.39 9.57 34.24
CA ASP F 202 -30.64 9.93 35.44
C ASP F 202 -31.16 9.17 36.66
N LEU F 203 -32.48 9.07 36.80
CA LEU F 203 -33.04 8.37 37.97
C LEU F 203 -32.61 6.90 37.98
N VAL F 204 -32.61 6.25 36.81
CA VAL F 204 -32.21 4.84 36.76
C VAL F 204 -30.77 4.70 37.24
N LYS F 205 -29.86 5.47 36.65
CA LYS F 205 -28.45 5.27 36.95
C LYS F 205 -28.15 5.54 38.41
N ASN F 206 -28.86 6.49 39.01
CA ASN F 206 -28.58 6.80 40.40
C ASN F 206 -29.26 5.81 41.35
N SER F 207 -30.38 5.20 40.94
CA SER F 207 -30.96 4.11 41.73
C SER F 207 -30.07 2.89 41.74
N VAL F 208 -29.44 2.57 40.60
CA VAL F 208 -28.58 1.40 40.58
C VAL F 208 -27.36 1.62 41.47
N LEU F 209 -26.85 2.86 41.50
CA LEU F 209 -25.83 3.19 42.49
C LEU F 209 -26.32 2.91 43.91
N ARG F 210 -27.55 3.32 44.22
CA ARG F 210 -28.09 3.09 45.56
C ARG F 210 -28.28 1.59 45.83
N MET F 211 -28.63 0.81 44.79
CA MET F 211 -28.77 -0.64 44.98
C MET F 211 -27.48 -1.27 45.50
N GLY F 212 -26.32 -0.83 45.00
CA GLY F 212 -25.07 -1.37 45.53
C GLY F 212 -24.92 -1.08 47.01
N TYR F 213 -25.27 0.13 47.44
CA TYR F 213 -25.20 0.46 48.86
C TYR F 213 -26.19 -0.37 49.66
N VAL F 214 -27.43 -0.48 49.18
CA VAL F 214 -28.46 -1.18 49.92
C VAL F 214 -28.15 -2.66 50.01
N LEU F 215 -27.78 -3.28 48.88
CA LEU F 215 -27.50 -4.71 48.90
C LEU F 215 -26.25 -5.02 49.72
N ALA F 216 -25.28 -4.11 49.77
CA ALA F 216 -24.11 -4.32 50.62
C ALA F 216 -24.51 -4.46 52.08
N HIS F 217 -25.47 -3.65 52.52
CA HIS F 217 -25.96 -3.76 53.89
C HIS F 217 -26.63 -5.12 54.13
N GLU F 218 -27.43 -5.58 53.17
CA GLU F 218 -28.18 -6.82 53.34
C GLU F 218 -27.30 -8.05 53.21
N LEU F 219 -26.23 -7.97 52.42
CA LEU F 219 -25.41 -9.15 52.14
C LEU F 219 -24.29 -9.34 53.16
N GLU F 220 -23.83 -8.26 53.78
CA GLU F 220 -22.67 -8.36 54.67
C GLU F 220 -22.83 -9.40 55.78
N PRO F 221 -23.99 -9.52 56.47
CA PRO F 221 -24.10 -10.57 57.49
C PRO F 221 -23.93 -11.96 56.95
N TYR F 222 -24.08 -12.17 55.65
CA TYR F 222 -23.95 -13.48 55.02
C TYR F 222 -22.58 -13.70 54.39
N GLY F 223 -21.65 -12.76 54.59
CA GLY F 223 -20.39 -12.82 53.89
C GLY F 223 -20.49 -12.50 52.41
N GLY F 224 -21.56 -11.86 51.98
CA GLY F 224 -21.71 -11.45 50.61
C GLY F 224 -21.24 -10.02 50.40
N THR F 225 -20.88 -9.72 49.15
CA THR F 225 -20.36 -8.41 48.77
C THR F 225 -21.19 -7.88 47.60
N ALA F 226 -21.50 -6.59 47.63
CA ALA F 226 -22.16 -5.93 46.50
C ALA F 226 -21.36 -4.69 46.11
N VAL F 227 -21.20 -4.48 44.81
CA VAL F 227 -20.61 -3.25 44.31
C VAL F 227 -21.47 -2.77 43.14
N THR F 228 -21.42 -1.47 42.88
CA THR F 228 -21.97 -0.91 41.66
C THR F 228 -20.82 -0.52 40.76
N LEU F 229 -20.88 -0.97 39.51
CA LEU F 229 -19.78 -0.84 38.56
C LEU F 229 -20.26 -0.11 37.31
N THR F 230 -19.46 0.85 36.84
CA THR F 230 -19.75 1.45 35.54
C THR F 230 -18.61 1.17 34.56
N PRO F 231 -18.93 0.95 33.29
CA PRO F 231 -17.90 1.00 32.25
C PRO F 231 -17.57 2.46 31.95
N GLY F 232 -16.61 2.65 31.05
CA GLY F 232 -16.36 3.98 30.52
C GLY F 232 -17.18 4.13 29.26
N TRP F 233 -16.63 4.77 28.23
CA TRP F 233 -17.31 4.94 26.96
C TRP F 233 -17.06 3.68 26.13
N MET F 234 -18.08 2.82 26.06
CA MET F 234 -17.93 1.46 25.55
C MET F 234 -18.10 1.40 24.04
N ARG F 235 -17.19 0.68 23.36
CA ARG F 235 -17.36 0.39 21.94
C ARG F 235 -18.25 -0.84 21.78
N SER F 236 -19.50 -0.67 22.20
CA SER F 236 -20.51 -1.72 22.05
C SER F 236 -20.91 -1.86 20.58
N GLU F 237 -21.61 -2.96 20.30
CA GLU F 237 -22.13 -3.18 18.95
C GLU F 237 -23.01 -2.02 18.50
N MET F 238 -23.89 -1.54 19.38
CA MET F 238 -24.74 -0.40 19.04
C MET F 238 -23.93 0.85 18.79
N MET F 239 -22.93 1.11 19.64
CA MET F 239 -22.12 2.32 19.52
C MET F 239 -21.31 2.32 18.22
N LEU F 240 -20.60 1.23 17.93
CA LEU F 240 -19.80 1.18 16.70
C LEU F 240 -20.67 1.33 15.47
N GLU F 241 -21.85 0.73 15.48
CA GLU F 241 -22.76 0.84 14.36
C GLU F 241 -23.26 2.28 14.20
N THR F 242 -23.59 2.94 15.31
CA THR F 242 -23.94 4.36 15.25
C THR F 242 -22.83 5.19 14.59
N LEU F 243 -21.56 4.85 14.85
CA LEU F 243 -20.42 5.60 14.31
C LEU F 243 -19.97 5.11 12.94
N GLY F 244 -20.59 4.05 12.42
CA GLY F 244 -20.22 3.57 11.10
C GLY F 244 -18.84 2.93 11.02
N VAL F 245 -18.36 2.34 12.11
CA VAL F 245 -17.05 1.70 12.12
C VAL F 245 -17.15 0.32 12.77
N THR F 246 -16.17 -0.52 12.49
CA THR F 246 -16.01 -1.77 13.19
C THR F 246 -14.95 -1.60 14.28
N GLU F 247 -14.83 -2.62 15.13
CA GLU F 247 -13.81 -2.58 16.16
C GLU F 247 -12.40 -2.46 15.56
N GLU F 248 -12.14 -3.13 14.43
CA GLU F 248 -10.79 -3.13 13.89
C GLU F 248 -10.36 -1.79 13.29
N ASN F 249 -11.29 -0.88 13.04
CA ASN F 249 -10.91 0.46 12.59
C ASN F 249 -11.68 1.53 13.36
N TRP F 250 -11.81 1.35 14.69
CA TRP F 250 -12.63 2.28 15.45
C TRP F 250 -12.07 3.70 15.45
N ARG F 251 -10.75 3.86 15.37
CA ARG F 251 -10.24 5.23 15.40
C ARG F 251 -10.59 6.01 14.13
N ASP F 252 -11.15 5.35 13.11
CA ASP F 252 -11.68 6.07 11.95
C ASP F 252 -12.79 7.02 12.35
N ALA F 253 -13.45 6.79 13.48
CA ALA F 253 -14.53 7.65 13.91
C ALA F 253 -14.06 8.92 14.61
N LEU F 254 -12.76 9.06 14.90
CA LEU F 254 -12.30 10.18 15.72
C LEU F 254 -12.49 11.53 15.04
N THR F 255 -12.51 11.59 13.71
CA THR F 255 -12.79 12.88 13.08
C THR F 255 -14.21 13.35 13.37
N GLU F 256 -15.15 12.42 13.46
CA GLU F 256 -16.53 12.78 13.75
C GLU F 256 -16.74 12.99 15.25
N VAL F 257 -16.09 12.18 16.06
CA VAL F 257 -16.28 12.23 17.52
C VAL F 257 -14.89 12.22 18.15
N PRO F 258 -14.24 13.38 18.27
CA PRO F 258 -12.84 13.35 18.73
C PRO F 258 -12.66 12.81 20.14
N HIS F 259 -13.59 13.08 21.05
CA HIS F 259 -13.44 12.60 22.40
C HIS F 259 -13.68 11.10 22.55
N PHE F 260 -14.08 10.42 21.47
CA PHE F 260 -14.13 8.96 21.44
C PHE F 260 -12.73 8.35 21.60
N CYS F 261 -11.68 9.19 21.60
CA CYS F 261 -10.31 8.71 21.84
C CYS F 261 -10.13 8.12 23.23
N ILE F 262 -11.09 8.33 24.15
CA ILE F 262 -11.03 7.72 25.48
C ILE F 262 -11.73 6.36 25.55
N SER F 263 -12.31 5.89 24.45
CA SER F 263 -13.21 4.73 24.48
C SER F 263 -12.47 3.43 24.79
N GLU F 264 -13.26 2.42 25.20
CA GLU F 264 -12.77 1.12 25.61
C GLU F 264 -13.67 0.06 24.98
N SER F 265 -13.13 -1.16 24.81
CA SER F 265 -13.99 -2.23 24.34
C SER F 265 -14.84 -2.74 25.50
N PRO F 266 -15.99 -3.37 25.20
CA PRO F 266 -16.79 -3.96 26.28
C PRO F 266 -16.03 -4.99 27.09
N SER F 267 -14.98 -5.61 26.54
CA SER F 267 -14.23 -6.59 27.32
C SER F 267 -13.50 -5.97 28.50
N TYR F 268 -13.28 -4.65 28.49
CA TYR F 268 -12.58 -4.00 29.60
C TYR F 268 -13.39 -4.10 30.88
N VAL F 269 -14.67 -3.69 30.84
CA VAL F 269 -15.50 -3.82 32.04
C VAL F 269 -15.73 -5.30 32.35
N GLY F 270 -15.70 -6.17 31.33
CA GLY F 270 -15.76 -7.61 31.60
C GLY F 270 -14.58 -8.08 32.44
N ARG F 271 -13.38 -7.61 32.12
CA ARG F 271 -12.22 -7.95 32.93
C ARG F 271 -12.30 -7.35 34.33
N ALA F 272 -12.94 -6.17 34.47
CA ALA F 272 -13.16 -5.61 35.80
C ALA F 272 -14.01 -6.55 36.67
N VAL F 273 -15.08 -7.11 36.09
CA VAL F 273 -15.91 -8.05 36.85
C VAL F 273 -15.12 -9.30 37.19
N ALA F 274 -14.37 -9.83 36.22
CA ALA F 274 -13.57 -11.03 36.48
C ALA F 274 -12.55 -10.78 37.59
N ALA F 275 -11.95 -9.58 37.62
CA ALA F 275 -10.98 -9.28 38.66
C ALA F 275 -11.63 -9.21 40.03
N LEU F 276 -12.82 -8.61 40.12
CA LEU F 276 -13.56 -8.61 41.38
C LEU F 276 -13.89 -10.03 41.80
N ALA F 277 -14.40 -10.83 40.86
CA ALA F 277 -14.81 -12.18 41.17
C ALA F 277 -13.64 -13.05 41.62
N GLY F 278 -12.44 -12.76 41.14
CA GLY F 278 -11.28 -13.55 41.49
C GLY F 278 -10.54 -13.06 42.70
N ASP F 279 -10.97 -11.95 43.29
CA ASP F 279 -10.30 -11.31 44.43
C ASP F 279 -10.81 -11.94 45.72
N ALA F 280 -9.93 -12.68 46.40
CA ALA F 280 -10.30 -13.33 47.66
C ALA F 280 -10.75 -12.32 48.71
N ASP F 281 -10.28 -11.09 48.64
CA ASP F 281 -10.68 -10.04 49.56
C ASP F 281 -11.59 -9.02 48.89
N VAL F 282 -12.49 -9.47 48.02
CA VAL F 282 -13.37 -8.55 47.31
C VAL F 282 -14.27 -7.77 48.29
N ALA F 283 -14.45 -8.29 49.50
CA ALA F 283 -15.27 -7.59 50.50
C ALA F 283 -14.74 -6.19 50.81
N ARG F 284 -13.47 -5.90 50.50
CA ARG F 284 -12.94 -4.55 50.72
C ARG F 284 -13.69 -3.51 49.90
N TRP F 285 -14.42 -3.92 48.87
CA TRP F 285 -15.18 -3.02 48.02
C TRP F 285 -16.64 -2.88 48.42
N ASN F 286 -17.09 -3.58 49.47
CA ASN F 286 -18.51 -3.72 49.72
C ASN F 286 -19.20 -2.36 49.78
N GLY F 287 -20.27 -2.22 49.01
CA GLY F 287 -21.04 -0.99 49.04
C GLY F 287 -20.51 0.13 48.18
N GLN F 288 -19.35 -0.05 47.55
CA GLN F 288 -18.76 1.06 46.83
C GLN F 288 -19.23 1.14 45.38
N SER F 289 -19.11 2.33 44.84
CA SER F 289 -19.24 2.60 43.43
C SER F 289 -17.85 2.56 42.79
N VAL F 290 -17.71 1.79 41.71
CA VAL F 290 -16.41 1.65 41.06
C VAL F 290 -16.60 1.78 39.55
N SER F 291 -15.49 2.03 38.85
CA SER F 291 -15.48 2.11 37.41
C SER F 291 -14.45 1.14 36.84
N SER F 292 -14.64 0.77 35.57
CA SER F 292 -13.70 -0.13 34.91
C SER F 292 -12.28 0.45 34.90
N GLY F 293 -12.16 1.76 34.70
CA GLY F 293 -10.84 2.37 34.67
C GLY F 293 -10.17 2.38 36.03
N GLN F 294 -10.95 2.65 37.08
CA GLN F 294 -10.40 2.57 38.43
C GLN F 294 -9.91 1.15 38.76
N LEU F 295 -10.69 0.13 38.40
CA LEU F 295 -10.30 -1.23 38.76
C LEU F 295 -9.11 -1.72 37.93
N ALA F 296 -8.97 -1.25 36.69
CA ALA F 296 -7.79 -1.58 35.90
C ALA F 296 -6.52 -1.09 36.58
N GLN F 297 -6.56 0.14 37.13
CA GLN F 297 -5.42 0.64 37.89
C GLN F 297 -5.19 -0.19 39.15
N GLU F 298 -6.28 -0.61 39.80
CA GLU F 298 -6.16 -1.35 41.05
C GLU F 298 -5.63 -2.77 40.81
N TYR F 299 -6.13 -3.45 39.77
CA TYR F 299 -5.82 -4.85 39.55
C TYR F 299 -4.76 -5.08 38.48
N GLY F 300 -4.57 -4.13 37.56
CA GLY F 300 -3.53 -4.26 36.57
C GLY F 300 -3.96 -4.88 35.26
N PHE F 301 -5.21 -5.28 35.11
CA PHE F 301 -5.62 -5.75 33.80
C PHE F 301 -5.65 -4.58 32.80
N THR F 302 -5.74 -4.92 31.52
CA THR F 302 -5.82 -3.93 30.46
C THR F 302 -7.00 -4.27 29.57
N ASP F 303 -7.34 -3.35 28.69
CA ASP F 303 -8.24 -3.67 27.61
C ASP F 303 -7.55 -4.63 26.64
N LEU F 304 -8.30 -5.13 25.65
CA LEU F 304 -7.74 -6.10 24.71
C LEU F 304 -6.52 -5.56 23.98
N ASP F 305 -6.49 -4.25 23.74
CA ASP F 305 -5.39 -3.62 23.03
C ASP F 305 -4.24 -3.22 23.96
N GLY F 306 -4.27 -3.65 25.22
CA GLY F 306 -3.21 -3.33 26.13
C GLY F 306 -3.30 -1.98 26.83
N SER F 307 -4.31 -1.17 26.54
CA SER F 307 -4.42 0.14 27.19
C SER F 307 -5.31 0.05 28.44
N ARG F 308 -5.36 1.16 29.19
CA ARG F 308 -6.20 1.24 30.40
C ARG F 308 -6.94 2.57 30.43
N PRO F 309 -7.95 2.73 29.57
CA PRO F 309 -8.72 3.99 29.57
C PRO F 309 -9.29 4.32 30.93
N ASP F 310 -9.31 5.63 31.25
CA ASP F 310 -9.82 6.16 32.52
C ASP F 310 -10.86 7.21 32.15
N CYS F 311 -12.04 6.75 31.75
CA CYS F 311 -13.05 7.62 31.15
C CYS F 311 -13.50 8.73 32.10
N TRP F 312 -13.77 8.40 33.36
CA TRP F 312 -14.44 9.38 34.21
C TRP F 312 -13.49 10.49 34.65
N ARG F 313 -12.20 10.20 34.78
CA ARG F 313 -11.25 11.28 35.02
C ARG F 313 -11.09 12.12 33.75
N TYR F 314 -11.07 11.46 32.58
CA TYR F 314 -10.96 12.18 31.31
C TYR F 314 -12.13 13.14 31.10
N LEU F 315 -13.35 12.69 31.37
CA LEU F 315 -14.51 13.53 31.12
C LEU F 315 -14.41 14.83 31.90
N VAL F 316 -13.94 14.76 33.15
CA VAL F 316 -13.87 15.94 34.01
C VAL F 316 -12.66 16.80 33.64
N GLU F 317 -11.49 16.16 33.52
CA GLU F 317 -10.25 16.91 33.42
C GLU F 317 -9.94 17.38 32.01
N VAL F 318 -10.53 16.75 30.99
CA VAL F 318 -10.25 17.16 29.62
C VAL F 318 -11.51 17.72 28.97
N GLN F 319 -12.52 16.88 28.75
CA GLN F 319 -13.63 17.34 27.90
C GLN F 319 -14.43 18.46 28.55
N GLU F 320 -14.81 18.28 29.83
CA GLU F 320 -15.61 19.31 30.48
C GLU F 320 -14.79 20.55 30.83
N ALA F 321 -13.46 20.42 30.91
CA ALA F 321 -12.61 21.59 31.08
C ALA F 321 -12.46 22.38 29.79
N GLY F 322 -13.07 21.94 28.70
CA GLY F 322 -12.94 22.64 27.44
C GLY F 322 -11.64 22.36 26.70
N LYS F 323 -10.84 21.40 27.15
CA LYS F 323 -9.58 21.13 26.45
C LYS F 323 -9.84 20.31 25.18
N PRO F 324 -8.94 20.41 24.20
CA PRO F 324 -9.12 19.60 22.99
C PRO F 324 -9.01 18.12 23.32
N ALA F 325 -9.72 17.29 22.56
CA ALA F 325 -9.64 15.86 22.78
C ALA F 325 -8.19 15.39 22.65
N ASP F 326 -7.73 14.65 23.67
CA ASP F 326 -6.35 14.18 23.78
C ASP F 326 -6.27 13.09 24.83
N PRO F 327 -6.00 11.84 24.44
CA PRO F 327 -6.02 10.72 25.40
C PRO F 327 -4.76 10.58 26.23
N SER F 328 -3.74 11.43 26.01
CA SER F 328 -2.46 11.28 26.68
C SER F 328 -2.64 11.33 28.19
N GLY F 329 -2.12 10.32 28.88
CA GLY F 329 -2.26 10.22 30.32
C GLY F 329 -3.57 9.62 30.80
N TYR F 330 -4.50 9.29 29.90
CA TYR F 330 -5.81 8.78 30.31
C TYR F 330 -6.09 7.39 29.76
N ARG F 331 -5.12 6.76 29.10
CA ARG F 331 -5.29 5.38 28.64
C ARG F 331 -3.92 4.75 28.47
N ALA G 29 17.11 -35.93 -50.34
CA ALA G 29 17.95 -35.35 -49.31
C ALA G 29 17.82 -33.83 -49.29
N PRO G 30 17.75 -33.25 -48.08
CA PRO G 30 17.55 -31.81 -47.98
C PRO G 30 18.72 -31.02 -48.54
N ASP G 31 18.41 -29.90 -49.18
CA ASP G 31 19.39 -28.96 -49.69
C ASP G 31 19.34 -27.74 -48.80
N LEU G 32 20.33 -27.59 -47.92
CA LEU G 32 20.35 -26.48 -46.98
C LEU G 32 21.46 -25.48 -47.29
N ARG G 33 22.02 -25.52 -48.49
CA ARG G 33 23.03 -24.51 -48.82
C ARG G 33 22.40 -23.13 -48.73
N GLY G 34 23.19 -22.19 -48.20
CA GLY G 34 22.70 -20.86 -47.95
C GLY G 34 21.96 -20.70 -46.63
N LYS G 35 21.61 -21.79 -45.95
CA LYS G 35 20.97 -21.69 -44.65
C LYS G 35 22.00 -21.49 -43.55
N ILE G 36 21.61 -20.70 -42.54
CA ILE G 36 22.44 -20.47 -41.35
C ILE G 36 21.76 -21.20 -40.19
N ALA G 37 22.50 -22.11 -39.55
CA ALA G 37 22.01 -22.86 -38.40
C ALA G 37 22.97 -22.67 -37.23
N LEU G 38 22.42 -22.84 -36.02
CA LEU G 38 23.20 -22.84 -34.79
C LEU G 38 22.73 -24.00 -33.93
N VAL G 39 23.66 -24.86 -33.52
CA VAL G 39 23.36 -25.94 -32.59
C VAL G 39 23.99 -25.58 -31.26
N ALA G 40 23.14 -25.24 -30.28
CA ALA G 40 23.60 -24.92 -28.94
C ALA G 40 23.84 -26.20 -28.17
N GLY G 41 25.09 -26.44 -27.80
CA GLY G 41 25.48 -27.69 -27.16
C GLY G 41 25.78 -28.75 -28.20
N ALA G 42 26.92 -28.60 -28.91
CA ALA G 42 27.19 -29.45 -30.07
C ALA G 42 28.55 -30.14 -29.96
N THR G 43 29.12 -30.26 -28.77
CA THR G 43 30.44 -30.85 -28.61
C THR G 43 30.44 -32.36 -28.94
N ARG G 44 29.36 -33.05 -28.61
CA ARG G 44 29.29 -34.51 -28.73
C ARG G 44 27.81 -34.90 -28.77
N GLY G 45 27.54 -36.21 -28.76
CA GLY G 45 26.18 -36.70 -28.67
C GLY G 45 25.31 -36.27 -29.84
N ALA G 46 24.02 -36.03 -29.54
CA ALA G 46 23.10 -35.60 -30.59
C ALA G 46 23.51 -34.24 -31.16
N GLY G 47 24.00 -33.34 -30.29
CA GLY G 47 24.36 -32.00 -30.74
C GLY G 47 25.39 -32.02 -31.86
N ARG G 48 26.48 -32.77 -31.66
CA ARG G 48 27.48 -32.91 -32.74
C ARG G 48 26.85 -33.50 -33.99
N ALA G 49 26.11 -34.60 -33.83
CA ALA G 49 25.60 -35.30 -35.01
C ALA G 49 24.57 -34.44 -35.74
N ILE G 50 23.76 -33.67 -35.00
CA ILE G 50 22.83 -32.77 -35.64
C ILE G 50 23.59 -31.71 -36.44
N ALA G 51 24.64 -31.15 -35.86
CA ALA G 51 25.45 -30.18 -36.57
C ALA G 51 26.07 -30.79 -37.83
N VAL G 52 26.60 -32.01 -37.72
CA VAL G 52 27.26 -32.63 -38.86
C VAL G 52 26.24 -32.90 -39.98
N GLN G 53 25.06 -33.39 -39.62
CA GLN G 53 24.07 -33.69 -40.65
C GLN G 53 23.54 -32.42 -41.30
N LEU G 54 23.44 -31.32 -40.55
CA LEU G 54 23.10 -30.05 -41.19
C LEU G 54 24.20 -29.62 -42.15
N GLY G 55 25.46 -29.80 -41.75
CA GLY G 55 26.57 -29.51 -42.66
C GLY G 55 26.54 -30.40 -43.89
N ALA G 56 26.22 -31.69 -43.69
CA ALA G 56 26.16 -32.62 -44.81
C ALA G 56 25.12 -32.19 -45.83
N ALA G 57 24.08 -31.50 -45.39
CA ALA G 57 23.09 -30.92 -46.29
C ALA G 57 23.53 -29.55 -46.83
N GLY G 58 24.70 -29.06 -46.43
CA GLY G 58 25.25 -27.85 -46.99
C GLY G 58 25.14 -26.60 -46.15
N ALA G 59 24.64 -26.70 -44.92
CA ALA G 59 24.39 -25.49 -44.15
C ALA G 59 25.69 -24.97 -43.54
N THR G 60 25.69 -23.67 -43.25
CA THR G 60 26.66 -23.10 -42.32
C THR G 60 26.13 -23.29 -40.90
N VAL G 61 26.94 -23.88 -40.01
CA VAL G 61 26.47 -24.27 -38.68
C VAL G 61 27.38 -23.67 -37.62
N TYR G 62 26.84 -22.77 -36.82
CA TYR G 62 27.49 -22.35 -35.59
C TYR G 62 27.30 -23.46 -34.55
N VAL G 63 28.38 -23.86 -33.92
CA VAL G 63 28.36 -24.94 -32.94
C VAL G 63 28.97 -24.42 -31.65
N THR G 64 28.26 -24.60 -30.54
CA THR G 64 28.69 -24.06 -29.26
C THR G 64 28.81 -25.16 -28.21
N GLY G 65 29.68 -24.91 -27.24
CA GLY G 65 29.96 -25.84 -26.17
C GLY G 65 31.09 -25.30 -25.33
N ARG G 66 31.30 -25.95 -24.19
CA ARG G 66 32.33 -25.50 -23.26
C ARG G 66 33.68 -26.18 -23.47
N THR G 67 33.71 -27.42 -23.96
CA THR G 67 34.97 -28.17 -24.09
C THR G 67 35.75 -27.65 -25.29
N THR G 68 36.92 -27.10 -25.04
CA THR G 68 37.84 -26.67 -26.09
C THR G 68 39.11 -27.52 -26.06
N ARG G 69 39.98 -27.26 -27.03
CA ARG G 69 41.27 -27.93 -27.05
C ARG G 69 42.15 -27.49 -25.89
N GLU G 70 41.82 -26.38 -25.23
CA GLU G 70 42.57 -25.84 -24.10
C GLU G 70 42.06 -26.35 -22.76
N ARG G 71 40.74 -26.47 -22.59
CA ARG G 71 40.17 -26.75 -21.27
C ARG G 71 39.07 -27.78 -21.36
N ARG G 72 39.05 -28.69 -20.38
CA ARG G 72 37.96 -29.65 -20.24
C ARG G 72 36.74 -28.99 -19.61
N SER G 73 35.57 -29.58 -19.85
CA SER G 73 34.33 -29.04 -19.32
C SER G 73 33.90 -29.86 -18.10
N GLU G 74 32.80 -29.41 -17.48
CA GLU G 74 32.16 -30.13 -16.38
C GLU G 74 31.93 -31.61 -16.72
N TYR G 75 31.76 -31.94 -18.01
CA TYR G 75 31.58 -33.34 -18.40
C TYR G 75 32.86 -34.15 -18.26
N ASN G 76 34.02 -33.49 -18.34
CA ASN G 76 35.34 -34.15 -18.27
C ASN G 76 35.47 -35.24 -19.34
N ARG G 77 35.24 -34.84 -20.60
CA ARG G 77 35.37 -35.70 -21.77
C ARG G 77 36.28 -35.04 -22.80
N SER G 78 36.71 -35.84 -23.78
CA SER G 78 37.78 -35.45 -24.71
C SER G 78 37.30 -34.85 -26.03
N GLU G 79 36.06 -35.08 -26.44
CA GLU G 79 35.54 -34.40 -27.63
C GLU G 79 35.53 -32.89 -27.41
N THR G 80 35.87 -32.12 -28.45
CA THR G 80 35.97 -30.67 -28.34
C THR G 80 35.03 -29.99 -29.33
N ILE G 81 34.67 -28.73 -29.04
CA ILE G 81 33.76 -28.03 -29.93
C ILE G 81 34.43 -27.69 -31.26
N GLU G 82 35.76 -27.48 -31.25
CA GLU G 82 36.48 -27.23 -32.51
C GLU G 82 36.40 -28.43 -33.44
N GLU G 83 36.53 -29.64 -32.88
CA GLU G 83 36.45 -30.84 -33.71
C GLU G 83 35.07 -30.96 -34.34
N THR G 84 33.99 -30.62 -33.62
CA THR G 84 32.66 -30.63 -34.24
C THR G 84 32.63 -29.70 -35.45
N ALA G 85 33.14 -28.47 -35.29
CA ALA G 85 33.10 -27.53 -36.40
C ALA G 85 33.85 -28.10 -37.60
N GLU G 86 35.00 -28.72 -37.36
CA GLU G 86 35.76 -29.33 -38.45
C GLU G 86 34.97 -30.47 -39.10
N LEU G 87 34.25 -31.25 -38.28
CA LEU G 87 33.44 -32.32 -38.85
C LEU G 87 32.28 -31.77 -39.68
N VAL G 88 31.71 -30.63 -39.30
CA VAL G 88 30.67 -30.00 -40.11
C VAL G 88 31.24 -29.58 -41.46
N THR G 89 32.43 -28.97 -41.47
CA THR G 89 33.06 -28.59 -42.73
C THR G 89 33.39 -29.81 -43.58
N GLU G 90 34.00 -30.83 -42.97
CA GLU G 90 34.32 -32.05 -43.70
C GLU G 90 33.09 -32.64 -44.37
N ALA G 91 31.94 -32.57 -43.72
CA ALA G 91 30.71 -33.17 -44.24
C ALA G 91 30.16 -32.43 -45.45
N GLY G 92 30.63 -31.22 -45.73
CA GLY G 92 30.15 -30.50 -46.88
C GLY G 92 29.49 -29.18 -46.53
N GLY G 93 29.60 -28.77 -45.27
CA GLY G 93 29.04 -27.50 -44.86
C GLY G 93 30.13 -26.56 -44.38
N THR G 94 29.79 -25.61 -43.52
CA THR G 94 30.78 -24.77 -42.86
C THR G 94 30.47 -24.76 -41.36
N GLY G 95 31.41 -25.27 -40.57
CA GLY G 95 31.28 -25.24 -39.13
C GLY G 95 32.08 -24.10 -38.53
N ILE G 96 31.42 -23.33 -37.66
CA ILE G 96 32.04 -22.23 -36.94
C ILE G 96 31.88 -22.49 -35.45
N ALA G 97 32.99 -22.79 -34.77
CA ALA G 97 32.94 -23.06 -33.33
C ALA G 97 32.97 -21.75 -32.54
N VAL G 98 32.02 -21.61 -31.62
CA VAL G 98 32.02 -20.48 -30.70
C VAL G 98 31.93 -21.05 -29.28
N PRO G 99 33.06 -21.27 -28.61
CA PRO G 99 33.01 -21.76 -27.23
C PRO G 99 32.14 -20.84 -26.39
N THR G 100 31.21 -21.43 -25.66
CA THR G 100 30.16 -20.69 -24.98
C THR G 100 29.73 -21.49 -23.76
N ASP G 101 29.59 -20.83 -22.62
CA ASP G 101 28.85 -21.39 -21.49
C ASP G 101 27.43 -20.85 -21.58
N HIS G 102 26.49 -21.71 -21.93
CA HIS G 102 25.12 -21.26 -22.13
C HIS G 102 24.40 -20.89 -20.85
N LEU G 103 25.04 -21.04 -19.69
CA LEU G 103 24.51 -20.48 -18.45
C LEU G 103 24.96 -19.04 -18.21
N VAL G 104 25.79 -18.47 -19.06
CA VAL G 104 26.31 -17.11 -18.84
C VAL G 104 25.64 -16.18 -19.85
N PRO G 105 24.68 -15.34 -19.43
CA PRO G 105 23.91 -14.54 -20.40
C PRO G 105 24.77 -13.69 -21.33
N GLU G 106 25.84 -13.06 -20.81
CA GLU G 106 26.68 -12.20 -21.64
C GLU G 106 27.34 -12.99 -22.77
N GLN G 107 27.74 -14.23 -22.51
CA GLN G 107 28.34 -15.01 -23.59
C GLN G 107 27.31 -15.36 -24.65
N VAL G 108 26.06 -15.57 -24.24
CA VAL G 108 25.05 -15.93 -25.23
C VAL G 108 24.60 -14.69 -26.00
N ARG G 109 24.55 -13.53 -25.34
CA ARG G 109 24.29 -12.30 -26.07
C ARG G 109 25.36 -12.05 -27.13
N ALA G 110 26.63 -12.24 -26.78
CA ALA G 110 27.71 -12.08 -27.74
C ALA G 110 27.58 -13.08 -28.88
N LEU G 111 27.22 -14.32 -28.57
CA LEU G 111 27.01 -15.31 -29.61
C LEU G 111 25.96 -14.85 -30.61
N ALA G 112 24.84 -14.33 -30.12
CA ALA G 112 23.80 -13.79 -31.00
C ALA G 112 24.31 -12.60 -31.80
N ASP G 113 25.07 -11.72 -31.16
CA ASP G 113 25.62 -10.58 -31.89
C ASP G 113 26.50 -11.05 -33.02
N ARG G 114 27.32 -12.08 -32.78
CA ARG G 114 28.23 -12.57 -33.79
C ARG G 114 27.49 -13.11 -35.01
N VAL G 115 26.45 -13.92 -34.79
CA VAL G 115 25.72 -14.47 -35.93
C VAL G 115 25.09 -13.34 -36.74
N ASP G 116 24.56 -12.33 -36.07
CA ASP G 116 24.04 -11.17 -36.78
C ASP G 116 25.14 -10.48 -37.59
N THR G 117 26.30 -10.29 -36.96
CA THR G 117 27.41 -9.62 -37.64
C THR G 117 27.88 -10.37 -38.87
N GLU G 118 28.06 -11.69 -38.75
CA GLU G 118 28.67 -12.46 -39.83
C GLU G 118 27.66 -12.86 -40.90
N GLN G 119 26.39 -13.05 -40.55
CA GLN G 119 25.46 -13.63 -41.52
C GLN G 119 24.23 -12.76 -41.73
N GLY G 120 23.86 -11.98 -40.72
CA GLY G 120 22.63 -11.19 -40.82
C GLY G 120 21.35 -12.00 -40.82
N ARG G 121 21.40 -13.29 -40.50
CA ARG G 121 20.21 -14.13 -40.51
C ARG G 121 20.49 -15.37 -39.67
N LEU G 122 19.40 -16.01 -39.24
CA LEU G 122 19.49 -17.28 -38.55
C LEU G 122 18.26 -18.09 -38.91
N ASP G 123 18.45 -19.21 -39.60
CA ASP G 123 17.33 -19.97 -40.11
C ASP G 123 16.88 -21.08 -39.17
N VAL G 124 17.82 -21.71 -38.47
CA VAL G 124 17.54 -22.90 -37.67
C VAL G 124 18.31 -22.76 -36.36
N LEU G 125 17.58 -22.87 -35.25
CA LEU G 125 18.17 -22.87 -33.92
C LEU G 125 17.84 -24.22 -33.27
N VAL G 126 18.87 -24.95 -32.85
CA VAL G 126 18.68 -26.24 -32.20
C VAL G 126 19.20 -26.09 -30.78
N ASN G 127 18.28 -26.13 -29.80
CA ASN G 127 18.64 -26.05 -28.38
C ASN G 127 18.87 -27.48 -27.92
N ASP G 128 20.10 -27.93 -28.01
CA ASP G 128 20.42 -29.29 -27.67
C ASP G 128 20.99 -29.45 -26.26
N VAL G 129 21.53 -28.37 -25.67
CA VAL G 129 22.22 -28.37 -24.39
C VAL G 129 21.52 -29.24 -23.35
N TRP G 130 22.22 -30.25 -22.85
CA TRP G 130 21.71 -31.13 -21.79
C TRP G 130 22.74 -31.17 -20.67
N GLY G 131 23.85 -31.87 -20.87
CA GLY G 131 24.92 -31.87 -19.88
C GLY G 131 24.62 -32.59 -18.58
N GLY G 132 23.52 -33.31 -18.48
CA GLY G 132 23.13 -33.94 -17.23
C GLY G 132 23.34 -35.44 -17.15
N GLU G 133 24.01 -36.04 -18.14
CA GLU G 133 24.11 -37.50 -18.20
C GLU G 133 24.81 -38.09 -16.99
N ARG G 134 25.75 -37.35 -16.40
CA ARG G 134 26.46 -37.87 -15.24
C ARG G 134 25.83 -37.45 -13.93
N LEU G 135 24.77 -36.64 -13.98
CA LEU G 135 24.21 -36.06 -12.77
C LEU G 135 22.93 -36.74 -12.29
N PHE G 136 22.12 -37.30 -13.18
CA PHE G 136 20.89 -37.92 -12.70
C PHE G 136 21.21 -39.30 -12.14
N GLU G 137 20.36 -39.76 -11.23
CA GLU G 137 20.52 -41.06 -10.60
C GLU G 137 19.30 -41.90 -10.93
N PHE G 138 19.53 -43.05 -11.54
CA PHE G 138 18.42 -43.88 -11.99
C PHE G 138 17.77 -44.52 -10.77
N ASP G 139 16.45 -44.47 -10.71
CA ASP G 139 15.66 -45.18 -9.68
C ASP G 139 16.04 -44.77 -8.25
N LYS G 140 16.24 -43.49 -8.04
CA LYS G 140 16.31 -42.91 -6.70
C LYS G 140 15.11 -41.99 -6.55
N LYS G 141 14.44 -42.06 -5.42
CA LYS G 141 13.37 -41.12 -5.14
C LYS G 141 13.97 -39.73 -4.92
N VAL G 142 13.10 -38.70 -4.92
CA VAL G 142 13.63 -37.32 -4.86
C VAL G 142 14.36 -37.09 -3.53
N TRP G 143 13.94 -37.77 -2.46
CA TRP G 143 14.65 -37.61 -1.18
C TRP G 143 15.91 -38.47 -1.10
N GLU G 144 16.11 -39.42 -2.02
CA GLU G 144 17.35 -40.18 -2.05
C GLU G 144 18.36 -39.59 -3.01
N HIS G 145 17.88 -39.02 -4.11
CA HIS G 145 18.73 -38.39 -5.10
C HIS G 145 19.61 -37.32 -4.47
N ASP G 146 20.87 -37.23 -4.88
CA ASP G 146 21.70 -36.12 -4.44
C ASP G 146 21.05 -34.80 -4.87
N LEU G 147 20.89 -33.89 -3.91
CA LEU G 147 20.09 -32.68 -4.18
C LEU G 147 20.84 -31.70 -5.07
N ASP G 148 22.10 -31.43 -4.74
CA ASP G 148 22.89 -30.49 -5.53
C ASP G 148 22.99 -30.93 -6.99
N ALA G 149 23.21 -32.24 -7.21
CA ALA G 149 23.26 -32.76 -8.57
C ALA G 149 21.91 -32.59 -9.27
N GLY G 150 20.81 -32.84 -8.56
CA GLY G 150 19.51 -32.67 -9.19
C GLY G 150 19.25 -31.23 -9.57
N LEU G 151 19.57 -30.29 -8.67
CA LEU G 151 19.38 -28.86 -8.98
C LEU G 151 20.29 -28.41 -10.11
N ARG G 152 21.51 -28.92 -10.15
CA ARG G 152 22.43 -28.54 -11.22
C ARG G 152 21.93 -29.01 -12.57
N LEU G 153 21.43 -30.25 -12.65
CA LEU G 153 20.97 -30.80 -13.90
C LEU G 153 19.73 -30.06 -14.41
N MET G 154 18.86 -29.59 -13.52
CA MET G 154 17.73 -28.80 -13.99
C MET G 154 18.19 -27.44 -14.51
N ARG G 155 19.16 -26.84 -13.83
CA ARG G 155 19.68 -25.57 -14.32
C ARG G 155 20.33 -25.73 -15.70
N LEU G 156 21.14 -26.77 -15.87
CA LEU G 156 21.79 -27.02 -17.16
C LEU G 156 20.78 -27.38 -18.23
N GLY G 157 19.74 -28.14 -17.87
CA GLY G 157 18.82 -28.65 -18.86
C GLY G 157 17.73 -27.69 -19.27
N VAL G 158 17.40 -26.73 -18.41
CA VAL G 158 16.29 -25.80 -18.65
C VAL G 158 16.79 -24.37 -18.89
N ASP G 159 17.58 -23.84 -17.95
CA ASP G 159 17.97 -22.43 -18.07
C ASP G 159 18.78 -22.15 -19.32
N THR G 160 19.62 -23.11 -19.76
CA THR G 160 20.39 -22.90 -20.97
C THR G 160 19.48 -22.70 -22.18
N HIS G 161 18.36 -23.43 -22.24
CA HIS G 161 17.45 -23.26 -23.37
C HIS G 161 16.74 -21.94 -23.30
N ALA G 162 16.35 -21.51 -22.09
CA ALA G 162 15.68 -20.22 -21.93
C ALA G 162 16.59 -19.07 -22.34
N ILE G 163 17.85 -19.11 -21.88
CA ILE G 163 18.80 -18.05 -22.21
C ILE G 163 19.04 -18.02 -23.71
N SER G 164 19.21 -19.21 -24.31
CA SER G 164 19.44 -19.28 -25.75
C SER G 164 18.26 -18.69 -26.52
N SER G 165 17.03 -19.09 -26.19
CA SER G 165 15.89 -18.55 -26.91
C SER G 165 15.77 -17.05 -26.71
N HIS G 166 16.01 -16.59 -25.48
CA HIS G 166 15.92 -15.16 -25.19
C HIS G 166 16.80 -14.32 -26.10
N PHE G 167 18.02 -14.79 -26.39
CA PHE G 167 18.98 -13.97 -27.14
C PHE G 167 19.03 -14.25 -28.63
N LEU G 168 18.70 -15.47 -29.06
CA LEU G 168 18.86 -15.82 -30.47
C LEU G 168 17.55 -15.74 -31.26
N LEU G 169 16.40 -15.79 -30.59
CA LEU G 169 15.17 -15.73 -31.37
C LEU G 169 14.95 -14.39 -32.07
N PRO G 170 15.39 -13.24 -31.53
CA PRO G 170 15.18 -11.99 -32.28
C PRO G 170 15.70 -12.08 -33.70
N LEU G 171 16.92 -12.58 -33.88
CA LEU G 171 17.45 -12.75 -35.23
C LEU G 171 16.61 -13.74 -36.03
N LEU G 172 16.15 -14.82 -35.37
CA LEU G 172 15.43 -15.84 -36.11
C LEU G 172 14.07 -15.35 -36.58
N VAL G 173 13.41 -14.46 -35.82
CA VAL G 173 12.10 -13.96 -36.24
C VAL G 173 12.19 -12.71 -37.10
N ARG G 174 13.40 -12.28 -37.47
CA ARG G 174 13.54 -11.10 -38.31
C ARG G 174 12.85 -11.28 -39.65
N ARG G 175 12.77 -12.50 -40.16
CA ARG G 175 12.00 -12.79 -41.34
C ARG G 175 11.29 -14.12 -41.16
N PRO G 176 10.21 -14.37 -41.91
CA PRO G 176 9.49 -15.63 -41.76
C PRO G 176 10.33 -16.83 -42.22
N GLY G 177 9.93 -18.00 -41.72
CA GLY G 177 10.57 -19.24 -42.08
C GLY G 177 11.55 -19.80 -41.08
N GLY G 178 11.73 -19.16 -39.93
CA GLY G 178 12.64 -19.70 -38.95
C GLY G 178 12.14 -20.99 -38.34
N LEU G 179 13.07 -21.80 -37.85
CA LEU G 179 12.76 -23.08 -37.22
C LEU G 179 13.57 -23.23 -35.95
N VAL G 180 12.90 -23.55 -34.84
CA VAL G 180 13.55 -23.86 -33.57
C VAL G 180 13.27 -25.32 -33.25
N VAL G 181 14.31 -26.07 -32.90
CA VAL G 181 14.15 -27.45 -32.46
C VAL G 181 14.63 -27.57 -31.02
N GLU G 182 13.71 -27.89 -30.12
CA GLU G 182 14.03 -28.18 -28.73
C GLU G 182 14.29 -29.67 -28.57
N MET G 183 15.45 -30.04 -28.01
CA MET G 183 15.86 -31.44 -27.88
C MET G 183 15.52 -31.97 -26.51
N THR G 184 14.76 -33.07 -26.45
CA THR G 184 14.41 -33.67 -25.18
C THR G 184 14.57 -35.19 -25.29
N ASP G 185 14.13 -35.89 -24.25
CA ASP G 185 14.11 -37.36 -24.21
C ASP G 185 12.66 -37.80 -24.03
N GLY G 186 12.12 -38.48 -25.03
CA GLY G 186 10.76 -38.96 -25.01
C GLY G 186 9.83 -38.07 -25.83
N THR G 187 8.69 -38.64 -26.22
CA THR G 187 7.62 -37.88 -26.84
C THR G 187 6.60 -37.45 -25.79
N ALA G 188 5.73 -36.52 -26.18
CA ALA G 188 4.65 -36.13 -25.28
C ALA G 188 3.78 -37.32 -24.92
N ALA G 189 3.52 -38.20 -25.88
CA ALA G 189 2.68 -39.38 -25.64
C ALA G 189 3.34 -40.33 -24.66
N TYR G 190 4.62 -40.66 -24.88
CA TYR G 190 5.30 -41.58 -23.98
C TYR G 190 5.48 -40.96 -22.60
N ASN G 191 6.01 -39.73 -22.52
CA ASN G 191 6.28 -39.14 -21.21
C ASN G 191 4.99 -38.87 -20.44
N GLY G 192 3.90 -38.61 -21.15
CA GLY G 192 2.61 -38.39 -20.49
C GLY G 192 2.15 -39.58 -19.68
N SER G 193 2.64 -40.79 -20.00
CA SER G 193 2.22 -41.98 -19.28
C SER G 193 3.38 -42.73 -18.64
N HIS G 194 4.59 -42.16 -18.62
CA HIS G 194 5.75 -42.81 -18.04
C HIS G 194 6.53 -41.84 -17.16
N TYR G 195 6.79 -42.23 -15.92
CA TYR G 195 7.81 -41.60 -15.09
C TYR G 195 9.19 -41.83 -15.71
N ARG G 196 9.97 -40.76 -15.88
CA ARG G 196 11.22 -40.85 -16.63
C ARG G 196 12.44 -40.79 -15.70
N ASN G 197 12.96 -41.97 -15.35
CA ASN G 197 14.23 -42.15 -14.63
C ASN G 197 14.20 -41.72 -13.17
N SER G 198 13.99 -40.42 -12.91
CA SER G 198 13.97 -39.89 -11.55
C SER G 198 13.48 -38.45 -11.64
N TYR G 199 13.27 -37.84 -10.47
CA TYR G 199 12.50 -36.60 -10.35
C TYR G 199 13.08 -35.49 -11.23
N PHE G 200 14.38 -35.23 -11.09
CA PHE G 200 14.98 -34.07 -11.74
C PHE G 200 15.07 -34.27 -13.25
N TYR G 201 15.53 -35.45 -13.66
CA TYR G 201 15.55 -35.81 -15.07
C TYR G 201 14.18 -35.61 -15.69
N ASP G 202 13.15 -36.16 -15.03
CA ASP G 202 11.81 -36.12 -15.58
C ASP G 202 11.33 -34.68 -15.75
N LEU G 203 11.58 -33.82 -14.76
CA LEU G 203 11.11 -32.44 -14.89
C LEU G 203 11.74 -31.76 -16.09
N VAL G 204 13.04 -31.99 -16.31
CA VAL G 204 13.71 -31.36 -17.44
C VAL G 204 13.10 -31.81 -18.76
N LYS G 205 12.99 -33.14 -18.96
CA LYS G 205 12.52 -33.61 -20.26
C LYS G 205 11.10 -33.12 -20.52
N ASN G 206 10.29 -33.00 -19.47
CA ASN G 206 8.94 -32.56 -19.68
C ASN G 206 8.83 -31.05 -19.83
N SER G 207 9.73 -30.27 -19.20
CA SER G 207 9.78 -28.84 -19.48
C SER G 207 10.20 -28.55 -20.91
N VAL G 208 11.15 -29.32 -21.45
CA VAL G 208 11.57 -29.06 -22.82
C VAL G 208 10.45 -29.37 -23.80
N LEU G 209 9.65 -30.41 -23.53
CA LEU G 209 8.43 -30.63 -24.31
C LEU G 209 7.53 -29.41 -24.27
N ARG G 210 7.33 -28.84 -23.08
CA ARG G 210 6.48 -27.65 -22.95
C ARG G 210 7.08 -26.45 -23.68
N MET G 211 8.41 -26.32 -23.70
CA MET G 211 9.04 -25.21 -24.43
C MET G 211 8.64 -25.21 -25.90
N GLY G 212 8.56 -26.38 -26.54
CA GLY G 212 8.16 -26.41 -27.94
C GLY G 212 6.76 -25.83 -28.13
N TYR G 213 5.84 -26.20 -27.23
CA TYR G 213 4.48 -25.67 -27.30
C TYR G 213 4.47 -24.16 -27.06
N VAL G 214 5.23 -23.70 -26.07
CA VAL G 214 5.25 -22.28 -25.72
C VAL G 214 5.87 -21.46 -26.86
N LEU G 215 7.00 -21.92 -27.39
CA LEU G 215 7.67 -21.18 -28.45
C LEU G 215 6.86 -21.19 -29.74
N ALA G 216 6.13 -22.26 -30.00
CA ALA G 216 5.27 -22.29 -31.17
C ALA G 216 4.24 -21.17 -31.12
N HIS G 217 3.68 -20.92 -29.93
CA HIS G 217 2.73 -19.83 -29.77
C HIS G 217 3.40 -18.48 -30.04
N GLU G 218 4.62 -18.30 -29.53
CA GLU G 218 5.30 -17.01 -29.67
C GLU G 218 5.83 -16.78 -31.07
N LEU G 219 6.17 -17.84 -31.80
CA LEU G 219 6.83 -17.70 -33.09
C LEU G 219 5.84 -17.63 -34.25
N GLU G 220 4.65 -18.21 -34.09
CA GLU G 220 3.72 -18.27 -35.21
C GLU G 220 3.38 -16.91 -35.82
N PRO G 221 3.18 -15.84 -35.06
CA PRO G 221 2.95 -14.53 -35.72
C PRO G 221 4.10 -14.07 -36.60
N TYR G 222 5.30 -14.60 -36.41
CA TYR G 222 6.46 -14.21 -37.21
C TYR G 222 6.75 -15.18 -38.34
N GLY G 223 5.87 -16.16 -38.55
CA GLY G 223 6.17 -17.20 -39.50
C GLY G 223 7.24 -18.16 -39.05
N GLY G 224 7.52 -18.22 -37.75
CA GLY G 224 8.48 -19.16 -37.22
C GLY G 224 7.79 -20.42 -36.73
N THR G 225 8.57 -21.49 -36.64
CA THR G 225 8.06 -22.80 -36.22
C THR G 225 8.93 -23.34 -35.08
N ALA G 226 8.29 -23.92 -34.07
CA ALA G 226 9.02 -24.61 -33.01
C ALA G 226 8.48 -26.02 -32.88
N VAL G 227 9.39 -26.98 -32.69
CA VAL G 227 9.04 -28.36 -32.40
C VAL G 227 9.94 -28.83 -31.26
N THR G 228 9.48 -29.83 -30.52
CA THR G 228 10.33 -30.55 -29.60
C THR G 228 10.60 -31.93 -30.17
N LEU G 229 11.87 -32.32 -30.22
CA LEU G 229 12.34 -33.52 -30.90
C LEU G 229 13.10 -34.39 -29.91
N THR G 230 12.82 -35.70 -29.91
CA THR G 230 13.61 -36.65 -29.15
C THR G 230 14.29 -37.65 -30.09
N PRO G 231 15.51 -38.04 -29.79
CA PRO G 231 16.10 -39.20 -30.46
C PRO G 231 15.50 -40.48 -29.89
N GLY G 232 15.93 -41.61 -30.44
CA GLY G 232 15.59 -42.88 -29.84
C GLY G 232 16.69 -43.28 -28.88
N TRP G 233 17.05 -44.57 -28.84
CA TRP G 233 18.15 -45.01 -28.00
C TRP G 233 19.44 -44.79 -28.77
N MET G 234 20.16 -43.72 -28.44
CA MET G 234 21.28 -43.24 -29.26
C MET G 234 22.58 -43.92 -28.91
N ARG G 235 23.32 -44.33 -29.94
CA ARG G 235 24.68 -44.86 -29.75
C ARG G 235 25.66 -43.69 -29.70
N SER G 236 25.53 -42.89 -28.67
CA SER G 236 26.46 -41.79 -28.42
C SER G 236 27.83 -42.31 -28.02
N GLU G 237 28.82 -41.42 -28.05
CA GLU G 237 30.16 -41.78 -27.62
C GLU G 237 30.13 -42.30 -26.18
N MET G 238 29.42 -41.59 -25.30
CA MET G 238 29.31 -42.02 -23.91
C MET G 238 28.61 -43.37 -23.80
N MET G 239 27.54 -43.57 -24.58
CA MET G 239 26.80 -44.82 -24.49
C MET G 239 27.66 -46.00 -24.92
N LEU G 240 28.34 -45.88 -26.06
CA LEU G 240 29.19 -46.96 -26.56
C LEU G 240 30.31 -47.29 -25.58
N GLU G 241 30.86 -46.27 -24.89
CA GLU G 241 31.90 -46.53 -23.90
C GLU G 241 31.34 -47.30 -22.72
N THR G 242 30.18 -46.90 -22.22
CA THR G 242 29.52 -47.63 -21.14
C THR G 242 29.34 -49.10 -21.49
N LEU G 243 29.04 -49.40 -22.75
CA LEU G 243 28.84 -50.78 -23.19
C LEU G 243 30.12 -51.45 -23.63
N GLY G 244 31.23 -50.71 -23.66
CA GLY G 244 32.51 -51.28 -24.04
C GLY G 244 32.64 -51.67 -25.49
N VAL G 245 31.94 -51.01 -26.40
CA VAL G 245 32.02 -51.35 -27.81
C VAL G 245 32.20 -50.09 -28.63
N THR G 246 32.63 -50.27 -29.87
CA THR G 246 32.69 -49.22 -30.87
C THR G 246 31.45 -49.29 -31.76
N GLU G 247 31.28 -48.23 -32.56
CA GLU G 247 30.16 -48.21 -33.51
C GLU G 247 30.25 -49.35 -34.51
N GLU G 248 31.46 -49.73 -34.91
CA GLU G 248 31.62 -50.72 -35.98
C GLU G 248 31.18 -52.11 -35.56
N ASN G 249 31.13 -52.41 -34.27
CA ASN G 249 30.57 -53.68 -33.81
C ASN G 249 29.69 -53.44 -32.59
N TRP G 250 28.76 -52.49 -32.71
CA TRP G 250 27.87 -52.20 -31.60
C TRP G 250 27.00 -53.39 -31.23
N ARG G 251 26.66 -54.24 -32.20
CA ARG G 251 25.82 -55.39 -31.85
C ARG G 251 26.52 -56.41 -30.98
N ASP G 252 27.84 -56.27 -30.75
CA ASP G 252 28.51 -57.09 -29.74
C ASP G 252 27.94 -56.87 -28.36
N ALA G 253 27.32 -55.72 -28.12
CA ALA G 253 26.78 -55.44 -26.80
C ALA G 253 25.43 -56.11 -26.57
N LEU G 254 24.83 -56.74 -27.59
CA LEU G 254 23.48 -57.25 -27.43
C LEU G 254 23.41 -58.37 -26.40
N THR G 255 24.50 -59.09 -26.19
CA THR G 255 24.48 -60.14 -25.17
C THR G 255 24.25 -59.53 -23.78
N GLU G 256 24.84 -58.36 -23.53
CA GLU G 256 24.67 -57.70 -22.23
C GLU G 256 23.36 -56.92 -22.16
N VAL G 257 22.98 -56.26 -23.26
CA VAL G 257 21.78 -55.42 -23.28
C VAL G 257 20.95 -55.81 -24.50
N PRO G 258 20.09 -56.83 -24.41
CA PRO G 258 19.40 -57.32 -25.63
C PRO G 258 18.51 -56.29 -26.29
N HIS G 259 17.83 -55.45 -25.51
CA HIS G 259 16.94 -54.46 -26.12
C HIS G 259 17.69 -53.31 -26.77
N PHE G 260 19.02 -53.27 -26.64
CA PHE G 260 19.82 -52.33 -27.43
C PHE G 260 19.68 -52.59 -28.92
N CYS G 261 19.01 -53.68 -29.33
CA CYS G 261 18.77 -53.97 -30.74
C CYS G 261 17.91 -52.92 -31.43
N ILE G 262 17.24 -52.03 -30.67
CA ILE G 262 16.44 -50.94 -31.24
C ILE G 262 17.27 -49.67 -31.44
N SER G 263 18.55 -49.67 -31.09
CA SER G 263 19.33 -48.44 -31.02
C SER G 263 19.56 -47.84 -32.40
N GLU G 264 19.94 -46.56 -32.39
CA GLU G 264 20.19 -45.79 -33.60
C GLU G 264 21.48 -44.99 -33.41
N SER G 265 22.13 -44.63 -34.51
CA SER G 265 23.28 -43.76 -34.36
C SER G 265 22.80 -42.33 -34.12
N PRO G 266 23.65 -41.49 -33.52
CA PRO G 266 23.27 -40.07 -33.37
C PRO G 266 22.96 -39.37 -34.68
N SER G 267 23.50 -39.84 -35.81
CA SER G 267 23.22 -39.19 -37.09
C SER G 267 21.76 -39.32 -37.52
N TYR G 268 21.03 -40.30 -36.97
CA TYR G 268 19.63 -40.48 -37.29
C TYR G 268 18.80 -39.27 -36.88
N VAL G 269 18.91 -38.87 -35.61
CA VAL G 269 18.18 -37.66 -35.20
C VAL G 269 18.76 -36.43 -35.89
N GLY G 270 20.04 -36.48 -36.26
CA GLY G 270 20.58 -35.40 -37.07
C GLY G 270 19.87 -35.26 -38.41
N ARG G 271 19.59 -36.40 -39.07
CA ARG G 271 18.84 -36.35 -40.31
C ARG G 271 17.40 -35.92 -40.07
N ALA G 272 16.85 -36.20 -38.89
CA ALA G 272 15.51 -35.70 -38.57
C ALA G 272 15.50 -34.17 -38.58
N VAL G 273 16.50 -33.55 -37.96
CA VAL G 273 16.56 -32.10 -37.98
C VAL G 273 16.75 -31.57 -39.39
N ALA G 274 17.67 -32.18 -40.16
CA ALA G 274 17.89 -31.71 -41.52
C ALA G 274 16.60 -31.80 -42.34
N ALA G 275 15.81 -32.85 -42.13
CA ALA G 275 14.55 -33.00 -42.86
C ALA G 275 13.57 -31.91 -42.48
N LEU G 276 13.47 -31.58 -41.19
CA LEU G 276 12.63 -30.47 -40.77
C LEU G 276 13.12 -29.17 -41.41
N ALA G 277 14.44 -28.92 -41.36
CA ALA G 277 15.00 -27.69 -41.90
C ALA G 277 14.77 -27.56 -43.40
N GLY G 278 14.65 -28.68 -44.12
CA GLY G 278 14.44 -28.65 -45.54
C GLY G 278 12.99 -28.68 -45.98
N ASP G 279 12.05 -28.76 -45.03
CA ASP G 279 10.64 -28.91 -45.34
C ASP G 279 10.03 -27.52 -45.51
N ALA G 280 9.66 -27.18 -46.76
CA ALA G 280 9.04 -25.90 -47.03
C ALA G 280 7.77 -25.70 -46.21
N ASP G 281 7.08 -26.78 -45.85
CA ASP G 281 5.87 -26.71 -45.05
C ASP G 281 6.11 -27.19 -43.61
N VAL G 282 7.29 -26.89 -43.05
CA VAL G 282 7.61 -27.37 -41.70
C VAL G 282 6.63 -26.83 -40.65
N ALA G 283 5.93 -25.73 -40.96
CA ALA G 283 4.96 -25.18 -40.02
C ALA G 283 3.84 -26.17 -39.68
N ARG G 284 3.65 -27.20 -40.50
CA ARG G 284 2.66 -28.22 -40.16
C ARG G 284 2.99 -28.92 -38.84
N TRP G 285 4.23 -28.84 -38.36
CA TRP G 285 4.62 -29.47 -37.10
C TRP G 285 4.56 -28.51 -35.91
N ASN G 286 4.19 -27.25 -36.13
CA ASN G 286 4.40 -26.23 -35.11
C ASN G 286 3.81 -26.65 -33.77
N GLY G 287 4.64 -26.61 -32.72
CA GLY G 287 4.16 -26.94 -31.38
C GLY G 287 4.14 -28.41 -31.04
N GLN G 288 4.42 -29.28 -31.99
CA GLN G 288 4.28 -30.70 -31.72
C GLN G 288 5.55 -31.30 -31.13
N SER G 289 5.35 -32.43 -30.47
CA SER G 289 6.42 -33.31 -30.03
C SER G 289 6.62 -34.38 -31.09
N VAL G 290 7.87 -34.58 -31.51
CA VAL G 290 8.20 -35.53 -32.56
C VAL G 290 9.40 -36.36 -32.14
N SER G 291 9.57 -37.50 -32.82
CA SER G 291 10.69 -38.40 -32.57
C SER G 291 11.44 -38.63 -33.88
N SER G 292 12.71 -39.03 -33.75
CA SER G 292 13.52 -39.32 -34.93
C SER G 292 12.88 -40.47 -35.74
N GLY G 293 12.35 -41.48 -35.05
CA GLY G 293 11.76 -42.60 -35.76
C GLY G 293 10.47 -42.22 -36.46
N GLN G 294 9.66 -41.38 -35.82
CA GLN G 294 8.46 -40.88 -36.46
C GLN G 294 8.79 -40.09 -37.71
N LEU G 295 9.81 -39.22 -37.63
CA LEU G 295 10.12 -38.38 -38.78
C LEU G 295 10.76 -39.18 -39.91
N ALA G 296 11.48 -40.25 -39.59
CA ALA G 296 12.02 -41.11 -40.64
C ALA G 296 10.89 -41.73 -41.46
N GLN G 297 9.80 -42.14 -40.80
CA GLN G 297 8.65 -42.64 -41.55
C GLN G 297 8.01 -41.53 -42.36
N GLU G 298 7.99 -40.32 -41.82
CA GLU G 298 7.35 -39.21 -42.49
C GLU G 298 8.14 -38.73 -43.69
N TYR G 299 9.47 -38.59 -43.55
CA TYR G 299 10.28 -38.00 -44.61
C TYR G 299 11.04 -39.01 -45.46
N GLY G 300 11.29 -40.21 -44.94
CA GLY G 300 11.94 -41.24 -45.71
C GLY G 300 13.44 -41.37 -45.52
N PHE G 301 14.07 -40.54 -44.69
CA PHE G 301 15.49 -40.75 -44.46
C PHE G 301 15.70 -42.05 -43.67
N THR G 302 16.96 -42.50 -43.62
CA THR G 302 17.33 -43.67 -42.84
C THR G 302 18.50 -43.33 -41.93
N ASP G 303 18.81 -44.24 -41.01
CA ASP G 303 20.08 -44.16 -40.32
C ASP G 303 21.21 -44.49 -41.30
N LEU G 304 22.45 -44.32 -40.84
CA LEU G 304 23.61 -44.56 -41.70
C LEU G 304 23.61 -45.98 -42.25
N ASP G 305 23.11 -46.96 -41.49
CA ASP G 305 23.09 -48.35 -41.92
C ASP G 305 21.86 -48.70 -42.76
N GLY G 306 21.06 -47.71 -43.15
CA GLY G 306 19.87 -47.97 -43.96
C GLY G 306 18.61 -48.33 -43.20
N SER G 307 18.66 -48.45 -41.88
CA SER G 307 17.48 -48.84 -41.12
C SER G 307 16.73 -47.61 -40.63
N ARG G 308 15.55 -47.84 -40.06
CA ARG G 308 14.70 -46.76 -39.52
C ARG G 308 14.15 -47.16 -38.16
N PRO G 309 15.00 -47.19 -37.12
CA PRO G 309 14.52 -47.59 -35.79
C PRO G 309 13.37 -46.72 -35.31
N ASP G 310 12.44 -47.35 -34.61
CA ASP G 310 11.24 -46.72 -34.05
C ASP G 310 11.23 -47.01 -32.56
N CYS G 311 12.07 -46.28 -31.83
CA CYS G 311 12.36 -46.60 -30.42
C CYS G 311 11.11 -46.54 -29.56
N TRP G 312 10.32 -45.46 -29.69
CA TRP G 312 9.25 -45.23 -28.71
C TRP G 312 8.10 -46.20 -28.91
N ARG G 313 7.85 -46.63 -30.15
CA ARG G 313 6.87 -47.69 -30.35
C ARG G 313 7.41 -49.03 -29.86
N TYR G 314 8.69 -49.31 -30.11
CA TYR G 314 9.31 -50.55 -29.62
C TYR G 314 9.26 -50.64 -28.09
N LEU G 315 9.55 -49.53 -27.40
CA LEU G 315 9.60 -49.60 -25.94
C LEU G 315 8.26 -50.04 -25.36
N VAL G 316 7.15 -49.55 -25.93
CA VAL G 316 5.83 -49.85 -25.41
C VAL G 316 5.36 -51.24 -25.87
N GLU G 317 5.52 -51.55 -27.15
CA GLU G 317 4.92 -52.75 -27.70
C GLU G 317 5.77 -54.01 -27.49
N VAL G 318 7.07 -53.87 -27.25
CA VAL G 318 7.92 -55.05 -27.07
C VAL G 318 8.45 -55.09 -25.65
N GLN G 319 9.32 -54.15 -25.30
CA GLN G 319 10.04 -54.26 -24.04
C GLN G 319 9.11 -54.14 -22.83
N GLU G 320 8.28 -53.11 -22.79
CA GLU G 320 7.43 -52.95 -21.61
C GLU G 320 6.30 -53.97 -21.58
N ALA G 321 5.98 -54.55 -22.73
CA ALA G 321 5.03 -55.65 -22.78
C ALA G 321 5.62 -56.96 -22.29
N GLY G 322 6.88 -56.98 -21.88
CA GLY G 322 7.48 -58.20 -21.41
C GLY G 322 7.88 -59.18 -22.50
N LYS G 323 7.82 -58.80 -23.75
CA LYS G 323 8.21 -59.65 -24.85
C LYS G 323 9.73 -59.71 -24.97
N PRO G 324 10.26 -60.80 -25.56
CA PRO G 324 11.71 -60.90 -25.73
C PRO G 324 12.23 -59.84 -26.69
N ALA G 325 13.48 -59.44 -26.49
CA ALA G 325 14.09 -58.46 -27.38
C ALA G 325 14.08 -59.00 -28.81
N ASP G 326 13.55 -58.19 -29.72
CA ASP G 326 13.37 -58.57 -31.12
C ASP G 326 13.03 -57.32 -31.90
N PRO G 327 13.92 -56.85 -32.77
CA PRO G 327 13.69 -55.59 -33.49
C PRO G 327 12.81 -55.73 -34.72
N SER G 328 12.33 -56.94 -35.04
CA SER G 328 11.56 -57.16 -36.26
C SER G 328 10.35 -56.24 -36.32
N GLY G 329 10.24 -55.48 -37.42
CA GLY G 329 9.14 -54.56 -37.54
C GLY G 329 9.35 -53.21 -36.89
N TYR G 330 10.49 -52.97 -36.24
CA TYR G 330 10.72 -51.72 -35.54
C TYR G 330 11.97 -50.99 -36.03
N ARG G 331 12.61 -51.48 -37.09
CA ARG G 331 13.75 -50.79 -37.67
C ARG G 331 13.94 -51.24 -39.10
N ALA H 29 -33.88 9.84 7.12
CA ALA H 29 -33.34 9.43 5.84
C ALA H 29 -33.32 7.89 5.75
N PRO H 30 -33.70 7.35 4.59
CA PRO H 30 -33.84 5.90 4.46
C PRO H 30 -32.52 5.17 4.66
N ASP H 31 -32.59 4.02 5.34
CA ASP H 31 -31.45 3.12 5.52
C ASP H 31 -31.73 1.86 4.70
N LEU H 32 -31.02 1.71 3.58
CA LEU H 32 -31.22 0.57 2.68
C LEU H 32 -30.02 -0.37 2.66
N ARG H 33 -29.16 -0.29 3.67
CA ARG H 33 -28.04 -1.22 3.71
C ARG H 33 -28.56 -2.66 3.75
N GLY H 34 -27.93 -3.53 2.98
CA GLY H 34 -28.38 -4.89 2.87
C GLY H 34 -29.49 -5.13 1.86
N LYS H 35 -30.09 -4.07 1.32
CA LYS H 35 -31.12 -4.20 0.30
C LYS H 35 -30.47 -4.40 -1.05
N ILE H 36 -31.13 -5.18 -1.91
CA ILE H 36 -30.69 -5.39 -3.29
C ILE H 36 -31.69 -4.67 -4.18
N ALA H 37 -31.19 -3.76 -5.03
CA ALA H 37 -32.03 -3.02 -5.94
C ALA H 37 -31.52 -3.22 -7.37
N LEU H 38 -32.43 -3.07 -8.34
CA LEU H 38 -32.07 -3.08 -9.76
C LEU H 38 -32.81 -1.93 -10.43
N VAL H 39 -32.07 -1.06 -11.10
CA VAL H 39 -32.65 0.02 -11.89
C VAL H 39 -32.42 -0.35 -13.35
N ALA H 40 -33.49 -0.73 -14.03
CA ALA H 40 -33.44 -1.06 -15.46
C ALA H 40 -33.51 0.23 -16.27
N GLY H 41 -32.46 0.51 -17.02
CA GLY H 41 -32.34 1.77 -17.74
C GLY H 41 -31.77 2.85 -16.85
N ALA H 42 -30.47 2.75 -16.53
CA ALA H 42 -29.88 3.59 -15.50
C ALA H 42 -28.64 4.34 -15.99
N THR H 43 -28.47 4.46 -17.30
CA THR H 43 -27.28 5.11 -17.84
C THR H 43 -27.26 6.60 -17.53
N ARG H 44 -28.41 7.25 -17.51
CA ARG H 44 -28.49 8.70 -17.38
C ARG H 44 -29.88 9.05 -16.88
N GLY H 45 -30.17 10.35 -16.82
CA GLY H 45 -31.48 10.82 -16.46
C GLY H 45 -31.94 10.38 -15.08
N ALA H 46 -33.24 10.13 -14.98
CA ALA H 46 -33.80 9.66 -13.72
C ALA H 46 -33.21 8.31 -13.32
N GLY H 47 -32.99 7.44 -14.31
CA GLY H 47 -32.50 6.10 -14.01
C GLY H 47 -31.17 6.14 -13.27
N ARG H 48 -30.20 6.90 -13.78
CA ARG H 48 -28.94 7.06 -13.06
C ARG H 48 -29.18 7.65 -11.68
N ALA H 49 -29.97 8.73 -11.61
CA ALA H 49 -30.13 9.43 -10.35
C ALA H 49 -30.84 8.56 -9.32
N ILE H 50 -31.80 7.74 -9.76
CA ILE H 50 -32.45 6.82 -8.84
C ILE H 50 -31.44 5.81 -8.31
N ALA H 51 -30.60 5.27 -9.18
CA ALA H 51 -29.57 4.33 -8.74
C ALA H 51 -28.63 4.99 -7.73
N VAL H 52 -28.21 6.22 -8.00
CA VAL H 52 -27.26 6.88 -7.10
C VAL H 52 -27.91 7.14 -5.74
N GLN H 53 -29.15 7.61 -5.73
CA GLN H 53 -29.80 7.88 -4.46
C GLN H 53 -30.07 6.60 -3.68
N LEU H 54 -30.34 5.49 -4.38
CA LEU H 54 -30.42 4.21 -3.68
C LEU H 54 -29.07 3.81 -3.10
N GLY H 55 -27.99 4.05 -3.85
CA GLY H 55 -26.66 3.81 -3.31
C GLY H 55 -26.33 4.70 -2.14
N ALA H 56 -26.75 5.98 -2.19
CA ALA H 56 -26.49 6.89 -1.08
C ALA H 56 -27.19 6.43 0.19
N ALA H 57 -28.31 5.72 0.05
CA ALA H 57 -28.95 5.13 1.22
C ALA H 57 -28.31 3.79 1.60
N GLY H 58 -27.28 3.37 0.87
CA GLY H 58 -26.50 2.21 1.24
C GLY H 58 -26.81 0.94 0.49
N ALA H 59 -27.66 0.98 -0.53
CA ALA H 59 -28.10 -0.25 -1.18
C ALA H 59 -27.04 -0.74 -2.16
N THR H 60 -27.10 -2.05 -2.45
CA THR H 60 -26.46 -2.59 -3.64
C THR H 60 -27.41 -2.41 -4.82
N VAL H 61 -26.91 -1.83 -5.93
CA VAL H 61 -27.78 -1.46 -7.05
C VAL H 61 -27.21 -2.04 -8.34
N TYR H 62 -27.94 -2.98 -8.93
CA TYR H 62 -27.70 -3.38 -10.30
C TYR H 62 -28.23 -2.32 -11.25
N VAL H 63 -27.40 -1.87 -12.18
CA VAL H 63 -27.76 -0.81 -13.11
C VAL H 63 -27.54 -1.31 -14.52
N THR H 64 -28.57 -1.18 -15.36
CA THR H 64 -28.52 -1.75 -16.70
C THR H 64 -28.76 -0.67 -17.74
N GLY H 65 -28.22 -0.92 -18.94
CA GLY H 65 -28.36 0.02 -20.04
C GLY H 65 -27.53 -0.51 -21.18
N ARG H 66 -27.70 0.12 -22.35
CA ARG H 66 -26.99 -0.31 -23.53
C ARG H 66 -25.66 0.42 -23.72
N THR H 67 -25.54 1.66 -23.26
CA THR H 67 -24.34 2.44 -23.50
C THR H 67 -23.24 1.93 -22.58
N THR H 68 -22.19 1.37 -23.17
CA THR H 68 -21.01 0.95 -22.44
C THR H 68 -19.82 1.80 -22.86
N ARG H 69 -18.68 1.55 -22.23
CA ARG H 69 -17.46 2.27 -22.60
C ARG H 69 -16.97 1.87 -23.99
N GLU H 70 -17.44 0.75 -24.54
CA GLU H 70 -16.98 0.31 -25.85
C GLU H 70 -17.78 0.91 -27.00
N ARG H 71 -19.11 0.98 -26.89
CA ARG H 71 -19.95 1.45 -27.99
C ARG H 71 -21.13 2.25 -27.46
N ARG H 72 -21.48 3.32 -28.18
CA ARG H 72 -22.65 4.12 -27.84
C ARG H 72 -23.94 3.42 -28.28
N SER H 73 -25.05 3.88 -27.70
CA SER H 73 -26.36 3.29 -27.93
C SER H 73 -27.16 4.07 -28.97
N GLU H 74 -28.37 3.57 -29.24
CA GLU H 74 -29.34 4.27 -30.09
C GLU H 74 -29.53 5.73 -29.67
N TYR H 75 -29.36 6.02 -28.38
CA TYR H 75 -29.48 7.39 -27.88
C TYR H 75 -28.37 8.31 -28.35
N ASN H 76 -27.20 7.75 -28.70
CA ASN H 76 -26.04 8.51 -29.15
C ASN H 76 -25.62 9.57 -28.13
N ARG H 77 -25.38 9.13 -26.89
CA ARG H 77 -24.87 9.98 -25.83
C ARG H 77 -23.67 9.27 -25.19
N SER H 78 -22.88 10.03 -24.42
CA SER H 78 -21.59 9.55 -23.92
C SER H 78 -21.61 9.04 -22.48
N GLU H 79 -22.63 9.34 -21.69
CA GLU H 79 -22.73 8.72 -20.36
C GLU H 79 -22.82 7.21 -20.52
N THR H 80 -22.16 6.46 -19.63
CA THR H 80 -22.11 5.01 -19.72
C THR H 80 -22.69 4.34 -18.49
N ILE H 81 -23.08 3.07 -18.66
CA ILE H 81 -23.67 2.35 -17.54
C ILE H 81 -22.62 2.03 -16.48
N GLU H 82 -21.36 1.85 -16.88
CA GLU H 82 -20.30 1.64 -15.89
C GLU H 82 -20.10 2.88 -15.04
N GLU H 83 -20.19 4.06 -15.65
CA GLU H 83 -20.04 5.28 -14.88
C GLU H 83 -21.16 5.40 -13.84
N THR H 84 -22.39 5.00 -14.19
CA THR H 84 -23.45 4.98 -13.20
C THR H 84 -23.09 4.06 -12.03
N ALA H 85 -22.59 2.86 -12.33
CA ALA H 85 -22.27 1.93 -11.26
C ALA H 85 -21.25 2.54 -10.30
N GLU H 86 -20.22 3.19 -10.84
CA GLU H 86 -19.21 3.83 -10.00
C GLU H 86 -19.81 4.97 -9.18
N LEU H 87 -20.75 5.72 -9.77
CA LEU H 87 -21.40 6.78 -9.00
C LEU H 87 -22.21 6.20 -7.85
N VAL H 88 -22.79 5.02 -8.05
CA VAL H 88 -23.52 4.36 -6.96
C VAL H 88 -22.57 4.00 -5.84
N THR H 89 -21.40 3.47 -6.19
CA THR H 89 -20.40 3.13 -5.18
C THR H 89 -19.89 4.38 -4.49
N GLU H 90 -19.53 5.41 -5.27
CA GLU H 90 -19.06 6.66 -4.69
C GLU H 90 -20.05 7.23 -3.68
N ALA H 91 -21.36 7.10 -3.96
CA ALA H 91 -22.36 7.65 -3.07
C ALA H 91 -22.50 6.89 -1.75
N GLY H 92 -21.92 5.71 -1.65
CA GLY H 92 -21.99 4.97 -0.40
C GLY H 92 -22.64 3.60 -0.51
N GLY H 93 -22.90 3.15 -1.73
CA GLY H 93 -23.48 1.83 -1.92
C GLY H 93 -22.57 0.93 -2.73
N THR H 94 -23.14 -0.04 -3.43
CA THR H 94 -22.40 -0.86 -4.38
C THR H 94 -23.16 -0.89 -5.68
N GLY H 95 -22.54 -0.35 -6.74
CA GLY H 95 -23.11 -0.42 -8.08
C GLY H 95 -22.49 -1.54 -8.88
N ILE H 96 -23.36 -2.35 -9.50
CA ILE H 96 -22.94 -3.44 -10.39
C ILE H 96 -23.55 -3.17 -11.75
N ALA H 97 -22.72 -2.85 -12.74
CA ALA H 97 -23.23 -2.57 -14.08
C ALA H 97 -23.43 -3.87 -14.85
N VAL H 98 -24.62 -4.03 -15.45
CA VAL H 98 -24.85 -5.17 -16.32
C VAL H 98 -25.37 -4.64 -17.65
N PRO H 99 -24.49 -4.44 -18.63
CA PRO H 99 -24.96 -4.01 -19.95
C PRO H 99 -26.02 -4.96 -20.47
N THR H 100 -27.15 -4.40 -20.90
CA THR H 100 -28.34 -5.18 -21.21
C THR H 100 -29.14 -4.41 -22.25
N ASP H 101 -29.58 -5.09 -23.30
CA ASP H 101 -30.64 -4.56 -24.15
C ASP H 101 -31.95 -5.12 -23.64
N HIS H 102 -32.77 -4.28 -23.03
CA HIS H 102 -34.00 -4.77 -22.41
C HIS H 102 -35.08 -5.18 -23.42
N LEU H 103 -34.83 -5.04 -24.72
CA LEU H 103 -35.70 -5.64 -25.72
C LEU H 103 -35.31 -7.07 -26.08
N VAL H 104 -34.23 -7.60 -25.50
CA VAL H 104 -33.76 -8.94 -25.87
C VAL H 104 -34.03 -9.87 -24.69
N PRO H 105 -35.05 -10.73 -24.77
CA PRO H 105 -35.42 -11.56 -23.62
C PRO H 105 -34.28 -12.37 -23.04
N GLU H 106 -33.42 -12.96 -23.88
CA GLU H 106 -32.34 -13.80 -23.35
C GLU H 106 -31.39 -12.99 -22.47
N GLN H 107 -31.12 -11.72 -22.84
CA GLN H 107 -30.25 -10.90 -21.98
C GLN H 107 -30.92 -10.56 -20.67
N VAL H 108 -32.25 -10.38 -20.67
CA VAL H 108 -32.92 -10.04 -19.42
C VAL H 108 -33.10 -11.28 -18.54
N ARG H 109 -33.30 -12.45 -19.15
CA ARG H 109 -33.26 -13.69 -18.39
C ARG H 109 -31.90 -13.87 -17.71
N ALA H 110 -30.82 -13.63 -18.44
CA ALA H 110 -29.48 -13.75 -17.86
C ALA H 110 -29.29 -12.76 -16.72
N LEU H 111 -29.79 -11.53 -16.89
CA LEU H 111 -29.70 -10.54 -15.82
C LEU H 111 -30.38 -11.06 -14.55
N ALA H 112 -31.59 -11.61 -14.69
CA ALA H 112 -32.29 -12.17 -13.54
C ALA H 112 -31.51 -13.33 -12.92
N ASP H 113 -30.95 -14.19 -13.77
CA ASP H 113 -30.13 -15.30 -13.28
C ASP H 113 -28.95 -14.77 -12.48
N ARG H 114 -28.31 -13.71 -12.96
CA ARG H 114 -27.14 -13.17 -12.28
C ARG H 114 -27.49 -12.64 -10.89
N VAL H 115 -28.59 -11.88 -10.77
CA VAL H 115 -28.94 -11.33 -9.47
C VAL H 115 -29.21 -12.46 -8.50
N ASP H 116 -29.88 -13.51 -8.98
CA ASP H 116 -30.12 -14.67 -8.13
C ASP H 116 -28.80 -15.30 -7.72
N THR H 117 -27.88 -15.47 -8.68
CA THR H 117 -26.60 -16.09 -8.40
C THR H 117 -25.80 -15.31 -7.37
N GLU H 118 -25.71 -13.99 -7.54
CA GLU H 118 -24.83 -13.19 -6.69
C GLU H 118 -25.47 -12.84 -5.35
N GLN H 119 -26.79 -12.67 -5.30
CA GLN H 119 -27.42 -12.12 -4.11
C GLN H 119 -28.51 -13.02 -3.55
N GLY H 120 -29.14 -13.83 -4.40
CA GLY H 120 -30.25 -14.64 -3.93
C GLY H 120 -31.50 -13.88 -3.54
N ARG H 121 -31.60 -12.60 -3.87
CA ARG H 121 -32.78 -11.83 -3.50
C ARG H 121 -32.82 -10.57 -4.34
N LEU H 122 -34.01 -9.98 -4.40
CA LEU H 122 -34.20 -8.70 -5.08
C LEU H 122 -35.30 -7.97 -4.32
N ASP H 123 -34.95 -6.84 -3.72
CA ASP H 123 -35.89 -6.11 -2.88
C ASP H 123 -36.62 -5.02 -3.62
N VAL H 124 -35.97 -4.38 -4.59
CA VAL H 124 -36.48 -3.19 -5.26
C VAL H 124 -36.17 -3.30 -6.75
N LEU H 125 -37.19 -3.21 -7.59
CA LEU H 125 -37.05 -3.18 -9.03
C LEU H 125 -37.60 -1.86 -9.54
N VAL H 126 -36.78 -1.11 -10.27
CA VAL H 126 -37.18 0.17 -10.86
C VAL H 126 -37.16 0.01 -12.36
N ASN H 127 -38.34 0.03 -12.99
CA ASN H 127 -38.44 -0.07 -14.45
C ASN H 127 -38.39 1.34 -15.00
N ASP H 128 -37.19 1.80 -15.32
CA ASP H 128 -37.02 3.17 -15.74
C ASP H 128 -36.92 3.34 -17.26
N VAL H 129 -36.57 2.29 -17.99
CA VAL H 129 -36.32 2.30 -19.43
C VAL H 129 -37.34 3.13 -20.20
N TRP H 130 -36.86 4.15 -20.89
CA TRP H 130 -37.70 5.00 -21.73
C TRP H 130 -37.07 5.05 -23.11
N GLY H 131 -35.96 5.78 -23.24
CA GLY H 131 -35.25 5.81 -24.51
C GLY H 131 -35.94 6.53 -25.64
N GLY H 132 -37.03 7.23 -25.38
CA GLY H 132 -37.81 7.84 -26.44
C GLY H 132 -37.67 9.33 -26.61
N GLU H 133 -36.74 9.99 -25.90
CA GLU H 133 -36.71 11.44 -25.89
C GLU H 133 -36.47 12.03 -27.27
N ARG H 134 -35.77 11.32 -28.14
CA ARG H 134 -35.47 11.81 -29.49
C ARG H 134 -36.47 11.32 -30.52
N LEU H 135 -37.43 10.48 -30.14
CA LEU H 135 -38.33 9.87 -31.11
C LEU H 135 -39.72 10.50 -31.13
N PHE H 136 -40.20 11.07 -30.02
CA PHE H 136 -41.53 11.65 -30.06
C PHE H 136 -41.46 13.03 -30.70
N GLU H 137 -42.58 13.47 -31.27
CA GLU H 137 -42.67 14.77 -31.92
C GLU H 137 -43.77 15.58 -31.27
N PHE H 138 -43.40 16.75 -30.76
CA PHE H 138 -44.37 17.56 -30.04
C PHE H 138 -45.34 18.17 -31.06
N ASP H 139 -46.62 18.26 -30.67
CA ASP H 139 -47.66 18.94 -31.46
C ASP H 139 -47.73 18.42 -32.90
N LYS H 140 -47.60 17.11 -33.08
CA LYS H 140 -47.92 16.45 -34.34
C LYS H 140 -49.09 15.50 -34.10
N LYS H 141 -50.06 15.51 -34.99
CA LYS H 141 -51.13 14.53 -34.96
C LYS H 141 -50.58 13.15 -35.34
N VAL H 142 -51.37 12.09 -35.09
CA VAL H 142 -50.83 10.75 -35.29
C VAL H 142 -50.51 10.51 -36.77
N TRP H 143 -51.24 11.16 -37.68
CA TRP H 143 -50.96 11.03 -39.11
C TRP H 143 -49.82 11.92 -39.60
N GLU H 144 -49.40 12.90 -38.81
CA GLU H 144 -48.24 13.73 -39.15
C GLU H 144 -46.96 13.17 -38.54
N HIS H 145 -47.09 12.56 -37.37
CA HIS H 145 -45.96 11.95 -36.67
C HIS H 145 -45.29 10.90 -37.56
N ASP H 146 -43.95 10.87 -37.53
CA ASP H 146 -43.25 9.77 -38.20
C ASP H 146 -43.68 8.44 -37.59
N LEU H 147 -44.11 7.52 -38.44
CA LEU H 147 -44.70 6.28 -37.94
C LEU H 147 -43.63 5.36 -37.34
N ASP H 148 -42.52 5.19 -38.04
CA ASP H 148 -41.48 4.28 -37.56
C ASP H 148 -40.97 4.71 -36.20
N ALA H 149 -40.72 6.01 -36.01
CA ALA H 149 -40.28 6.50 -34.71
C ALA H 149 -41.35 6.27 -33.64
N GLY H 150 -42.61 6.49 -34.00
CA GLY H 150 -43.69 6.28 -33.04
C GLY H 150 -43.80 4.82 -32.61
N LEU H 151 -43.71 3.90 -33.56
CA LEU H 151 -43.75 2.47 -33.20
C LEU H 151 -42.54 2.09 -32.37
N ARG H 152 -41.37 2.62 -32.71
CA ARG H 152 -40.15 2.29 -31.96
C ARG H 152 -40.24 2.78 -30.52
N LEU H 153 -40.74 4.00 -30.33
CA LEU H 153 -40.82 4.56 -29.00
C LEU H 153 -41.81 3.79 -28.13
N MET H 154 -42.89 3.28 -28.71
CA MET H 154 -43.80 2.46 -27.91
C MET H 154 -43.17 1.11 -27.58
N ARG H 155 -42.43 0.53 -28.52
CA ARG H 155 -41.74 -0.71 -28.22
C ARG H 155 -40.71 -0.50 -27.11
N LEU H 156 -39.93 0.58 -27.21
CA LEU H 156 -38.92 0.86 -26.18
C LEU H 156 -39.56 1.19 -24.84
N GLY H 157 -40.69 1.91 -24.85
CA GLY H 157 -41.28 2.39 -23.61
C GLY H 157 -42.17 1.40 -22.89
N VAL H 158 -42.69 0.38 -23.58
CA VAL H 158 -43.64 -0.57 -23.01
C VAL H 158 -43.04 -1.97 -22.92
N ASP H 159 -42.56 -2.50 -24.05
CA ASP H 159 -42.09 -3.88 -24.07
C ASP H 159 -40.92 -4.10 -23.12
N THR H 160 -40.06 -3.10 -22.97
CA THR H 160 -38.93 -3.27 -22.06
C THR H 160 -39.41 -3.50 -20.63
N HIS H 161 -40.48 -2.82 -20.22
CA HIS H 161 -41.00 -3.00 -18.87
C HIS H 161 -41.67 -4.37 -18.72
N ALA H 162 -42.39 -4.82 -19.74
CA ALA H 162 -43.02 -6.13 -19.70
C ALA H 162 -41.97 -7.24 -19.58
N ILE H 163 -40.92 -7.15 -20.39
CA ILE H 163 -39.86 -8.16 -20.37
C ILE H 163 -39.15 -8.15 -19.02
N SER H 164 -38.86 -6.96 -18.50
CA SER H 164 -38.20 -6.86 -17.19
C SER H 164 -39.05 -7.50 -16.08
N SER H 165 -40.33 -7.14 -16.01
CA SER H 165 -41.19 -7.71 -14.98
C SER H 165 -41.33 -9.21 -15.15
N HIS H 166 -41.46 -9.67 -16.41
CA HIS H 166 -41.60 -11.11 -16.66
C HIS H 166 -40.44 -11.91 -16.07
N PHE H 167 -39.21 -11.40 -16.21
CA PHE H 167 -38.04 -12.18 -15.82
C PHE H 167 -37.54 -11.89 -14.41
N LEU H 168 -37.77 -10.69 -13.89
CA LEU H 168 -37.20 -10.32 -12.60
C LEU H 168 -38.18 -10.42 -11.44
N LEU H 169 -39.48 -10.43 -11.70
CA LEU H 169 -40.41 -10.51 -10.56
C LEU H 169 -40.38 -11.85 -9.82
N PRO H 170 -40.09 -13.01 -10.47
CA PRO H 170 -40.03 -14.25 -9.67
C PRO H 170 -39.10 -14.13 -8.47
N LEU H 171 -37.90 -13.58 -8.67
CA LEU H 171 -37.01 -13.37 -7.54
C LEU H 171 -37.61 -12.39 -6.53
N LEU H 172 -38.27 -11.35 -7.03
CA LEU H 172 -38.77 -10.32 -6.10
C LEU H 172 -39.90 -10.85 -5.23
N VAL H 173 -40.72 -11.78 -5.73
CA VAL H 173 -41.85 -12.28 -4.94
C VAL H 173 -41.43 -13.50 -4.13
N ARG H 174 -40.14 -13.86 -4.17
CA ARG H 174 -39.69 -15.02 -3.42
C ARG H 174 -39.93 -14.85 -1.91
N ARG H 175 -39.91 -13.61 -1.43
CA ARG H 175 -40.22 -13.26 -0.04
C ARG H 175 -41.08 -12.00 -0.05
N PRO H 176 -41.88 -11.81 1.00
CA PRO H 176 -42.70 -10.60 1.08
C PRO H 176 -41.84 -9.35 1.27
N GLY H 177 -42.43 -8.21 0.92
CA GLY H 177 -41.76 -6.94 1.09
C GLY H 177 -41.09 -6.37 -0.16
N GLY H 178 -41.22 -7.02 -1.31
CA GLY H 178 -40.63 -6.48 -2.52
C GLY H 178 -41.35 -5.22 -2.99
N LEU H 179 -40.63 -4.41 -3.76
CA LEU H 179 -41.17 -3.16 -4.29
C LEU H 179 -40.81 -3.01 -5.76
N VAL H 180 -41.80 -2.73 -6.59
CA VAL H 180 -41.60 -2.40 -8.00
C VAL H 180 -42.02 -0.95 -8.21
N VAL H 181 -41.16 -0.18 -8.85
CA VAL H 181 -41.48 1.21 -9.21
C VAL H 181 -41.49 1.33 -10.72
N GLU H 182 -42.66 1.63 -11.29
CA GLU H 182 -42.78 1.89 -12.71
C GLU H 182 -42.62 3.40 -12.97
N MET H 183 -41.68 3.77 -13.83
CA MET H 183 -41.38 5.19 -14.07
C MET H 183 -42.15 5.69 -15.29
N THR H 184 -42.90 6.78 -15.12
CA THR H 184 -43.66 7.34 -16.23
C THR H 184 -43.52 8.86 -16.19
N ASP H 185 -44.30 9.54 -17.03
CA ASP H 185 -44.37 10.99 -17.07
C ASP H 185 -45.83 11.37 -16.80
N GLY H 186 -46.07 12.02 -15.66
CA GLY H 186 -47.40 12.45 -15.27
C GLY H 186 -48.01 11.55 -14.20
N THR H 187 -48.99 12.10 -13.49
CA THR H 187 -49.78 11.31 -12.57
C THR H 187 -51.06 10.84 -13.28
N ALA H 188 -51.74 9.86 -12.69
CA ALA H 188 -53.02 9.45 -13.24
C ALA H 188 -54.01 10.62 -13.26
N ALA H 189 -54.00 11.46 -12.23
CA ALA H 189 -54.91 12.60 -12.18
C ALA H 189 -54.61 13.59 -13.30
N TYR H 190 -53.34 13.96 -13.47
CA TYR H 190 -52.99 14.89 -14.53
C TYR H 190 -53.22 14.26 -15.91
N ASN H 191 -52.69 13.06 -16.13
CA ASN H 191 -52.82 12.47 -17.47
C ASN H 191 -54.27 12.16 -17.80
N GLY H 192 -55.09 11.85 -16.78
CA GLY H 192 -56.49 11.60 -17.05
C GLY H 192 -57.23 12.76 -17.69
N SER H 193 -56.71 13.99 -17.53
CA SER H 193 -57.38 15.15 -18.08
C SER H 193 -56.50 15.94 -19.06
N HIS H 194 -55.33 15.41 -19.45
CA HIS H 194 -54.44 16.10 -20.35
C HIS H 194 -53.93 15.15 -21.43
N TYR H 195 -54.10 15.54 -22.69
CA TYR H 195 -53.35 14.94 -23.79
C TYR H 195 -51.86 15.23 -23.62
N ARG H 196 -51.01 14.19 -23.69
CA ARG H 196 -49.59 14.33 -23.36
C ARG H 196 -48.71 14.29 -24.62
N ASN H 197 -48.35 15.47 -25.13
CA ASN H 197 -47.37 15.68 -26.20
C ASN H 197 -47.83 15.21 -27.58
N SER H 198 -48.08 13.92 -27.75
CA SER H 198 -48.50 13.38 -29.04
C SER H 198 -48.91 11.94 -28.81
N TYR H 199 -49.46 11.32 -29.86
CA TYR H 199 -50.17 10.06 -29.73
C TYR H 199 -49.32 8.97 -29.09
N PHE H 200 -48.12 8.74 -29.63
CA PHE H 200 -47.32 7.60 -29.17
C PHE H 200 -46.77 7.82 -27.78
N TYR H 201 -46.21 9.00 -27.55
CA TYR H 201 -45.75 9.39 -26.21
C TYR H 201 -46.86 9.18 -25.18
N ASP H 202 -48.06 9.67 -25.49
CA ASP H 202 -49.18 9.61 -24.56
C ASP H 202 -49.54 8.16 -24.25
N LEU H 203 -49.56 7.29 -25.27
CA LEU H 203 -49.92 5.90 -25.00
C LEU H 203 -48.91 5.24 -24.07
N VAL H 204 -47.62 5.52 -24.25
CA VAL H 204 -46.61 4.92 -23.38
C VAL H 204 -46.82 5.35 -21.93
N LYS H 205 -46.92 6.66 -21.71
CA LYS H 205 -46.99 7.13 -20.33
C LYS H 205 -48.23 6.61 -19.63
N ASN H 206 -49.32 6.44 -20.37
CA ASN H 206 -50.52 5.95 -19.74
C ASN H 206 -50.53 4.43 -19.60
N SER H 207 -49.83 3.70 -20.49
CA SER H 207 -49.65 2.26 -20.25
C SER H 207 -48.81 2.01 -19.00
N VAL H 208 -47.77 2.83 -18.78
CA VAL H 208 -46.94 2.60 -17.60
C VAL H 208 -47.73 2.88 -16.32
N LEU H 209 -48.62 3.89 -16.35
CA LEU H 209 -49.55 4.08 -15.24
C LEU H 209 -50.38 2.82 -14.99
N ARG H 210 -50.90 2.21 -16.07
CA ARG H 210 -51.71 1.00 -15.90
C ARG H 210 -50.87 -0.18 -15.39
N MET H 211 -49.60 -0.25 -15.80
CA MET H 211 -48.73 -1.32 -15.31
C MET H 211 -48.64 -1.32 -13.78
N GLY H 212 -48.55 -0.14 -13.17
CA GLY H 212 -48.51 -0.09 -11.71
C GLY H 212 -49.75 -0.70 -11.08
N TYR H 213 -50.92 -0.41 -11.65
CA TYR H 213 -52.17 -0.98 -11.17
C TYR H 213 -52.22 -2.49 -11.38
N VAL H 214 -51.80 -2.95 -12.56
CA VAL H 214 -51.86 -4.36 -12.89
C VAL H 214 -50.91 -5.16 -12.01
N LEU H 215 -49.67 -4.68 -11.86
CA LEU H 215 -48.69 -5.40 -11.07
C LEU H 215 -49.04 -5.37 -9.58
N ALA H 216 -49.70 -4.30 -9.13
CA ALA H 216 -50.14 -4.27 -7.74
C ALA H 216 -51.07 -5.43 -7.44
N HIS H 217 -51.97 -5.74 -8.38
CA HIS H 217 -52.87 -6.87 -8.22
C HIS H 217 -52.09 -8.18 -8.18
N GLU H 218 -51.09 -8.33 -9.05
CA GLU H 218 -50.36 -9.60 -9.14
C GLU H 218 -49.41 -9.81 -7.98
N LEU H 219 -48.89 -8.72 -7.39
CA LEU H 219 -47.89 -8.83 -6.34
C LEU H 219 -48.47 -8.89 -4.95
N GLU H 220 -49.68 -8.36 -4.74
CA GLU H 220 -50.24 -8.31 -3.39
C GLU H 220 -50.32 -9.68 -2.72
N PRO H 221 -50.71 -10.77 -3.39
CA PRO H 221 -50.69 -12.08 -2.72
C PRO H 221 -49.31 -12.52 -2.23
N TYR H 222 -48.23 -11.94 -2.78
CA TYR H 222 -46.88 -12.29 -2.38
C TYR H 222 -46.29 -11.30 -1.38
N GLY H 223 -47.08 -10.36 -0.91
CA GLY H 223 -46.54 -9.29 -0.09
C GLY H 223 -45.71 -8.28 -0.85
N GLY H 224 -45.87 -8.21 -2.16
CA GLY H 224 -45.17 -7.22 -2.96
C GLY H 224 -46.01 -5.99 -3.21
N THR H 225 -45.33 -4.89 -3.52
CA THR H 225 -45.98 -3.61 -3.76
C THR H 225 -45.52 -3.06 -5.10
N ALA H 226 -46.46 -2.49 -5.85
CA ALA H 226 -46.12 -1.76 -7.06
C ALA H 226 -46.72 -0.37 -7.01
N VAL H 227 -45.93 0.62 -7.45
CA VAL H 227 -46.38 1.99 -7.63
C VAL H 227 -45.91 2.45 -9.00
N THR H 228 -46.62 3.42 -9.56
CA THR H 228 -46.12 4.15 -10.72
C THR H 228 -45.73 5.56 -10.27
N LEU H 229 -44.51 5.97 -10.62
CA LEU H 229 -43.92 7.20 -10.13
C LEU H 229 -43.53 8.10 -11.29
N THR H 230 -43.85 9.40 -11.18
CA THR H 230 -43.33 10.35 -12.15
C THR H 230 -42.43 11.38 -11.47
N PRO H 231 -41.36 11.80 -12.12
CA PRO H 231 -40.66 13.01 -11.69
C PRO H 231 -41.46 14.24 -12.09
N GLY H 232 -40.95 15.40 -11.71
CA GLY H 232 -41.47 16.66 -12.22
C GLY H 232 -40.69 17.09 -13.45
N TRP H 233 -40.39 18.38 -13.57
CA TRP H 233 -39.59 18.87 -14.70
C TRP H 233 -38.13 18.73 -14.32
N MET H 234 -37.47 17.70 -14.86
CA MET H 234 -36.14 17.28 -14.40
C MET H 234 -35.04 18.04 -15.10
N ARG H 235 -34.05 18.50 -14.33
CA ARG H 235 -32.84 19.08 -14.90
C ARG H 235 -31.89 17.93 -15.27
N SER H 236 -32.33 17.13 -16.23
CA SER H 236 -31.51 16.04 -16.73
C SER H 236 -30.34 16.60 -17.54
N GLU H 237 -29.40 15.71 -17.83
CA GLU H 237 -28.26 16.07 -18.68
C GLU H 237 -28.74 16.60 -20.03
N MET H 238 -29.67 15.88 -20.68
CA MET H 238 -30.19 16.35 -21.96
C MET H 238 -30.89 17.69 -21.82
N MET H 239 -31.67 17.88 -20.75
CA MET H 239 -32.43 19.12 -20.58
C MET H 239 -31.49 20.30 -20.38
N LEU H 240 -30.52 20.17 -19.46
CA LEU H 240 -29.56 21.26 -19.24
C LEU H 240 -28.79 21.59 -20.50
N GLU H 241 -28.45 20.58 -21.30
CA GLU H 241 -27.73 20.85 -22.55
C GLU H 241 -28.61 21.59 -23.55
N THR H 242 -29.87 21.18 -23.67
CA THR H 242 -30.80 21.88 -24.56
C THR H 242 -30.92 23.37 -24.21
N LEU H 243 -30.87 23.71 -22.92
CA LEU H 243 -31.02 25.09 -22.46
C LEU H 243 -29.69 25.83 -22.37
N GLY H 244 -28.57 25.17 -22.65
CA GLY H 244 -27.28 25.83 -22.63
C GLY H 244 -26.77 26.24 -21.27
N VAL H 245 -27.16 25.53 -20.21
CA VAL H 245 -26.69 25.86 -18.88
C VAL H 245 -26.24 24.57 -18.19
N THR H 246 -25.46 24.74 -17.13
CA THR H 246 -25.12 23.66 -16.23
C THR H 246 -25.99 23.71 -14.99
N GLU H 247 -25.89 22.65 -14.17
CA GLU H 247 -26.65 22.64 -12.93
C GLU H 247 -26.27 23.81 -12.01
N GLU H 248 -24.99 24.25 -11.99
CA GLU H 248 -24.64 25.29 -11.03
C GLU H 248 -25.30 26.62 -11.38
N ASN H 249 -25.63 26.84 -12.62
CA ASN H 249 -26.19 28.12 -13.07
C ASN H 249 -27.51 27.90 -13.81
N TRP H 250 -28.33 26.95 -13.35
CA TRP H 250 -29.50 26.59 -14.14
C TRP H 250 -30.51 27.73 -14.23
N ARG H 251 -30.60 28.58 -13.20
CA ARG H 251 -31.57 29.67 -13.30
C ARG H 251 -31.20 30.71 -14.36
N ASP H 252 -30.00 30.62 -14.95
CA ASP H 252 -29.69 31.44 -16.10
C ASP H 252 -30.64 31.18 -17.26
N ALA H 253 -31.27 30.00 -17.32
CA ALA H 253 -32.19 29.69 -18.40
C ALA H 253 -33.58 30.28 -18.21
N LEU H 254 -33.87 30.87 -17.05
CA LEU H 254 -35.25 31.29 -16.80
C LEU H 254 -35.68 32.41 -17.74
N THR H 255 -34.74 33.19 -18.27
CA THR H 255 -35.13 34.23 -19.21
C THR H 255 -35.75 33.62 -20.46
N GLU H 256 -35.21 32.47 -20.91
CA GLU H 256 -35.72 31.82 -22.11
C GLU H 256 -36.95 30.98 -21.80
N VAL H 257 -36.95 30.29 -20.65
CA VAL H 257 -38.01 29.38 -20.27
C VAL H 257 -38.45 29.76 -18.85
N PRO H 258 -39.35 30.73 -18.68
CA PRO H 258 -39.65 31.20 -17.32
C PRO H 258 -40.26 30.13 -16.43
N HIS H 259 -41.13 29.27 -16.96
CA HIS H 259 -41.75 28.26 -16.12
C HIS H 259 -40.81 27.16 -15.72
N PHE H 260 -39.57 27.17 -16.21
CA PHE H 260 -38.53 26.27 -15.71
C PHE H 260 -38.22 26.54 -14.24
N CYS H 261 -38.79 27.62 -13.66
CA CYS H 261 -38.60 27.89 -12.24
C CYS H 261 -39.20 26.81 -11.34
N ILE H 262 -40.01 25.89 -11.87
CA ILE H 262 -40.56 24.77 -11.09
C ILE H 262 -39.66 23.53 -11.15
N SER H 263 -38.55 23.57 -11.87
CA SER H 263 -37.79 22.37 -12.18
C SER H 263 -37.10 21.79 -10.93
N GLU H 264 -36.69 20.53 -11.04
CA GLU H 264 -36.05 19.78 -9.96
C GLU H 264 -34.84 19.04 -10.51
N SER H 265 -33.89 18.73 -9.65
CA SER H 265 -32.78 17.91 -10.15
C SER H 265 -33.24 16.45 -10.23
N PRO H 266 -32.59 15.64 -11.05
CA PRO H 266 -32.93 14.21 -11.10
C PRO H 266 -32.82 13.51 -9.75
N SER H 267 -31.98 14.01 -8.84
CA SER H 267 -31.86 13.39 -7.53
C SER H 267 -33.14 13.46 -6.70
N TYR H 268 -34.03 14.40 -7.02
CA TYR H 268 -35.29 14.51 -6.28
C TYR H 268 -36.14 13.25 -6.46
N VAL H 269 -36.35 12.83 -7.71
CA VAL H 269 -37.13 11.61 -7.90
C VAL H 269 -36.36 10.39 -7.38
N GLY H 270 -35.02 10.44 -7.42
CA GLY H 270 -34.26 9.38 -6.80
C GLY H 270 -34.52 9.27 -5.31
N ARG H 271 -34.59 10.41 -4.62
CA ARG H 271 -34.92 10.37 -3.20
C ARG H 271 -36.34 9.88 -2.95
N ALA H 272 -37.26 10.15 -3.89
CA ALA H 272 -38.61 9.61 -3.76
C ALA H 272 -38.58 8.07 -3.78
N VAL H 273 -37.81 7.49 -4.69
CA VAL H 273 -37.70 6.03 -4.73
C VAL H 273 -37.07 5.50 -3.44
N ALA H 274 -35.98 6.13 -3.00
CA ALA H 274 -35.34 5.70 -1.76
C ALA H 274 -36.32 5.79 -0.59
N ALA H 275 -37.19 6.79 -0.58
CA ALA H 275 -38.16 6.92 0.50
C ALA H 275 -39.18 5.79 0.48
N LEU H 276 -39.66 5.42 -0.71
CA LEU H 276 -40.54 4.26 -0.81
C LEU H 276 -39.83 2.99 -0.36
N ALA H 277 -38.60 2.78 -0.83
CA ALA H 277 -37.86 1.58 -0.49
C ALA H 277 -37.59 1.47 1.01
N GLY H 278 -37.52 2.61 1.71
CA GLY H 278 -37.27 2.60 3.15
C GLY H 278 -38.51 2.58 4.00
N ASP H 279 -39.69 2.61 3.40
CA ASP H 279 -40.95 2.70 4.13
C ASP H 279 -41.40 1.29 4.48
N ALA H 280 -41.40 0.95 5.77
CA ALA H 280 -41.84 -0.37 6.19
C ALA H 280 -43.29 -0.62 5.80
N ASP H 281 -44.09 0.43 5.69
CA ASP H 281 -45.49 0.30 5.32
C ASP H 281 -45.73 0.77 3.88
N VAL H 282 -44.78 0.49 2.98
CA VAL H 282 -44.91 0.96 1.61
C VAL H 282 -46.14 0.38 0.92
N ALA H 283 -46.65 -0.75 1.42
CA ALA H 283 -47.85 -1.35 0.82
C ALA H 283 -49.05 -0.41 0.84
N ARG H 284 -49.04 0.63 1.68
CA ARG H 284 -50.12 1.61 1.66
C ARG H 284 -50.25 2.32 0.32
N TRP H 285 -49.21 2.29 -0.52
CA TRP H 285 -49.25 2.92 -1.83
C TRP H 285 -49.64 1.97 -2.96
N ASN H 286 -49.88 0.69 -2.67
CA ASN H 286 -49.94 -0.34 -3.71
C ASN H 286 -50.91 0.05 -4.82
N GLY H 287 -50.42 0.02 -6.06
CA GLY H 287 -51.27 0.30 -7.21
C GLY H 287 -51.45 1.75 -7.53
N GLN H 288 -50.93 2.66 -6.70
CA GLN H 288 -51.20 4.06 -6.92
C GLN H 288 -50.20 4.70 -7.87
N SER H 289 -50.63 5.81 -8.45
CA SER H 289 -49.79 6.74 -9.18
C SER H 289 -49.33 7.84 -8.22
N VAL H 290 -48.04 8.08 -8.18
CA VAL H 290 -47.45 9.08 -7.28
C VAL H 290 -46.46 9.93 -8.06
N SER H 291 -46.12 11.09 -7.48
CA SER H 291 -45.14 12.00 -8.07
C SER H 291 -44.05 12.30 -7.04
N SER H 292 -42.90 12.74 -7.55
CA SER H 292 -41.79 13.11 -6.67
C SER H 292 -42.19 14.23 -5.72
N GLY H 293 -42.95 15.21 -6.21
CA GLY H 293 -43.36 16.31 -5.35
C GLY H 293 -44.35 15.89 -4.28
N GLN H 294 -45.28 15.00 -4.63
CA GLN H 294 -46.20 14.46 -3.64
C GLN H 294 -45.44 13.69 -2.56
N LEU H 295 -44.46 12.88 -2.95
CA LEU H 295 -43.75 12.06 -1.97
C LEU H 295 -42.82 12.90 -1.10
N ALA H 296 -42.30 14.00 -1.64
CA ALA H 296 -41.49 14.89 -0.81
C ALA H 296 -42.32 15.50 0.33
N GLN H 297 -43.56 15.89 0.04
CA GLN H 297 -44.43 16.37 1.11
C GLN H 297 -44.76 15.24 2.08
N GLU H 298 -44.90 14.02 1.56
CA GLU H 298 -45.29 12.89 2.39
C GLU H 298 -44.17 12.44 3.33
N TYR H 299 -42.94 12.35 2.81
CA TYR H 299 -41.84 11.78 3.57
C TYR H 299 -40.90 12.83 4.15
N GLY H 300 -40.89 14.04 3.60
CA GLY H 300 -40.07 15.11 4.13
C GLY H 300 -38.71 15.29 3.50
N PHE H 301 -38.33 14.46 2.52
CA PHE H 301 -37.07 14.73 1.85
C PHE H 301 -37.18 16.01 1.02
N THR H 302 -36.02 16.51 0.58
CA THR H 302 -35.97 17.69 -0.27
C THR H 302 -35.12 17.37 -1.49
N ASP H 303 -35.15 18.27 -2.47
CA ASP H 303 -34.14 18.21 -3.51
C ASP H 303 -32.78 18.57 -2.89
N LEU H 304 -31.72 18.46 -3.70
CA LEU H 304 -30.38 18.76 -3.21
C LEU H 304 -30.26 20.20 -2.70
N ASP H 305 -31.00 21.13 -3.28
CA ASP H 305 -30.94 22.53 -2.88
C ASP H 305 -31.86 22.85 -1.72
N GLY H 306 -32.44 21.84 -1.09
CA GLY H 306 -33.32 22.08 0.03
C GLY H 306 -34.76 22.40 -0.31
N SER H 307 -35.12 22.49 -1.59
CA SER H 307 -36.49 22.83 -1.96
C SER H 307 -37.33 21.57 -2.20
N ARG H 308 -38.63 21.76 -2.39
CA ARG H 308 -39.55 20.65 -2.67
C ARG H 308 -40.49 21.03 -3.80
N PRO H 309 -39.99 21.08 -5.04
CA PRO H 309 -40.84 21.43 -6.18
C PRO H 309 -42.06 20.52 -6.26
N ASP H 310 -43.19 21.10 -6.66
CA ASP H 310 -44.48 20.41 -6.82
C ASP H 310 -44.94 20.69 -8.25
N CYS H 311 -44.33 19.97 -9.21
CA CYS H 311 -44.48 20.29 -10.62
C CYS H 311 -45.94 20.20 -11.09
N TRP H 312 -46.63 19.11 -10.74
CA TRP H 312 -47.93 18.84 -11.37
C TRP H 312 -49.04 19.74 -10.83
N ARG H 313 -48.95 20.16 -9.58
CA ARG H 313 -49.86 21.18 -9.08
C ARG H 313 -49.53 22.54 -9.70
N TYR H 314 -48.24 22.86 -9.83
CA TYR H 314 -47.84 24.11 -10.47
C TYR H 314 -48.34 24.20 -11.91
N LEU H 315 -48.24 23.10 -12.66
CA LEU H 315 -48.63 23.13 -14.06
C LEU H 315 -50.10 23.51 -14.21
N VAL H 316 -50.95 22.99 -13.33
CA VAL H 316 -52.38 23.23 -13.43
C VAL H 316 -52.73 24.62 -12.87
N GLU H 317 -52.18 24.97 -11.72
CA GLU H 317 -52.62 26.17 -11.00
C GLU H 317 -51.93 27.44 -11.46
N VAL H 318 -50.75 27.35 -12.08
CA VAL H 318 -50.02 28.53 -12.52
C VAL H 318 -49.97 28.57 -14.03
N GLN H 319 -49.22 27.63 -14.65
CA GLN H 319 -48.94 27.77 -16.07
C GLN H 319 -50.18 27.60 -16.93
N GLU H 320 -50.93 26.51 -16.72
CA GLU H 320 -52.10 26.30 -17.55
C GLU H 320 -53.21 27.28 -17.20
N ALA H 321 -53.17 27.88 -16.02
CA ALA H 321 -54.11 28.93 -15.68
C ALA H 321 -53.75 30.26 -16.35
N GLY H 322 -52.65 30.32 -17.08
CA GLY H 322 -52.26 31.55 -17.73
C GLY H 322 -51.58 32.56 -16.83
N LYS H 323 -51.25 32.20 -15.60
CA LYS H 323 -50.56 33.12 -14.70
C LYS H 323 -49.08 33.22 -15.05
N PRO H 324 -48.43 34.34 -14.72
CA PRO H 324 -47.00 34.47 -15.00
C PRO H 324 -46.22 33.46 -14.17
N ALA H 325 -45.10 33.03 -14.71
CA ALA H 325 -44.26 32.08 -13.99
C ALA H 325 -43.84 32.67 -12.65
N ASP H 326 -44.06 31.89 -11.60
CA ASP H 326 -43.81 32.31 -10.22
C ASP H 326 -43.84 31.05 -9.37
N PRO H 327 -42.69 30.63 -8.83
CA PRO H 327 -42.65 29.37 -8.08
C PRO H 327 -43.13 29.47 -6.64
N SER H 328 -43.53 30.67 -6.20
CA SER H 328 -43.93 30.87 -4.81
C SER H 328 -45.04 29.92 -4.42
N GLY H 329 -44.84 29.17 -3.33
CA GLY H 329 -45.82 28.21 -2.88
C GLY H 329 -45.76 26.84 -3.55
N TYR H 330 -44.86 26.65 -4.51
CA TYR H 330 -44.79 25.38 -5.24
C TYR H 330 -43.42 24.72 -5.13
N ARG H 331 -42.51 25.27 -4.35
CA ARG H 331 -41.22 24.63 -4.13
C ARG H 331 -40.59 25.12 -2.83
#